data_1BOZ
# 
_entry.id   1BOZ 
# 
_audit_conform.dict_name       mmcif_pdbx.dic 
_audit_conform.dict_version    5.392 
_audit_conform.dict_location   http://mmcif.pdb.org/dictionaries/ascii/mmcif_pdbx.dic 
# 
loop_
_database_2.database_id 
_database_2.database_code 
_database_2.pdbx_database_accession 
_database_2.pdbx_DOI 
PDB   1BOZ         pdb_00001boz 10.2210/pdb1boz/pdb 
RCSB  RCSB008015   ?            ?                   
WWPDB D_1000008015 ?            ?                   
# 
loop_
_pdbx_audit_revision_history.ordinal 
_pdbx_audit_revision_history.data_content_type 
_pdbx_audit_revision_history.major_revision 
_pdbx_audit_revision_history.minor_revision 
_pdbx_audit_revision_history.revision_date 
1 'Structure model' 1 0 1998-08-12 
2 'Structure model' 1 1 2008-04-27 
3 'Structure model' 1 2 2011-07-13 
4 'Structure model' 1 3 2017-10-04 
5 'Structure model' 1 4 2022-12-21 
6 'Structure model' 1 5 2024-05-22 
# 
_pdbx_audit_revision_details.ordinal             1 
_pdbx_audit_revision_details.revision_ordinal    1 
_pdbx_audit_revision_details.data_content_type   'Structure model' 
_pdbx_audit_revision_details.provider            repository 
_pdbx_audit_revision_details.type                'Initial release' 
_pdbx_audit_revision_details.description         ? 
_pdbx_audit_revision_details.details             ? 
# 
loop_
_pdbx_audit_revision_group.ordinal 
_pdbx_audit_revision_group.revision_ordinal 
_pdbx_audit_revision_group.data_content_type 
_pdbx_audit_revision_group.group 
1 2 'Structure model' 'Version format compliance' 
2 3 'Structure model' 'Version format compliance' 
3 4 'Structure model' 'Refinement description'    
4 5 'Structure model' 'Database references'       
5 5 'Structure model' 'Derived calculations'      
6 6 'Structure model' 'Data collection'           
# 
loop_
_pdbx_audit_revision_category.ordinal 
_pdbx_audit_revision_category.revision_ordinal 
_pdbx_audit_revision_category.data_content_type 
_pdbx_audit_revision_category.category 
1 4 'Structure model' software           
2 5 'Structure model' database_2         
3 5 'Structure model' struct_ref_seq_dif 
4 5 'Structure model' struct_site        
5 6 'Structure model' chem_comp_atom     
6 6 'Structure model' chem_comp_bond     
# 
loop_
_pdbx_audit_revision_item.ordinal 
_pdbx_audit_revision_item.revision_ordinal 
_pdbx_audit_revision_item.data_content_type 
_pdbx_audit_revision_item.item 
1 5 'Structure model' '_database_2.pdbx_DOI'                
2 5 'Structure model' '_database_2.pdbx_database_accession' 
3 5 'Structure model' '_struct_ref_seq_dif.details'         
4 5 'Structure model' '_struct_site.pdbx_auth_asym_id'      
5 5 'Structure model' '_struct_site.pdbx_auth_comp_id'      
6 5 'Structure model' '_struct_site.pdbx_auth_seq_id'       
# 
_pdbx_database_status.status_code                     REL 
_pdbx_database_status.entry_id                        1BOZ 
_pdbx_database_status.recvd_initial_deposition_date   1998-08-06 
_pdbx_database_status.deposit_site                    BNL 
_pdbx_database_status.process_site                    RCSB 
_pdbx_database_status.SG_entry                        . 
_pdbx_database_status.pdb_format_compatible           Y 
_pdbx_database_status.status_code_mr                  ? 
_pdbx_database_status.status_code_sf                  ? 
_pdbx_database_status.status_code_cs                  ? 
_pdbx_database_status.methods_development_category    ? 
_pdbx_database_status.status_code_nmr_data            ? 
# 
loop_
_audit_author.name 
_audit_author.pdbx_ordinal 
'Gangjee, A.'   1  
'Vidwans, A.P.' 2  
'Vasudevan, A.' 3  
'Queener, S.F.' 4  
'Kisliuk, R.L.' 5  
'Cody, V.'      6  
'Li, R.'        7  
'Galitsky, N.'  8  
'Luft, J.R.'    9  
'Pangborn, W.'  10 
# 
loop_
_citation.id 
_citation.title 
_citation.journal_abbrev 
_citation.journal_volume 
_citation.page_first 
_citation.page_last 
_citation.year 
_citation.journal_id_ASTM 
_citation.country 
_citation.journal_id_ISSN 
_citation.journal_id_CSD 
_citation.book_publisher 
_citation.pdbx_database_id_PubMed 
_citation.pdbx_database_id_DOI 
primary 
;Structure-based design and synthesis of lipophilic 2,4-diamino-6-substituted quinazolines and their evaluation as inhibitors of dihydrofolate reductases and potential antitumor agents.
;
J.Med.Chem.                41 3426  3434 1998 JMCMAR US 0022-2623 0151 ? 9719595 10.1021/jm980081y 
1       
;Comparison of Ternary Complexes of Pneumocystis carinii and Wild-Type Human Dihydrofolate Reductase With a Novel Classical Antitumor Furo[2,3-d]pyrimidine Antifolate
;
'Acta Crystallogr.,Sect.D' 53 638   649  1997 ABCRE6 DK 0907-4449 0766 ? ?       ?                 
2       
;Comparison of Two Independent Crystal Structures of Human Dihydrofolate Reductase Ternary Complexes Reduced with Nicotinamide Adenine Dinucleotide Phosphate and the Very Tight-Binding Inhibitor Pt523
;
Biochemistry               36 13897 ?    1997 BICHAW US 0006-2960 0033 ? ?       ?                 
# 
loop_
_citation_author.citation_id 
_citation_author.name 
_citation_author.ordinal 
_citation_author.identifier_ORCID 
primary 'Gangjee, A.'   1  ? 
primary 'Vidwans, A.P.' 2  ? 
primary 'Vasudevan, A.' 3  ? 
primary 'Queener, S.F.' 4  ? 
primary 'Kisliuk, R.L.' 5  ? 
primary 'Cody, V.'      6  ? 
primary 'Li, R.'        7  ? 
primary 'Galitsky, N.'  8  ? 
primary 'Luft, J.R.'    9  ? 
primary 'Pangborn, W.'  10 ? 
1       'Cody, V.'      11 ? 
1       'Galitsky, N.'  12 ? 
1       'Luft, J.R.'    13 ? 
1       'Pangborn, W.'  14 ? 
1       'Gangjee, A.'   15 ? 
1       'Devraj, R.'    16 ? 
1       'Queener, S.F.' 17 ? 
1       'Blakley, R.L.' 18 ? 
2       'Cody, V.'      19 ? 
2       'Galitsky, N.'  20 ? 
2       'Luft, J.R.'    21 ? 
2       'Pangborn, W.'  22 ? 
2       'Rosowsky, A.'  23 ? 
2       'Blakley, R.L.' 24 ? 
# 
loop_
_entity.id 
_entity.type 
_entity.src_method 
_entity.pdbx_description 
_entity.formula_weight 
_entity.pdbx_number_of_molecules 
_entity.pdbx_ec 
_entity.pdbx_mutation 
_entity.pdbx_fragment 
_entity.details 
1 polymer     nat 'PROTEIN (DIHYDROFOLATE REDUCTASE)'                                          21259.402 1   1.5.1.3 F31G ? ? 
2 non-polymer syn 'NADPH DIHYDRO-NICOTINAMIDE-ADENINE-DINUCLEOTIDE PHOSPHATE'                  745.421   1   ?       ?    ? ? 
3 non-polymer syn 'N6-(2,5-DIMETHOXY-BENZYL)-N6-METHYL-PYRIDO[2,3-D]PYRIMIDINE-2,4,6-TRIAMINE' 340.380   1   ?       ?    ? ? 
4 water       nat water                                                                        18.015    125 ?       ?    ? ? 
# 
_entity_poly.entity_id                      1 
_entity_poly.type                           'polypeptide(L)' 
_entity_poly.nstd_linkage                   no 
_entity_poly.nstd_monomer                   no 
_entity_poly.pdbx_seq_one_letter_code       
;VGSLNCIVAVSQNMGIGKNGDLPWPPLRNEGRYFQRMTTTSSVEGKQNLVIMGKKTWFSIPEKNRPLKGRINLVLSRELK
EPPQGAHFLSRSLDDALKLTEQPELANKVDMVWIVGGSSVYKEAMNHPGHLKLFVTRIMQDFESDTFFPEIDLEKYKLLP
EYPGVLSDVQEEKGIKYKFEVYEKND
;
_entity_poly.pdbx_seq_one_letter_code_can   
;VGSLNCIVAVSQNMGIGKNGDLPWPPLRNEGRYFQRMTTTSSVEGKQNLVIMGKKTWFSIPEKNRPLKGRINLVLSRELK
EPPQGAHFLSRSLDDALKLTEQPELANKVDMVWIVGGSSVYKEAMNHPGHLKLFVTRIMQDFESDTFFPEIDLEKYKLLP
EYPGVLSDVQEEKGIKYKFEVYEKND
;
_entity_poly.pdbx_strand_id                 A 
_entity_poly.pdbx_target_identifier         ? 
# 
loop_
_pdbx_entity_nonpoly.entity_id 
_pdbx_entity_nonpoly.name 
_pdbx_entity_nonpoly.comp_id 
2 'NADPH DIHYDRO-NICOTINAMIDE-ADENINE-DINUCLEOTIDE PHOSPHATE'                  NDP 
3 'N6-(2,5-DIMETHOXY-BENZYL)-N6-METHYL-PYRIDO[2,3-D]PYRIMIDINE-2,4,6-TRIAMINE' PRD 
4 water                                                                        HOH 
# 
loop_
_entity_poly_seq.entity_id 
_entity_poly_seq.num 
_entity_poly_seq.mon_id 
_entity_poly_seq.hetero 
1 1   VAL n 
1 2   GLY n 
1 3   SER n 
1 4   LEU n 
1 5   ASN n 
1 6   CYS n 
1 7   ILE n 
1 8   VAL n 
1 9   ALA n 
1 10  VAL n 
1 11  SER n 
1 12  GLN n 
1 13  ASN n 
1 14  MET n 
1 15  GLY n 
1 16  ILE n 
1 17  GLY n 
1 18  LYS n 
1 19  ASN n 
1 20  GLY n 
1 21  ASP n 
1 22  LEU n 
1 23  PRO n 
1 24  TRP n 
1 25  PRO n 
1 26  PRO n 
1 27  LEU n 
1 28  ARG n 
1 29  ASN n 
1 30  GLU n 
1 31  GLY n 
1 32  ARG n 
1 33  TYR n 
1 34  PHE n 
1 35  GLN n 
1 36  ARG n 
1 37  MET n 
1 38  THR n 
1 39  THR n 
1 40  THR n 
1 41  SER n 
1 42  SER n 
1 43  VAL n 
1 44  GLU n 
1 45  GLY n 
1 46  LYS n 
1 47  GLN n 
1 48  ASN n 
1 49  LEU n 
1 50  VAL n 
1 51  ILE n 
1 52  MET n 
1 53  GLY n 
1 54  LYS n 
1 55  LYS n 
1 56  THR n 
1 57  TRP n 
1 58  PHE n 
1 59  SER n 
1 60  ILE n 
1 61  PRO n 
1 62  GLU n 
1 63  LYS n 
1 64  ASN n 
1 65  ARG n 
1 66  PRO n 
1 67  LEU n 
1 68  LYS n 
1 69  GLY n 
1 70  ARG n 
1 71  ILE n 
1 72  ASN n 
1 73  LEU n 
1 74  VAL n 
1 75  LEU n 
1 76  SER n 
1 77  ARG n 
1 78  GLU n 
1 79  LEU n 
1 80  LYS n 
1 81  GLU n 
1 82  PRO n 
1 83  PRO n 
1 84  GLN n 
1 85  GLY n 
1 86  ALA n 
1 87  HIS n 
1 88  PHE n 
1 89  LEU n 
1 90  SER n 
1 91  ARG n 
1 92  SER n 
1 93  LEU n 
1 94  ASP n 
1 95  ASP n 
1 96  ALA n 
1 97  LEU n 
1 98  LYS n 
1 99  LEU n 
1 100 THR n 
1 101 GLU n 
1 102 GLN n 
1 103 PRO n 
1 104 GLU n 
1 105 LEU n 
1 106 ALA n 
1 107 ASN n 
1 108 LYS n 
1 109 VAL n 
1 110 ASP n 
1 111 MET n 
1 112 VAL n 
1 113 TRP n 
1 114 ILE n 
1 115 VAL n 
1 116 GLY n 
1 117 GLY n 
1 118 SER n 
1 119 SER n 
1 120 VAL n 
1 121 TYR n 
1 122 LYS n 
1 123 GLU n 
1 124 ALA n 
1 125 MET n 
1 126 ASN n 
1 127 HIS n 
1 128 PRO n 
1 129 GLY n 
1 130 HIS n 
1 131 LEU n 
1 132 LYS n 
1 133 LEU n 
1 134 PHE n 
1 135 VAL n 
1 136 THR n 
1 137 ARG n 
1 138 ILE n 
1 139 MET n 
1 140 GLN n 
1 141 ASP n 
1 142 PHE n 
1 143 GLU n 
1 144 SER n 
1 145 ASP n 
1 146 THR n 
1 147 PHE n 
1 148 PHE n 
1 149 PRO n 
1 150 GLU n 
1 151 ILE n 
1 152 ASP n 
1 153 LEU n 
1 154 GLU n 
1 155 LYS n 
1 156 TYR n 
1 157 LYS n 
1 158 LEU n 
1 159 LEU n 
1 160 PRO n 
1 161 GLU n 
1 162 TYR n 
1 163 PRO n 
1 164 GLY n 
1 165 VAL n 
1 166 LEU n 
1 167 SER n 
1 168 ASP n 
1 169 VAL n 
1 170 GLN n 
1 171 GLU n 
1 172 GLU n 
1 173 LYS n 
1 174 GLY n 
1 175 ILE n 
1 176 LYS n 
1 177 TYR n 
1 178 LYS n 
1 179 PHE n 
1 180 GLU n 
1 181 VAL n 
1 182 TYR n 
1 183 GLU n 
1 184 LYS n 
1 185 ASN n 
1 186 ASP n 
# 
_entity_src_nat.entity_id                  1 
_entity_src_nat.pdbx_src_id                1 
_entity_src_nat.pdbx_alt_source_flag       sample 
_entity_src_nat.pdbx_beg_seq_num           ? 
_entity_src_nat.pdbx_end_seq_num           ? 
_entity_src_nat.common_name                human 
_entity_src_nat.pdbx_organism_scientific   'Homo sapiens' 
_entity_src_nat.pdbx_ncbi_taxonomy_id      9606 
_entity_src_nat.genus                      Homo 
_entity_src_nat.species                    ? 
_entity_src_nat.strain                     ? 
_entity_src_nat.tissue                     ? 
_entity_src_nat.tissue_fraction            ? 
_entity_src_nat.pdbx_secretion             ? 
_entity_src_nat.pdbx_fragment              ? 
_entity_src_nat.pdbx_variant               ? 
_entity_src_nat.pdbx_cell_line             ? 
_entity_src_nat.pdbx_atcc                  ? 
_entity_src_nat.pdbx_cellular_location     ? 
_entity_src_nat.pdbx_organ                 ? 
_entity_src_nat.pdbx_organelle             ? 
_entity_src_nat.pdbx_cell                  ? 
_entity_src_nat.pdbx_plasmid_name          ? 
_entity_src_nat.pdbx_plasmid_details       ? 
_entity_src_nat.details                    ? 
# 
loop_
_chem_comp.id 
_chem_comp.type 
_chem_comp.mon_nstd_flag 
_chem_comp.name 
_chem_comp.pdbx_synonyms 
_chem_comp.formula 
_chem_comp.formula_weight 
ALA 'L-peptide linking' y ALANINE                                                                      ? 'C3 H7 N O2'        
89.093  
ARG 'L-peptide linking' y ARGININE                                                                     ? 'C6 H15 N4 O2 1'    
175.209 
ASN 'L-peptide linking' y ASPARAGINE                                                                   ? 'C4 H8 N2 O3'       
132.118 
ASP 'L-peptide linking' y 'ASPARTIC ACID'                                                              ? 'C4 H7 N O4'        
133.103 
CYS 'L-peptide linking' y CYSTEINE                                                                     ? 'C3 H7 N O2 S'      
121.158 
GLN 'L-peptide linking' y GLUTAMINE                                                                    ? 'C5 H10 N2 O3'      
146.144 
GLU 'L-peptide linking' y 'GLUTAMIC ACID'                                                              ? 'C5 H9 N O4'        
147.129 
GLY 'peptide linking'   y GLYCINE                                                                      ? 'C2 H5 N O2'        
75.067  
HIS 'L-peptide linking' y HISTIDINE                                                                    ? 'C6 H10 N3 O2 1'    
156.162 
HOH non-polymer         . WATER                                                                        ? 'H2 O'              
18.015  
ILE 'L-peptide linking' y ISOLEUCINE                                                                   ? 'C6 H13 N O2'       
131.173 
LEU 'L-peptide linking' y LEUCINE                                                                      ? 'C6 H13 N O2'       
131.173 
LYS 'L-peptide linking' y LYSINE                                                                       ? 'C6 H15 N2 O2 1'    
147.195 
MET 'L-peptide linking' y METHIONINE                                                                   ? 'C5 H11 N O2 S'     
149.211 
NDP non-polymer         . 'NADPH DIHYDRO-NICOTINAMIDE-ADENINE-DINUCLEOTIDE PHOSPHATE'                  ? 'C21 H30 N7 O17 P3' 
745.421 
PHE 'L-peptide linking' y PHENYLALANINE                                                                ? 'C9 H11 N O2'       
165.189 
PRD non-polymer         . 'N6-(2,5-DIMETHOXY-BENZYL)-N6-METHYL-PYRIDO[2,3-D]PYRIMIDINE-2,4,6-TRIAMINE' ? 'C17 H20 N6 O2'     
340.380 
PRO 'L-peptide linking' y PROLINE                                                                      ? 'C5 H9 N O2'        
115.130 
SER 'L-peptide linking' y SERINE                                                                       ? 'C3 H7 N O3'        
105.093 
THR 'L-peptide linking' y THREONINE                                                                    ? 'C4 H9 N O3'        
119.119 
TRP 'L-peptide linking' y TRYPTOPHAN                                                                   ? 'C11 H12 N2 O2'     
204.225 
TYR 'L-peptide linking' y TYROSINE                                                                     ? 'C9 H11 N O3'       
181.189 
VAL 'L-peptide linking' y VALINE                                                                       ? 'C5 H11 N O2'       
117.146 
# 
loop_
_pdbx_poly_seq_scheme.asym_id 
_pdbx_poly_seq_scheme.entity_id 
_pdbx_poly_seq_scheme.seq_id 
_pdbx_poly_seq_scheme.mon_id 
_pdbx_poly_seq_scheme.ndb_seq_num 
_pdbx_poly_seq_scheme.pdb_seq_num 
_pdbx_poly_seq_scheme.auth_seq_num 
_pdbx_poly_seq_scheme.pdb_mon_id 
_pdbx_poly_seq_scheme.auth_mon_id 
_pdbx_poly_seq_scheme.pdb_strand_id 
_pdbx_poly_seq_scheme.pdb_ins_code 
_pdbx_poly_seq_scheme.hetero 
A 1 1   VAL 1   1   1   VAL VAL A . n 
A 1 2   GLY 2   2   2   GLY GLY A . n 
A 1 3   SER 3   3   3   SER SER A . n 
A 1 4   LEU 4   4   4   LEU LEU A . n 
A 1 5   ASN 5   5   5   ASN ASN A . n 
A 1 6   CYS 6   6   6   CYS CYS A . n 
A 1 7   ILE 7   7   7   ILE ILE A . n 
A 1 8   VAL 8   8   8   VAL VAL A . n 
A 1 9   ALA 9   9   9   ALA ALA A . n 
A 1 10  VAL 10  10  10  VAL VAL A . n 
A 1 11  SER 11  11  11  SER SER A . n 
A 1 12  GLN 12  12  12  GLN GLN A . n 
A 1 13  ASN 13  13  13  ASN ASN A . n 
A 1 14  MET 14  14  14  MET MET A . n 
A 1 15  GLY 15  15  15  GLY GLY A . n 
A 1 16  ILE 16  16  16  ILE ILE A . n 
A 1 17  GLY 17  17  17  GLY GLY A . n 
A 1 18  LYS 18  18  18  LYS LYS A . n 
A 1 19  ASN 19  19  19  ASN ASN A . n 
A 1 20  GLY 20  20  20  GLY GLY A . n 
A 1 21  ASP 21  21  21  ASP ASP A . n 
A 1 22  LEU 22  22  22  LEU LEU A . n 
A 1 23  PRO 23  23  23  PRO PRO A . n 
A 1 24  TRP 24  24  24  TRP TRP A . n 
A 1 25  PRO 25  25  25  PRO PRO A . n 
A 1 26  PRO 26  26  26  PRO PRO A . n 
A 1 27  LEU 27  27  27  LEU LEU A . n 
A 1 28  ARG 28  28  28  ARG ARG A . n 
A 1 29  ASN 29  29  29  ASN ASN A . n 
A 1 30  GLU 30  30  30  GLU GLU A . n 
A 1 31  GLY 31  31  31  GLY GLY A . n 
A 1 32  ARG 32  32  32  ARG ARG A . n 
A 1 33  TYR 33  33  33  TYR TYR A . n 
A 1 34  PHE 34  34  34  PHE PHE A . n 
A 1 35  GLN 35  35  35  GLN GLN A . n 
A 1 36  ARG 36  36  36  ARG ARG A . n 
A 1 37  MET 37  37  37  MET MET A . n 
A 1 38  THR 38  38  38  THR THR A . n 
A 1 39  THR 39  39  39  THR THR A . n 
A 1 40  THR 40  40  40  THR THR A . n 
A 1 41  SER 41  41  41  SER SER A . n 
A 1 42  SER 42  42  42  SER SER A . n 
A 1 43  VAL 43  43  43  VAL VAL A . n 
A 1 44  GLU 44  44  44  GLU GLU A . n 
A 1 45  GLY 45  45  45  GLY GLY A . n 
A 1 46  LYS 46  46  46  LYS LYS A . n 
A 1 47  GLN 47  47  47  GLN GLN A . n 
A 1 48  ASN 48  48  48  ASN ASN A . n 
A 1 49  LEU 49  49  49  LEU LEU A . n 
A 1 50  VAL 50  50  50  VAL VAL A . n 
A 1 51  ILE 51  51  51  ILE ILE A . n 
A 1 52  MET 52  52  52  MET MET A . n 
A 1 53  GLY 53  53  53  GLY GLY A . n 
A 1 54  LYS 54  54  54  LYS LYS A . n 
A 1 55  LYS 55  55  55  LYS LYS A . n 
A 1 56  THR 56  56  56  THR THR A . n 
A 1 57  TRP 57  57  57  TRP TRP A . n 
A 1 58  PHE 58  58  58  PHE PHE A . n 
A 1 59  SER 59  59  59  SER SER A . n 
A 1 60  ILE 60  60  60  ILE ILE A . n 
A 1 61  PRO 61  61  61  PRO PRO A . n 
A 1 62  GLU 62  62  62  GLU GLU A . n 
A 1 63  LYS 63  63  63  LYS LYS A . n 
A 1 64  ASN 64  64  64  ASN ASN A . n 
A 1 65  ARG 65  65  65  ARG ARG A . n 
A 1 66  PRO 66  66  66  PRO PRO A . n 
A 1 67  LEU 67  67  67  LEU LEU A . n 
A 1 68  LYS 68  68  68  LYS LYS A . n 
A 1 69  GLY 69  69  69  GLY GLY A . n 
A 1 70  ARG 70  70  70  ARG ARG A . n 
A 1 71  ILE 71  71  71  ILE ILE A . n 
A 1 72  ASN 72  72  72  ASN ASN A . n 
A 1 73  LEU 73  73  73  LEU LEU A . n 
A 1 74  VAL 74  74  74  VAL VAL A . n 
A 1 75  LEU 75  75  75  LEU LEU A . n 
A 1 76  SER 76  76  76  SER SER A . n 
A 1 77  ARG 77  77  77  ARG ARG A . n 
A 1 78  GLU 78  78  78  GLU GLU A . n 
A 1 79  LEU 79  79  79  LEU LEU A . n 
A 1 80  LYS 80  80  80  LYS LYS A . n 
A 1 81  GLU 81  81  81  GLU GLU A . n 
A 1 82  PRO 82  82  82  PRO PRO A . n 
A 1 83  PRO 83  83  83  PRO PRO A . n 
A 1 84  GLN 84  84  84  GLN GLN A . n 
A 1 85  GLY 85  85  85  GLY GLY A . n 
A 1 86  ALA 86  86  86  ALA ALA A . n 
A 1 87  HIS 87  87  87  HIS HIS A . n 
A 1 88  PHE 88  88  88  PHE PHE A . n 
A 1 89  LEU 89  89  89  LEU LEU A . n 
A 1 90  SER 90  90  90  SER SER A . n 
A 1 91  ARG 91  91  91  ARG ARG A . n 
A 1 92  SER 92  92  92  SER SER A . n 
A 1 93  LEU 93  93  93  LEU LEU A . n 
A 1 94  ASP 94  94  94  ASP ASP A . n 
A 1 95  ASP 95  95  95  ASP ASP A . n 
A 1 96  ALA 96  96  96  ALA ALA A . n 
A 1 97  LEU 97  97  97  LEU LEU A . n 
A 1 98  LYS 98  98  98  LYS LYS A . n 
A 1 99  LEU 99  99  99  LEU LEU A . n 
A 1 100 THR 100 100 100 THR THR A . n 
A 1 101 GLU 101 101 101 GLU GLU A . n 
A 1 102 GLN 102 102 102 GLN GLN A . n 
A 1 103 PRO 103 103 103 PRO PRO A . n 
A 1 104 GLU 104 104 104 GLU GLU A . n 
A 1 105 LEU 105 105 105 LEU LEU A . n 
A 1 106 ALA 106 106 106 ALA ALA A . n 
A 1 107 ASN 107 107 107 ASN ASN A . n 
A 1 108 LYS 108 108 108 LYS LYS A . n 
A 1 109 VAL 109 109 109 VAL VAL A . n 
A 1 110 ASP 110 110 110 ASP ASP A . n 
A 1 111 MET 111 111 111 MET MET A . n 
A 1 112 VAL 112 112 112 VAL VAL A . n 
A 1 113 TRP 113 113 113 TRP TRP A . n 
A 1 114 ILE 114 114 114 ILE ILE A . n 
A 1 115 VAL 115 115 115 VAL VAL A . n 
A 1 116 GLY 116 116 116 GLY GLY A . n 
A 1 117 GLY 117 117 117 GLY GLY A . n 
A 1 118 SER 118 118 118 SER SER A . n 
A 1 119 SER 119 119 119 SER SER A . n 
A 1 120 VAL 120 120 120 VAL VAL A . n 
A 1 121 TYR 121 121 121 TYR TYR A . n 
A 1 122 LYS 122 122 122 LYS LYS A . n 
A 1 123 GLU 123 123 123 GLU GLU A . n 
A 1 124 ALA 124 124 124 ALA ALA A . n 
A 1 125 MET 125 125 125 MET MET A . n 
A 1 126 ASN 126 126 126 ASN ASN A . n 
A 1 127 HIS 127 127 127 HIS HIS A . n 
A 1 128 PRO 128 128 128 PRO PRO A . n 
A 1 129 GLY 129 129 129 GLY GLY A . n 
A 1 130 HIS 130 130 130 HIS HIS A . n 
A 1 131 LEU 131 131 131 LEU LEU A . n 
A 1 132 LYS 132 132 132 LYS LYS A . n 
A 1 133 LEU 133 133 133 LEU LEU A . n 
A 1 134 PHE 134 134 134 PHE PHE A . n 
A 1 135 VAL 135 135 135 VAL VAL A . n 
A 1 136 THR 136 136 136 THR THR A . n 
A 1 137 ARG 137 137 137 ARG ARG A . n 
A 1 138 ILE 138 138 138 ILE ILE A . n 
A 1 139 MET 139 139 139 MET MET A . n 
A 1 140 GLN 140 140 140 GLN GLN A . n 
A 1 141 ASP 141 141 141 ASP ASP A . n 
A 1 142 PHE 142 142 142 PHE PHE A . n 
A 1 143 GLU 143 143 143 GLU GLU A . n 
A 1 144 SER 144 144 144 SER SER A . n 
A 1 145 ASP 145 145 145 ASP ASP A . n 
A 1 146 THR 146 146 146 THR THR A . n 
A 1 147 PHE 147 147 147 PHE PHE A . n 
A 1 148 PHE 148 148 148 PHE PHE A . n 
A 1 149 PRO 149 149 149 PRO PRO A . n 
A 1 150 GLU 150 150 150 GLU GLU A . n 
A 1 151 ILE 151 151 151 ILE ILE A . n 
A 1 152 ASP 152 152 152 ASP ASP A . n 
A 1 153 LEU 153 153 153 LEU LEU A . n 
A 1 154 GLU 154 154 154 GLU GLU A . n 
A 1 155 LYS 155 155 155 LYS LYS A . n 
A 1 156 TYR 156 156 156 TYR TYR A . n 
A 1 157 LYS 157 157 157 LYS LYS A . n 
A 1 158 LEU 158 158 158 LEU LEU A . n 
A 1 159 LEU 159 159 159 LEU LEU A . n 
A 1 160 PRO 160 160 160 PRO PRO A . n 
A 1 161 GLU 161 161 161 GLU GLU A . n 
A 1 162 TYR 162 162 162 TYR TYR A . n 
A 1 163 PRO 163 163 163 PRO PRO A . n 
A 1 164 GLY 164 164 164 GLY GLY A . n 
A 1 165 VAL 165 165 165 VAL VAL A . n 
A 1 166 LEU 166 166 166 LEU LEU A . n 
A 1 167 SER 167 167 167 SER SER A . n 
A 1 168 ASP 168 168 168 ASP ASP A . n 
A 1 169 VAL 169 169 169 VAL VAL A . n 
A 1 170 GLN 170 170 170 GLN GLN A . n 
A 1 171 GLU 171 171 171 GLU GLU A . n 
A 1 172 GLU 172 172 172 GLU GLU A . n 
A 1 173 LYS 173 173 173 LYS LYS A . n 
A 1 174 GLY 174 174 174 GLY GLY A . n 
A 1 175 ILE 175 175 175 ILE ILE A . n 
A 1 176 LYS 176 176 176 LYS LYS A . n 
A 1 177 TYR 177 177 177 TYR TYR A . n 
A 1 178 LYS 178 178 178 LYS LYS A . n 
A 1 179 PHE 179 179 179 PHE PHE A . n 
A 1 180 GLU 180 180 180 GLU GLU A . n 
A 1 181 VAL 181 181 181 VAL VAL A . n 
A 1 182 TYR 182 182 182 TYR TYR A . n 
A 1 183 GLU 183 183 183 GLU GLU A . n 
A 1 184 LYS 184 184 184 LYS LYS A . n 
A 1 185 ASN 185 185 185 ASN ASN A . n 
A 1 186 ASP 186 186 186 ASP ASP A . n 
# 
loop_
_pdbx_nonpoly_scheme.asym_id 
_pdbx_nonpoly_scheme.entity_id 
_pdbx_nonpoly_scheme.mon_id 
_pdbx_nonpoly_scheme.ndb_seq_num 
_pdbx_nonpoly_scheme.pdb_seq_num 
_pdbx_nonpoly_scheme.auth_seq_num 
_pdbx_nonpoly_scheme.pdb_mon_id 
_pdbx_nonpoly_scheme.auth_mon_id 
_pdbx_nonpoly_scheme.pdb_strand_id 
_pdbx_nonpoly_scheme.pdb_ins_code 
B 2 NDP 1   187 187 NDP NDP A . 
C 3 PRD 1   400 400 PRD PRD A . 
D 4 HOH 1   188 188 HOH HOH A . 
D 4 HOH 2   189 189 HOH HOH A . 
D 4 HOH 3   190 190 HOH HOH A . 
D 4 HOH 4   191 191 HOH HOH A . 
D 4 HOH 5   192 192 HOH HOH A . 
D 4 HOH 6   193 193 HOH HOH A . 
D 4 HOH 7   194 194 HOH HOH A . 
D 4 HOH 8   195 195 HOH HOH A . 
D 4 HOH 9   196 196 HOH HOH A . 
D 4 HOH 10  197 197 HOH HOH A . 
D 4 HOH 11  198 198 HOH HOH A . 
D 4 HOH 12  199 199 HOH HOH A . 
D 4 HOH 13  200 200 HOH HOH A . 
D 4 HOH 14  201 201 HOH HOH A . 
D 4 HOH 15  202 202 HOH HOH A . 
D 4 HOH 16  203 203 HOH HOH A . 
D 4 HOH 17  204 204 HOH HOH A . 
D 4 HOH 18  205 205 HOH HOH A . 
D 4 HOH 19  206 206 HOH HOH A . 
D 4 HOH 20  207 207 HOH HOH A . 
D 4 HOH 21  208 208 HOH HOH A . 
D 4 HOH 22  209 209 HOH HOH A . 
D 4 HOH 23  210 210 HOH HOH A . 
D 4 HOH 24  211 211 HOH HOH A . 
D 4 HOH 25  212 212 HOH HOH A . 
D 4 HOH 26  213 213 HOH HOH A . 
D 4 HOH 27  214 214 HOH HOH A . 
D 4 HOH 28  215 215 HOH HOH A . 
D 4 HOH 29  216 216 HOH HOH A . 
D 4 HOH 30  217 217 HOH HOH A . 
D 4 HOH 31  218 218 HOH HOH A . 
D 4 HOH 32  219 219 HOH HOH A . 
D 4 HOH 33  220 220 HOH HOH A . 
D 4 HOH 34  221 221 HOH HOH A . 
D 4 HOH 35  222 222 HOH HOH A . 
D 4 HOH 36  223 223 HOH HOH A . 
D 4 HOH 37  224 224 HOH HOH A . 
D 4 HOH 38  225 225 HOH HOH A . 
D 4 HOH 39  226 226 HOH HOH A . 
D 4 HOH 40  227 227 HOH HOH A . 
D 4 HOH 41  228 228 HOH HOH A . 
D 4 HOH 42  229 229 HOH HOH A . 
D 4 HOH 43  230 230 HOH HOH A . 
D 4 HOH 44  231 231 HOH HOH A . 
D 4 HOH 45  232 232 HOH HOH A . 
D 4 HOH 46  233 233 HOH HOH A . 
D 4 HOH 47  234 234 HOH HOH A . 
D 4 HOH 48  235 235 HOH HOH A . 
D 4 HOH 49  236 236 HOH HOH A . 
D 4 HOH 50  237 237 HOH HOH A . 
D 4 HOH 51  238 238 HOH HOH A . 
D 4 HOH 52  239 239 HOH HOH A . 
D 4 HOH 53  240 240 HOH HOH A . 
D 4 HOH 54  241 241 HOH HOH A . 
D 4 HOH 55  242 242 HOH HOH A . 
D 4 HOH 56  243 243 HOH HOH A . 
D 4 HOH 57  244 244 HOH HOH A . 
D 4 HOH 58  245 245 HOH HOH A . 
D 4 HOH 59  246 246 HOH HOH A . 
D 4 HOH 60  247 247 HOH HOH A . 
D 4 HOH 61  248 248 HOH HOH A . 
D 4 HOH 62  249 249 HOH HOH A . 
D 4 HOH 63  250 250 HOH HOH A . 
D 4 HOH 64  251 251 HOH HOH A . 
D 4 HOH 65  252 252 HOH HOH A . 
D 4 HOH 66  253 253 HOH HOH A . 
D 4 HOH 67  254 254 HOH HOH A . 
D 4 HOH 68  255 255 HOH HOH A . 
D 4 HOH 69  256 256 HOH HOH A . 
D 4 HOH 70  257 257 HOH HOH A . 
D 4 HOH 71  258 258 HOH HOH A . 
D 4 HOH 72  259 259 HOH HOH A . 
D 4 HOH 73  260 260 HOH HOH A . 
D 4 HOH 74  261 261 HOH HOH A . 
D 4 HOH 75  262 262 HOH HOH A . 
D 4 HOH 76  263 263 HOH HOH A . 
D 4 HOH 77  264 264 HOH HOH A . 
D 4 HOH 78  265 265 HOH HOH A . 
D 4 HOH 79  266 266 HOH HOH A . 
D 4 HOH 80  267 267 HOH HOH A . 
D 4 HOH 81  268 268 HOH HOH A . 
D 4 HOH 82  269 269 HOH HOH A . 
D 4 HOH 83  270 270 HOH HOH A . 
D 4 HOH 84  271 271 HOH HOH A . 
D 4 HOH 85  272 272 HOH HOH A . 
D 4 HOH 86  273 273 HOH HOH A . 
D 4 HOH 87  274 274 HOH HOH A . 
D 4 HOH 88  275 275 HOH HOH A . 
D 4 HOH 89  276 276 HOH HOH A . 
D 4 HOH 90  277 277 HOH HOH A . 
D 4 HOH 91  278 278 HOH HOH A . 
D 4 HOH 92  279 279 HOH HOH A . 
D 4 HOH 93  280 280 HOH HOH A . 
D 4 HOH 94  281 281 HOH HOH A . 
D 4 HOH 95  282 282 HOH HOH A . 
D 4 HOH 96  283 283 HOH HOH A . 
D 4 HOH 97  284 284 HOH HOH A . 
D 4 HOH 98  285 285 HOH HOH A . 
D 4 HOH 99  286 286 HOH HOH A . 
D 4 HOH 100 287 287 HOH HOH A . 
D 4 HOH 101 288 288 HOH HOH A . 
D 4 HOH 102 289 289 HOH HOH A . 
D 4 HOH 103 290 290 HOH HOH A . 
D 4 HOH 104 291 291 HOH HOH A . 
D 4 HOH 105 292 292 HOH HOH A . 
D 4 HOH 106 293 293 HOH HOH A . 
D 4 HOH 107 294 294 HOH HOH A . 
D 4 HOH 108 295 295 HOH HOH A . 
D 4 HOH 109 296 296 HOH HOH A . 
D 4 HOH 110 297 297 HOH HOH A . 
D 4 HOH 111 298 298 HOH HOH A . 
D 4 HOH 112 299 299 HOH HOH A . 
D 4 HOH 113 300 300 HOH HOH A . 
D 4 HOH 114 301 301 HOH HOH A . 
D 4 HOH 115 302 302 HOH HOH A . 
D 4 HOH 116 303 303 HOH HOH A . 
D 4 HOH 117 304 304 HOH HOH A . 
D 4 HOH 118 305 305 HOH HOH A . 
D 4 HOH 119 306 306 HOH HOH A . 
D 4 HOH 120 307 307 HOH HOH A . 
D 4 HOH 121 308 308 HOH HOH A . 
D 4 HOH 122 309 309 HOH HOH A . 
D 4 HOH 123 310 310 HOH HOH A . 
D 4 HOH 124 311 311 HOH HOH A . 
D 4 HOH 125 312 312 HOH HOH A . 
# 
loop_
_software.name 
_software.classification 
_software.version 
_software.citation_id 
_software.pdbx_ordinal 
PROLSQ    refinement     . ? 1 
SCALEPACK 'data scaling' . ? 2 
# 
_cell.entry_id           1BOZ 
_cell.length_a           86.259 
_cell.length_b           86.259 
_cell.length_c           77.637 
_cell.angle_alpha        90.00 
_cell.angle_beta         90.00 
_cell.angle_gamma        120.00 
_cell.Z_PDB              9 
_cell.pdbx_unique_axis   ? 
# 
_symmetry.entry_id                         1BOZ 
_symmetry.space_group_name_H-M             'H 3' 
_symmetry.pdbx_full_space_group_name_H-M   ? 
_symmetry.cell_setting                     ? 
_symmetry.Int_Tables_number                146 
# 
_exptl.entry_id          1BOZ 
_exptl.method            'X-RAY DIFFRACTION' 
_exptl.crystals_number   1 
# 
_exptl_crystal.id                    1 
_exptl_crystal.density_meas          ? 
_exptl_crystal.density_Matthews      2.61 
_exptl_crystal.density_percent_sol   52.93 
_exptl_crystal.description           ? 
# 
_exptl_crystal_grow.crystal_id      1 
_exptl_crystal_grow.method          ? 
_exptl_crystal_grow.temp            ? 
_exptl_crystal_grow.temp_details    ? 
_exptl_crystal_grow.pH              6.5 
_exptl_crystal_grow.pdbx_details    'pH 6.5' 
_exptl_crystal_grow.pdbx_pH_range   . 
# 
_diffrn.id                     1 
_diffrn.ambient_temp           287 
_diffrn.ambient_temp_details   ? 
_diffrn.crystal_id             1 
# 
_diffrn_detector.diffrn_id              1 
_diffrn_detector.detector               'IMAGE PLATE' 
_diffrn_detector.type                   'RIGAKU RAXIS' 
_diffrn_detector.pdbx_collection_date   ? 
_diffrn_detector.details                ? 
# 
_diffrn_radiation.diffrn_id                        1 
_diffrn_radiation.wavelength_id                    1 
_diffrn_radiation.pdbx_monochromatic_or_laue_m_l   M 
_diffrn_radiation.monochromator                    'NI FILTER' 
_diffrn_radiation.pdbx_diffrn_protocol             'SINGLE WAVELENGTH' 
_diffrn_radiation.pdbx_scattering_type             x-ray 
# 
_diffrn_radiation_wavelength.id           1 
_diffrn_radiation_wavelength.wavelength   1.5418 
_diffrn_radiation_wavelength.wt           1.0 
# 
_diffrn_source.diffrn_id                   1 
_diffrn_source.source                      'ROTATING ANODE' 
_diffrn_source.type                        'RIGAKU RU200' 
_diffrn_source.pdbx_synchrotron_site       ? 
_diffrn_source.pdbx_synchrotron_beamline   ? 
_diffrn_source.pdbx_wavelength             1.5418 
_diffrn_source.pdbx_wavelength_list        ? 
# 
_reflns.entry_id                     1BOZ 
_reflns.observed_criterion_sigma_I   2 
_reflns.observed_criterion_sigma_F   ? 
_reflns.d_resolution_low             53.0 
_reflns.d_resolution_high            2.10 
_reflns.number_obs                   9706 
_reflns.number_all                   ? 
_reflns.percent_possible_obs         95 
_reflns.pdbx_Rmerge_I_obs            0.0490000 
_reflns.pdbx_Rsym_value              ? 
_reflns.pdbx_netI_over_sigmaI        ? 
_reflns.B_iso_Wilson_estimate        ? 
_reflns.pdbx_redundancy              2.5 
_reflns.R_free_details               ? 
_reflns.limit_h_max                  ? 
_reflns.limit_h_min                  ? 
_reflns.limit_k_max                  ? 
_reflns.limit_k_min                  ? 
_reflns.limit_l_max                  ? 
_reflns.limit_l_min                  ? 
_reflns.observed_criterion_F_max     ? 
_reflns.observed_criterion_F_min     ? 
_reflns.pdbx_diffrn_id               1 
_reflns.pdbx_ordinal                 1 
# 
_reflns_shell.d_res_high             2.1 
_reflns_shell.d_res_low              ? 
_reflns_shell.percent_possible_all   78 
_reflns_shell.Rmerge_I_obs           0.1250000 
_reflns_shell.pdbx_Rsym_value        ? 
_reflns_shell.meanI_over_sigI_obs    ? 
_reflns_shell.pdbx_redundancy        2.5 
_reflns_shell.percent_possible_obs   ? 
_reflns_shell.number_unique_all      ? 
_reflns_shell.pdbx_diffrn_id         ? 
_reflns_shell.pdbx_ordinal           1 
# 
_refine.entry_id                                 1BOZ 
_refine.ls_number_reflns_obs                     8970 
_refine.ls_number_reflns_all                     ? 
_refine.pdbx_ls_sigma_I                          ? 
_refine.pdbx_ls_sigma_F                          2 
_refine.pdbx_data_cutoff_high_absF               ? 
_refine.pdbx_data_cutoff_low_absF                ? 
_refine.pdbx_data_cutoff_high_rms_absF           ? 
_refine.ls_d_res_low                             8.0 
_refine.ls_d_res_high                            2.1 
_refine.ls_percent_reflns_obs                    95 
_refine.ls_R_factor_obs                          ? 
_refine.ls_R_factor_all                          ? 
_refine.ls_R_factor_R_work                       0.2020000 
_refine.ls_R_factor_R_free                       ? 
_refine.ls_R_factor_R_free_error                 ? 
_refine.ls_R_factor_R_free_error_details         ? 
_refine.ls_percent_reflns_R_free                 ? 
_refine.ls_number_reflns_R_free                  ? 
_refine.ls_number_parameters                     ? 
_refine.ls_number_restraints                     ? 
_refine.occupancy_min                            ? 
_refine.occupancy_max                            ? 
_refine.B_iso_mean                               19.34 
_refine.aniso_B[1][1]                            ? 
_refine.aniso_B[2][2]                            ? 
_refine.aniso_B[3][3]                            ? 
_refine.aniso_B[1][2]                            ? 
_refine.aniso_B[1][3]                            ? 
_refine.aniso_B[2][3]                            ? 
_refine.solvent_model_details                    ? 
_refine.solvent_model_param_ksol                 ? 
_refine.solvent_model_param_bsol                 ? 
_refine.pdbx_ls_cross_valid_method               THROUGHOUT 
_refine.details                                  ? 
_refine.pdbx_starting_model                      ? 
_refine.pdbx_method_to_determine_struct          'MOLECULAR REPLACEMENT' 
_refine.pdbx_isotropic_thermal_model             ? 
_refine.pdbx_stereochemistry_target_values       ? 
_refine.pdbx_stereochem_target_val_spec_case     ? 
_refine.pdbx_R_Free_selection_details            ? 
_refine.pdbx_overall_ESU_R                       ? 
_refine.pdbx_overall_ESU_R_Free                  ? 
_refine.overall_SU_ML                            ? 
_refine.overall_SU_B                             ? 
_refine.ls_redundancy_reflns_obs                 ? 
_refine.B_iso_min                                ? 
_refine.B_iso_max                                ? 
_refine.pdbx_refine_id                           'X-RAY DIFFRACTION' 
_refine.pdbx_diffrn_id                           1 
_refine.pdbx_TLS_residual_ADP_flag               ? 
_refine.correlation_coeff_Fo_to_Fc               ? 
_refine.correlation_coeff_Fo_to_Fc_free          ? 
_refine.pdbx_solvent_vdw_probe_radii             ? 
_refine.pdbx_solvent_ion_probe_radii             ? 
_refine.pdbx_solvent_shrinkage_radii             ? 
_refine.pdbx_overall_phase_error                 ? 
_refine.overall_SU_R_Cruickshank_DPI             ? 
_refine.pdbx_overall_SU_R_free_Cruickshank_DPI   ? 
_refine.pdbx_overall_SU_R_Blow_DPI               ? 
_refine.pdbx_overall_SU_R_free_Blow_DPI          ? 
# 
_refine_hist.pdbx_refine_id                   'X-RAY DIFFRACTION' 
_refine_hist.cycle_id                         LAST 
_refine_hist.pdbx_number_atoms_protein        1495 
_refine_hist.pdbx_number_atoms_nucleic_acid   0 
_refine_hist.pdbx_number_atoms_ligand         73 
_refine_hist.number_atoms_solvent             125 
_refine_hist.number_atoms_total               1693 
_refine_hist.d_res_high                       2.1 
_refine_hist.d_res_low                        8.0 
# 
loop_
_refine_ls_restr.type 
_refine_ls_restr.dev_ideal 
_refine_ls_restr.dev_ideal_target 
_refine_ls_restr.weight 
_refine_ls_restr.number 
_refine_ls_restr.pdbx_refine_id 
_refine_ls_restr.pdbx_restraint_function 
p_bond_d            0.018 0.02  ? ? 'X-RAY DIFFRACTION' ? 
p_angle_d           0.05  ?     ? ? 'X-RAY DIFFRACTION' ? 
p_angle_deg         ?     ?     ? ? 'X-RAY DIFFRACTION' ? 
p_planar_d          0.051 0.05  ? ? 'X-RAY DIFFRACTION' ? 
p_hb_or_metal_coord ?     ?     ? ? 'X-RAY DIFFRACTION' ? 
p_mcbond_it         ?     ?     ? ? 'X-RAY DIFFRACTION' ? 
p_mcangle_it        ?     ?     ? ? 'X-RAY DIFFRACTION' ? 
p_scbond_it         ?     ?     ? ? 'X-RAY DIFFRACTION' ? 
p_scangle_it        ?     ?     ? ? 'X-RAY DIFFRACTION' ? 
p_plane_restr       0.014 0.020 ? ? 'X-RAY DIFFRACTION' ? 
p_chiral_restr      0.191 0.150 ? ? 'X-RAY DIFFRACTION' ? 
p_singtor_nbd       0.197 0.50  ? ? 'X-RAY DIFFRACTION' ? 
p_multtor_nbd       0.262 0.500 ? ? 'X-RAY DIFFRACTION' ? 
p_xhyhbond_nbd      ?     ?     ? ? 'X-RAY DIFFRACTION' ? 
p_xyhbond_nbd       0.259 0.50  ? ? 'X-RAY DIFFRACTION' ? 
p_planar_tor        2.4   3.0   ? ? 'X-RAY DIFFRACTION' ? 
p_staggered_tor     19.4  15.0  ? ? 'X-RAY DIFFRACTION' ? 
p_orthonormal_tor   ?     ?     ? ? 'X-RAY DIFFRACTION' ? 
p_transverse_tor    22.5  15.0  ? ? 'X-RAY DIFFRACTION' ? 
p_special_tor       ?     ?     ? ? 'X-RAY DIFFRACTION' ? 
# 
_struct.entry_id                  1BOZ 
_struct.title                     
;STRUCTURE-BASED DESIGN AND SYNTHESIS OF LIPOPHILIC 2,4-DIAMINO-6-SUBSTITUTED QUINAZOLINES AND THEIR EVALUATION AS INHIBITORS OF DIHYDROFOLATE REDUCTASE AND POTENTIAL ANTITUMOR AGENTS
;
_struct.pdbx_model_details        ? 
_struct.pdbx_CASP_flag            ? 
_struct.pdbx_model_type_details   ? 
# 
_struct_keywords.entry_id        1BOZ 
_struct_keywords.pdbx_keywords   OXIDOREDUCTASE 
_struct_keywords.text            OXIDOREDUCTASE 
# 
loop_
_struct_asym.id 
_struct_asym.pdbx_blank_PDB_chainid_flag 
_struct_asym.pdbx_modified 
_struct_asym.entity_id 
_struct_asym.details 
A N N 1 ? 
B N N 2 ? 
C N N 3 ? 
D N N 4 ? 
# 
_struct_ref.id                         1 
_struct_ref.db_name                    UNP 
_struct_ref.db_code                    DYR_HUMAN 
_struct_ref.entity_id                  1 
_struct_ref.pdbx_db_accession          P00374 
_struct_ref.pdbx_align_begin           ? 
_struct_ref.pdbx_seq_one_letter_code   ? 
_struct_ref.pdbx_db_isoform            ? 
# 
_struct_ref_seq.align_id                      1 
_struct_ref_seq.ref_id                        1 
_struct_ref_seq.pdbx_PDB_id_code              1BOZ 
_struct_ref_seq.pdbx_strand_id                A 
_struct_ref_seq.seq_align_beg                 1 
_struct_ref_seq.pdbx_seq_align_beg_ins_code   ? 
_struct_ref_seq.seq_align_end                 186 
_struct_ref_seq.pdbx_seq_align_end_ins_code   ? 
_struct_ref_seq.pdbx_db_accession             P00374 
_struct_ref_seq.db_align_beg                  2 
_struct_ref_seq.pdbx_db_align_beg_ins_code    ? 
_struct_ref_seq.db_align_end                  187 
_struct_ref_seq.pdbx_db_align_end_ins_code    ? 
_struct_ref_seq.pdbx_auth_seq_align_beg       1 
_struct_ref_seq.pdbx_auth_seq_align_end       186 
# 
_struct_ref_seq_dif.align_id                     1 
_struct_ref_seq_dif.pdbx_pdb_id_code             1BOZ 
_struct_ref_seq_dif.mon_id                       GLY 
_struct_ref_seq_dif.pdbx_pdb_strand_id           A 
_struct_ref_seq_dif.seq_num                      31 
_struct_ref_seq_dif.pdbx_pdb_ins_code            ? 
_struct_ref_seq_dif.pdbx_seq_db_name             UNP 
_struct_ref_seq_dif.pdbx_seq_db_accession_code   P00374 
_struct_ref_seq_dif.db_mon_id                    PHE 
_struct_ref_seq_dif.pdbx_seq_db_seq_num          32 
_struct_ref_seq_dif.details                      conflict 
_struct_ref_seq_dif.pdbx_auth_seq_num            31 
_struct_ref_seq_dif.pdbx_ordinal                 1 
# 
_pdbx_struct_assembly.id                   1 
_pdbx_struct_assembly.details              author_defined_assembly 
_pdbx_struct_assembly.method_details       ? 
_pdbx_struct_assembly.oligomeric_details   monomeric 
_pdbx_struct_assembly.oligomeric_count     1 
# 
_pdbx_struct_assembly_gen.assembly_id       1 
_pdbx_struct_assembly_gen.oper_expression   1 
_pdbx_struct_assembly_gen.asym_id_list      A,B,C,D 
# 
_pdbx_struct_oper_list.id                   1 
_pdbx_struct_oper_list.type                 'identity operation' 
_pdbx_struct_oper_list.name                 1_555 
_pdbx_struct_oper_list.symmetry_operation   x,y,z 
_pdbx_struct_oper_list.matrix[1][1]         1.0000000000 
_pdbx_struct_oper_list.matrix[1][2]         0.0000000000 
_pdbx_struct_oper_list.matrix[1][3]         0.0000000000 
_pdbx_struct_oper_list.vector[1]            0.0000000000 
_pdbx_struct_oper_list.matrix[2][1]         0.0000000000 
_pdbx_struct_oper_list.matrix[2][2]         1.0000000000 
_pdbx_struct_oper_list.matrix[2][3]         0.0000000000 
_pdbx_struct_oper_list.vector[2]            0.0000000000 
_pdbx_struct_oper_list.matrix[3][1]         0.0000000000 
_pdbx_struct_oper_list.matrix[3][2]         0.0000000000 
_pdbx_struct_oper_list.matrix[3][3]         1.0000000000 
_pdbx_struct_oper_list.vector[3]            0.0000000000 
# 
_struct_biol.id   1 
# 
loop_
_struct_conf.conf_type_id 
_struct_conf.id 
_struct_conf.pdbx_PDB_helix_id 
_struct_conf.beg_label_comp_id 
_struct_conf.beg_label_asym_id 
_struct_conf.beg_label_seq_id 
_struct_conf.pdbx_beg_PDB_ins_code 
_struct_conf.end_label_comp_id 
_struct_conf.end_label_asym_id 
_struct_conf.end_label_seq_id 
_struct_conf.pdbx_end_PDB_ins_code 
_struct_conf.beg_auth_comp_id 
_struct_conf.beg_auth_asym_id 
_struct_conf.beg_auth_seq_id 
_struct_conf.end_auth_comp_id 
_struct_conf.end_auth_asym_id 
_struct_conf.end_auth_seq_id 
_struct_conf.pdbx_PDB_helix_class 
_struct_conf.details 
_struct_conf.pdbx_PDB_helix_length 
HELX_P HELX_P1 1 ARG A 28  ? THR A 39  ? ARG A 28  THR A 39  1 ? 12 
HELX_P HELX_P2 2 LYS A 54  ? PHE A 58  ? LYS A 54  PHE A 58  1 ? 5  
HELX_P HELX_P3 3 GLU A 62  ? ASN A 64  ? GLU A 62  ASN A 64  5 ? 3  
HELX_P HELX_P4 4 LEU A 93  ? GLU A 101 ? LEU A 93  GLU A 101 1 ? 9  
HELX_P HELX_P5 5 SER A 118 ? ASN A 126 ? SER A 118 ASN A 126 1 ? 9  
# 
_struct_conf_type.id          HELX_P 
_struct_conf_type.criteria    ? 
_struct_conf_type.reference   ? 
# 
loop_
_struct_mon_prot_cis.pdbx_id 
_struct_mon_prot_cis.label_comp_id 
_struct_mon_prot_cis.label_seq_id 
_struct_mon_prot_cis.label_asym_id 
_struct_mon_prot_cis.label_alt_id 
_struct_mon_prot_cis.pdbx_PDB_ins_code 
_struct_mon_prot_cis.auth_comp_id 
_struct_mon_prot_cis.auth_seq_id 
_struct_mon_prot_cis.auth_asym_id 
_struct_mon_prot_cis.pdbx_label_comp_id_2 
_struct_mon_prot_cis.pdbx_label_seq_id_2 
_struct_mon_prot_cis.pdbx_label_asym_id_2 
_struct_mon_prot_cis.pdbx_PDB_ins_code_2 
_struct_mon_prot_cis.pdbx_auth_comp_id_2 
_struct_mon_prot_cis.pdbx_auth_seq_id_2 
_struct_mon_prot_cis.pdbx_auth_asym_id_2 
_struct_mon_prot_cis.pdbx_PDB_model_num 
_struct_mon_prot_cis.pdbx_omega_angle 
1 ARG 65  A . ? ARG 65  A PRO 66  A ? PRO 66  A 1 -0.17 
2 GLY 116 A . ? GLY 116 A GLY 117 A ? GLY 117 A 1 0.47  
# 
_struct_sheet.id               A 
_struct_sheet.type             ? 
_struct_sheet.number_strands   8 
_struct_sheet.details          ? 
# 
loop_
_struct_sheet_order.sheet_id 
_struct_sheet_order.range_id_1 
_struct_sheet_order.range_id_2 
_struct_sheet_order.offset 
_struct_sheet_order.sense 
A 1 2 ? anti-parallel 
A 2 3 ? anti-parallel 
A 3 4 ? parallel      
A 4 5 ? parallel      
A 5 6 ? parallel      
A 6 7 ? parallel      
A 7 8 ? parallel      
# 
loop_
_struct_sheet_range.sheet_id 
_struct_sheet_range.id 
_struct_sheet_range.beg_label_comp_id 
_struct_sheet_range.beg_label_asym_id 
_struct_sheet_range.beg_label_seq_id 
_struct_sheet_range.pdbx_beg_PDB_ins_code 
_struct_sheet_range.end_label_comp_id 
_struct_sheet_range.end_label_asym_id 
_struct_sheet_range.end_label_seq_id 
_struct_sheet_range.pdbx_end_PDB_ins_code 
_struct_sheet_range.beg_auth_comp_id 
_struct_sheet_range.beg_auth_asym_id 
_struct_sheet_range.beg_auth_seq_id 
_struct_sheet_range.end_auth_comp_id 
_struct_sheet_range.end_auth_asym_id 
_struct_sheet_range.end_auth_seq_id 
A 1 GLN A 170 ? GLU A 172 ? GLN A 170 GLU A 172 
A 2 ILE A 175 ? ASN A 185 ? ILE A 175 ASN A 185 
A 3 HIS A 130 ? ILE A 138 ? HIS A 130 ILE A 138 
A 4 LEU A 4   ? VAL A 10  ? LEU A 4   VAL A 10  
A 5 VAL A 112 ? ILE A 114 ? VAL A 112 ILE A 114 
A 6 LEU A 49  ? GLY A 53  ? LEU A 49  GLY A 53  
A 7 ILE A 71  ? LEU A 75  ? ILE A 71  LEU A 75  
A 8 PHE A 88  ? SER A 90  ? PHE A 88  SER A 90  
# 
loop_
_pdbx_struct_sheet_hbond.sheet_id 
_pdbx_struct_sheet_hbond.range_id_1 
_pdbx_struct_sheet_hbond.range_id_2 
_pdbx_struct_sheet_hbond.range_1_label_atom_id 
_pdbx_struct_sheet_hbond.range_1_label_comp_id 
_pdbx_struct_sheet_hbond.range_1_label_asym_id 
_pdbx_struct_sheet_hbond.range_1_label_seq_id 
_pdbx_struct_sheet_hbond.range_1_PDB_ins_code 
_pdbx_struct_sheet_hbond.range_1_auth_atom_id 
_pdbx_struct_sheet_hbond.range_1_auth_comp_id 
_pdbx_struct_sheet_hbond.range_1_auth_asym_id 
_pdbx_struct_sheet_hbond.range_1_auth_seq_id 
_pdbx_struct_sheet_hbond.range_2_label_atom_id 
_pdbx_struct_sheet_hbond.range_2_label_comp_id 
_pdbx_struct_sheet_hbond.range_2_label_asym_id 
_pdbx_struct_sheet_hbond.range_2_label_seq_id 
_pdbx_struct_sheet_hbond.range_2_PDB_ins_code 
_pdbx_struct_sheet_hbond.range_2_auth_atom_id 
_pdbx_struct_sheet_hbond.range_2_auth_comp_id 
_pdbx_struct_sheet_hbond.range_2_auth_asym_id 
_pdbx_struct_sheet_hbond.range_2_auth_seq_id 
A 1 2 O GLN A 170 ? O GLN A 170 N TYR A 177 ? N TYR A 177 
A 2 3 O LYS A 178 ? O LYS A 178 N ARG A 137 ? N ARG A 137 
A 3 4 O LYS A 132 ? O LYS A 132 N CYS A 6   ? N CYS A 6   
A 4 5 O ASN A 5   ? O ASN A 5   N VAL A 112 ? N VAL A 112 
A 5 6 O TRP A 113 ? O TRP A 113 N LEU A 49  ? N LEU A 49  
A 6 7 O VAL A 50  ? O VAL A 50  N ILE A 71  ? N ILE A 71  
A 7 8 O VAL A 74  ? O VAL A 74  N PHE A 88  ? N PHE A 88  
# 
loop_
_struct_site.id 
_struct_site.pdbx_evidence_code 
_struct_site.pdbx_auth_asym_id 
_struct_site.pdbx_auth_comp_id 
_struct_site.pdbx_auth_seq_id 
_struct_site.pdbx_auth_ins_code 
_struct_site.pdbx_num_residues 
_struct_site.details 
AC1 Software A NDP 187 ? 29 'BINDING SITE FOR RESIDUE NDP A 187' 
AC2 Software A PRD 400 ? 13 'BINDING SITE FOR RESIDUE PRD A 400' 
# 
loop_
_struct_site_gen.id 
_struct_site_gen.site_id 
_struct_site_gen.pdbx_num_res 
_struct_site_gen.label_comp_id 
_struct_site_gen.label_asym_id 
_struct_site_gen.label_seq_id 
_struct_site_gen.pdbx_auth_ins_code 
_struct_site_gen.auth_comp_id 
_struct_site_gen.auth_asym_id 
_struct_site_gen.auth_seq_id 
_struct_site_gen.label_atom_id 
_struct_site_gen.label_alt_id 
_struct_site_gen.symmetry 
_struct_site_gen.details 
1  AC1 29 VAL A 8   ? VAL A 8   . ? 1_555 ? 
2  AC1 29 ALA A 9   ? ALA A 9   . ? 1_555 ? 
3  AC1 29 ILE A 16  ? ILE A 16  . ? 1_555 ? 
4  AC1 29 GLY A 17  ? GLY A 17  . ? 1_555 ? 
5  AC1 29 LYS A 18  ? LYS A 18  . ? 1_555 ? 
6  AC1 29 GLY A 20  ? GLY A 20  . ? 1_555 ? 
7  AC1 29 ASP A 21  ? ASP A 21  . ? 1_555 ? 
8  AC1 29 LEU A 22  ? LEU A 22  . ? 1_555 ? 
9  AC1 29 GLY A 53  ? GLY A 53  . ? 1_555 ? 
10 AC1 29 LYS A 54  ? LYS A 54  . ? 1_555 ? 
11 AC1 29 LYS A 55  ? LYS A 55  . ? 1_555 ? 
12 AC1 29 THR A 56  ? THR A 56  . ? 1_555 ? 
13 AC1 29 SER A 59  ? SER A 59  . ? 1_555 ? 
14 AC1 29 LEU A 75  ? LEU A 75  . ? 1_555 ? 
15 AC1 29 SER A 76  ? SER A 76  . ? 1_555 ? 
16 AC1 29 ARG A 77  ? ARG A 77  . ? 1_555 ? 
17 AC1 29 GLU A 78  ? GLU A 78  . ? 1_555 ? 
18 AC1 29 ARG A 91  ? ARG A 91  . ? 1_555 ? 
19 AC1 29 VAL A 115 ? VAL A 115 . ? 1_555 ? 
20 AC1 29 GLY A 116 ? GLY A 116 . ? 1_555 ? 
21 AC1 29 GLY A 117 ? GLY A 117 . ? 1_555 ? 
22 AC1 29 SER A 118 ? SER A 118 . ? 1_555 ? 
23 AC1 29 SER A 119 ? SER A 119 . ? 1_555 ? 
24 AC1 29 VAL A 120 ? VAL A 120 . ? 1_555 ? 
25 AC1 29 TYR A 121 ? TYR A 121 . ? 1_555 ? 
26 AC1 29 GLU A 123 ? GLU A 123 . ? 1_555 ? 
27 AC1 29 HOH D .   ? HOH A 194 . ? 1_555 ? 
28 AC1 29 HOH D .   ? HOH A 307 . ? 6_555 ? 
29 AC1 29 PRD C .   ? PRD A 400 . ? 1_555 ? 
30 AC2 13 ILE A 7   ? ILE A 7   . ? 1_555 ? 
31 AC2 13 VAL A 8   ? VAL A 8   . ? 1_555 ? 
32 AC2 13 ALA A 9   ? ALA A 9   . ? 1_555 ? 
33 AC2 13 GLU A 30  ? GLU A 30  . ? 1_555 ? 
34 AC2 13 PHE A 34  ? PHE A 34  . ? 1_555 ? 
35 AC2 13 GLN A 35  ? GLN A 35  . ? 1_555 ? 
36 AC2 13 SER A 59  ? SER A 59  . ? 1_555 ? 
37 AC2 13 PRO A 61  ? PRO A 61  . ? 1_555 ? 
38 AC2 13 LEU A 67  ? LEU A 67  . ? 1_555 ? 
39 AC2 13 VAL A 115 ? VAL A 115 . ? 1_555 ? 
40 AC2 13 TYR A 121 ? TYR A 121 . ? 1_555 ? 
41 AC2 13 THR A 136 ? THR A 136 . ? 1_555 ? 
42 AC2 13 NDP B .   ? NDP A 187 . ? 1_555 ? 
# 
_pdbx_validate_symm_contact.id                1 
_pdbx_validate_symm_contact.PDB_model_num     1 
_pdbx_validate_symm_contact.auth_atom_id_1    O 
_pdbx_validate_symm_contact.auth_asym_id_1    A 
_pdbx_validate_symm_contact.auth_comp_id_1    HOH 
_pdbx_validate_symm_contact.auth_seq_id_1     226 
_pdbx_validate_symm_contact.PDB_ins_code_1    ? 
_pdbx_validate_symm_contact.label_alt_id_1    ? 
_pdbx_validate_symm_contact.site_symmetry_1   1_555 
_pdbx_validate_symm_contact.auth_atom_id_2    O 
_pdbx_validate_symm_contact.auth_asym_id_2    A 
_pdbx_validate_symm_contact.auth_comp_id_2    HOH 
_pdbx_validate_symm_contact.auth_seq_id_2     266 
_pdbx_validate_symm_contact.PDB_ins_code_2    ? 
_pdbx_validate_symm_contact.label_alt_id_2    ? 
_pdbx_validate_symm_contact.site_symmetry_2   6_555 
_pdbx_validate_symm_contact.dist              2.10 
# 
_pdbx_validate_rmsd_bond.id                        1 
_pdbx_validate_rmsd_bond.PDB_model_num             1 
_pdbx_validate_rmsd_bond.auth_atom_id_1            CB 
_pdbx_validate_rmsd_bond.auth_asym_id_1            A 
_pdbx_validate_rmsd_bond.auth_comp_id_1            SER 
_pdbx_validate_rmsd_bond.auth_seq_id_1             119 
_pdbx_validate_rmsd_bond.PDB_ins_code_1            ? 
_pdbx_validate_rmsd_bond.label_alt_id_1            ? 
_pdbx_validate_rmsd_bond.auth_atom_id_2            OG 
_pdbx_validate_rmsd_bond.auth_asym_id_2            A 
_pdbx_validate_rmsd_bond.auth_comp_id_2            SER 
_pdbx_validate_rmsd_bond.auth_seq_id_2             119 
_pdbx_validate_rmsd_bond.PDB_ins_code_2            ? 
_pdbx_validate_rmsd_bond.label_alt_id_2            ? 
_pdbx_validate_rmsd_bond.bond_value                1.497 
_pdbx_validate_rmsd_bond.bond_target_value         1.418 
_pdbx_validate_rmsd_bond.bond_deviation            0.079 
_pdbx_validate_rmsd_bond.bond_standard_deviation   0.013 
_pdbx_validate_rmsd_bond.linker_flag               N 
# 
loop_
_pdbx_validate_rmsd_angle.id 
_pdbx_validate_rmsd_angle.PDB_model_num 
_pdbx_validate_rmsd_angle.auth_atom_id_1 
_pdbx_validate_rmsd_angle.auth_asym_id_1 
_pdbx_validate_rmsd_angle.auth_comp_id_1 
_pdbx_validate_rmsd_angle.auth_seq_id_1 
_pdbx_validate_rmsd_angle.PDB_ins_code_1 
_pdbx_validate_rmsd_angle.label_alt_id_1 
_pdbx_validate_rmsd_angle.auth_atom_id_2 
_pdbx_validate_rmsd_angle.auth_asym_id_2 
_pdbx_validate_rmsd_angle.auth_comp_id_2 
_pdbx_validate_rmsd_angle.auth_seq_id_2 
_pdbx_validate_rmsd_angle.PDB_ins_code_2 
_pdbx_validate_rmsd_angle.label_alt_id_2 
_pdbx_validate_rmsd_angle.auth_atom_id_3 
_pdbx_validate_rmsd_angle.auth_asym_id_3 
_pdbx_validate_rmsd_angle.auth_comp_id_3 
_pdbx_validate_rmsd_angle.auth_seq_id_3 
_pdbx_validate_rmsd_angle.PDB_ins_code_3 
_pdbx_validate_rmsd_angle.label_alt_id_3 
_pdbx_validate_rmsd_angle.angle_value 
_pdbx_validate_rmsd_angle.angle_target_value 
_pdbx_validate_rmsd_angle.angle_deviation 
_pdbx_validate_rmsd_angle.angle_standard_deviation 
_pdbx_validate_rmsd_angle.linker_flag 
1  1 N  A SER 3   ? ? CA  A SER 3   ? ? CB  A SER 3   ? ? 101.04 110.50 -9.46 1.50 N 
2  1 CA A VAL 10  ? ? CB  A VAL 10  ? ? CG1 A VAL 10  ? ? 121.71 110.90 10.81 1.50 N 
3  1 CB A ASP 21  ? ? CG  A ASP 21  ? ? OD1 A ASP 21  ? ? 125.00 118.30 6.70  0.90 N 
4  1 CB A ASP 21  ? ? CG  A ASP 21  ? ? OD2 A ASP 21  ? ? 108.89 118.30 -9.41 0.90 N 
5  1 CD A ARG 28  ? ? NE  A ARG 28  ? ? CZ  A ARG 28  ? ? 132.39 123.60 8.79  1.40 N 
6  1 NE A ARG 32  ? ? CZ  A ARG 32  ? ? NH2 A ARG 32  ? ? 123.37 120.30 3.07  0.50 N 
7  1 CB A TYR 33  ? ? CG  A TYR 33  ? ? CD1 A TYR 33  ? ? 116.84 121.00 -4.16 0.60 N 
8  1 NE A ARG 36  ? ? CZ  A ARG 36  ? ? NH1 A ARG 36  ? ? 123.79 120.30 3.49  0.50 N 
9  1 NE A ARG 36  ? ? CZ  A ARG 36  ? ? NH2 A ARG 36  ? ? 113.32 120.30 -6.98 0.50 N 
10 1 CD A ARG 65  ? ? NE  A ARG 65  ? ? CZ  A ARG 65  ? ? 154.00 123.60 30.40 1.40 N 
11 1 NE A ARG 65  ? ? CZ  A ARG 65  ? ? NH2 A ARG 65  ? ? 124.11 120.30 3.81  0.50 N 
12 1 NE A ARG 70  ? ? CZ  A ARG 70  ? ? NH2 A ARG 70  ? ? 115.70 120.30 -4.60 0.50 N 
13 1 CG A GLU 78  ? ? CD  A GLU 78  ? ? OE1 A GLU 78  ? ? 133.91 118.30 15.61 2.00 N 
14 1 NE A ARG 91  ? ? CZ  A ARG 91  ? ? NH1 A ARG 91  ? ? 123.55 120.30 3.25  0.50 N 
15 1 CB A ASP 110 ? ? CG  A ASP 110 ? ? OD2 A ASP 110 ? ? 124.59 118.30 6.29  0.90 N 
16 1 CB A ILE 138 ? ? CG1 A ILE 138 ? ? CD1 A ILE 138 ? ? 132.26 113.90 18.36 2.80 N 
17 1 CB A ASP 145 ? ? CG  A ASP 145 ? ? OD1 A ASP 145 ? ? 126.34 118.30 8.04  0.90 N 
18 1 CB A GLU 150 ? ? CG  A GLU 150 ? ? CD  A GLU 150 ? ? 131.45 114.20 17.25 2.70 N 
19 1 CB A ASP 168 ? ? CG  A ASP 168 ? ? OD2 A ASP 168 ? ? 124.15 118.30 5.85  0.90 N 
# 
loop_
_pdbx_validate_torsion.id 
_pdbx_validate_torsion.PDB_model_num 
_pdbx_validate_torsion.auth_comp_id 
_pdbx_validate_torsion.auth_asym_id 
_pdbx_validate_torsion.auth_seq_id 
_pdbx_validate_torsion.PDB_ins_code 
_pdbx_validate_torsion.label_alt_id 
_pdbx_validate_torsion.phi 
_pdbx_validate_torsion.psi 
1 1 ASN A 19  ? ? 36.92  50.51  
2 1 GLU A 104 ? ? -55.17 -70.24 
3 1 ASP A 110 ? ? -92.98 -98.10 
4 1 MET A 139 ? ? -75.95 48.83  
# 
_pdbx_validate_planes.id              1 
_pdbx_validate_planes.PDB_model_num   1 
_pdbx_validate_planes.auth_comp_id    ARG 
_pdbx_validate_planes.auth_asym_id    A 
_pdbx_validate_planes.auth_seq_id     36 
_pdbx_validate_planes.PDB_ins_code    ? 
_pdbx_validate_planes.label_alt_id    ? 
_pdbx_validate_planes.rmsd            0.079 
_pdbx_validate_planes.type            'SIDE CHAIN' 
# 
loop_
_chem_comp_atom.comp_id 
_chem_comp_atom.atom_id 
_chem_comp_atom.type_symbol 
_chem_comp_atom.pdbx_aromatic_flag 
_chem_comp_atom.pdbx_stereo_config 
_chem_comp_atom.pdbx_ordinal 
ALA N      N N N 1   
ALA CA     C N S 2   
ALA C      C N N 3   
ALA O      O N N 4   
ALA CB     C N N 5   
ALA OXT    O N N 6   
ALA H      H N N 7   
ALA H2     H N N 8   
ALA HA     H N N 9   
ALA HB1    H N N 10  
ALA HB2    H N N 11  
ALA HB3    H N N 12  
ALA HXT    H N N 13  
ARG N      N N N 14  
ARG CA     C N S 15  
ARG C      C N N 16  
ARG O      O N N 17  
ARG CB     C N N 18  
ARG CG     C N N 19  
ARG CD     C N N 20  
ARG NE     N N N 21  
ARG CZ     C N N 22  
ARG NH1    N N N 23  
ARG NH2    N N N 24  
ARG OXT    O N N 25  
ARG H      H N N 26  
ARG H2     H N N 27  
ARG HA     H N N 28  
ARG HB2    H N N 29  
ARG HB3    H N N 30  
ARG HG2    H N N 31  
ARG HG3    H N N 32  
ARG HD2    H N N 33  
ARG HD3    H N N 34  
ARG HE     H N N 35  
ARG HH11   H N N 36  
ARG HH12   H N N 37  
ARG HH21   H N N 38  
ARG HH22   H N N 39  
ARG HXT    H N N 40  
ASN N      N N N 41  
ASN CA     C N S 42  
ASN C      C N N 43  
ASN O      O N N 44  
ASN CB     C N N 45  
ASN CG     C N N 46  
ASN OD1    O N N 47  
ASN ND2    N N N 48  
ASN OXT    O N N 49  
ASN H      H N N 50  
ASN H2     H N N 51  
ASN HA     H N N 52  
ASN HB2    H N N 53  
ASN HB3    H N N 54  
ASN HD21   H N N 55  
ASN HD22   H N N 56  
ASN HXT    H N N 57  
ASP N      N N N 58  
ASP CA     C N S 59  
ASP C      C N N 60  
ASP O      O N N 61  
ASP CB     C N N 62  
ASP CG     C N N 63  
ASP OD1    O N N 64  
ASP OD2    O N N 65  
ASP OXT    O N N 66  
ASP H      H N N 67  
ASP H2     H N N 68  
ASP HA     H N N 69  
ASP HB2    H N N 70  
ASP HB3    H N N 71  
ASP HD2    H N N 72  
ASP HXT    H N N 73  
CYS N      N N N 74  
CYS CA     C N R 75  
CYS C      C N N 76  
CYS O      O N N 77  
CYS CB     C N N 78  
CYS SG     S N N 79  
CYS OXT    O N N 80  
CYS H      H N N 81  
CYS H2     H N N 82  
CYS HA     H N N 83  
CYS HB2    H N N 84  
CYS HB3    H N N 85  
CYS HG     H N N 86  
CYS HXT    H N N 87  
GLN N      N N N 88  
GLN CA     C N S 89  
GLN C      C N N 90  
GLN O      O N N 91  
GLN CB     C N N 92  
GLN CG     C N N 93  
GLN CD     C N N 94  
GLN OE1    O N N 95  
GLN NE2    N N N 96  
GLN OXT    O N N 97  
GLN H      H N N 98  
GLN H2     H N N 99  
GLN HA     H N N 100 
GLN HB2    H N N 101 
GLN HB3    H N N 102 
GLN HG2    H N N 103 
GLN HG3    H N N 104 
GLN HE21   H N N 105 
GLN HE22   H N N 106 
GLN HXT    H N N 107 
GLU N      N N N 108 
GLU CA     C N S 109 
GLU C      C N N 110 
GLU O      O N N 111 
GLU CB     C N N 112 
GLU CG     C N N 113 
GLU CD     C N N 114 
GLU OE1    O N N 115 
GLU OE2    O N N 116 
GLU OXT    O N N 117 
GLU H      H N N 118 
GLU H2     H N N 119 
GLU HA     H N N 120 
GLU HB2    H N N 121 
GLU HB3    H N N 122 
GLU HG2    H N N 123 
GLU HG3    H N N 124 
GLU HE2    H N N 125 
GLU HXT    H N N 126 
GLY N      N N N 127 
GLY CA     C N N 128 
GLY C      C N N 129 
GLY O      O N N 130 
GLY OXT    O N N 131 
GLY H      H N N 132 
GLY H2     H N N 133 
GLY HA2    H N N 134 
GLY HA3    H N N 135 
GLY HXT    H N N 136 
HIS N      N N N 137 
HIS CA     C N S 138 
HIS C      C N N 139 
HIS O      O N N 140 
HIS CB     C N N 141 
HIS CG     C Y N 142 
HIS ND1    N Y N 143 
HIS CD2    C Y N 144 
HIS CE1    C Y N 145 
HIS NE2    N Y N 146 
HIS OXT    O N N 147 
HIS H      H N N 148 
HIS H2     H N N 149 
HIS HA     H N N 150 
HIS HB2    H N N 151 
HIS HB3    H N N 152 
HIS HD1    H N N 153 
HIS HD2    H N N 154 
HIS HE1    H N N 155 
HIS HE2    H N N 156 
HIS HXT    H N N 157 
HOH O      O N N 158 
HOH H1     H N N 159 
HOH H2     H N N 160 
ILE N      N N N 161 
ILE CA     C N S 162 
ILE C      C N N 163 
ILE O      O N N 164 
ILE CB     C N S 165 
ILE CG1    C N N 166 
ILE CG2    C N N 167 
ILE CD1    C N N 168 
ILE OXT    O N N 169 
ILE H      H N N 170 
ILE H2     H N N 171 
ILE HA     H N N 172 
ILE HB     H N N 173 
ILE HG12   H N N 174 
ILE HG13   H N N 175 
ILE HG21   H N N 176 
ILE HG22   H N N 177 
ILE HG23   H N N 178 
ILE HD11   H N N 179 
ILE HD12   H N N 180 
ILE HD13   H N N 181 
ILE HXT    H N N 182 
LEU N      N N N 183 
LEU CA     C N S 184 
LEU C      C N N 185 
LEU O      O N N 186 
LEU CB     C N N 187 
LEU CG     C N N 188 
LEU CD1    C N N 189 
LEU CD2    C N N 190 
LEU OXT    O N N 191 
LEU H      H N N 192 
LEU H2     H N N 193 
LEU HA     H N N 194 
LEU HB2    H N N 195 
LEU HB3    H N N 196 
LEU HG     H N N 197 
LEU HD11   H N N 198 
LEU HD12   H N N 199 
LEU HD13   H N N 200 
LEU HD21   H N N 201 
LEU HD22   H N N 202 
LEU HD23   H N N 203 
LEU HXT    H N N 204 
LYS N      N N N 205 
LYS CA     C N S 206 
LYS C      C N N 207 
LYS O      O N N 208 
LYS CB     C N N 209 
LYS CG     C N N 210 
LYS CD     C N N 211 
LYS CE     C N N 212 
LYS NZ     N N N 213 
LYS OXT    O N N 214 
LYS H      H N N 215 
LYS H2     H N N 216 
LYS HA     H N N 217 
LYS HB2    H N N 218 
LYS HB3    H N N 219 
LYS HG2    H N N 220 
LYS HG3    H N N 221 
LYS HD2    H N N 222 
LYS HD3    H N N 223 
LYS HE2    H N N 224 
LYS HE3    H N N 225 
LYS HZ1    H N N 226 
LYS HZ2    H N N 227 
LYS HZ3    H N N 228 
LYS HXT    H N N 229 
MET N      N N N 230 
MET CA     C N S 231 
MET C      C N N 232 
MET O      O N N 233 
MET CB     C N N 234 
MET CG     C N N 235 
MET SD     S N N 236 
MET CE     C N N 237 
MET OXT    O N N 238 
MET H      H N N 239 
MET H2     H N N 240 
MET HA     H N N 241 
MET HB2    H N N 242 
MET HB3    H N N 243 
MET HG2    H N N 244 
MET HG3    H N N 245 
MET HE1    H N N 246 
MET HE2    H N N 247 
MET HE3    H N N 248 
MET HXT    H N N 249 
NDP PA     P N S 250 
NDP O1A    O N N 251 
NDP O2A    O N N 252 
NDP O5B    O N N 253 
NDP C5B    C N N 254 
NDP C4B    C N R 255 
NDP O4B    O N N 256 
NDP C3B    C N R 257 
NDP O3B    O N N 258 
NDP C2B    C N R 259 
NDP O2B    O N N 260 
NDP C1B    C N R 261 
NDP N9A    N Y N 262 
NDP C8A    C Y N 263 
NDP N7A    N Y N 264 
NDP C5A    C Y N 265 
NDP C6A    C Y N 266 
NDP N6A    N N N 267 
NDP N1A    N Y N 268 
NDP C2A    C Y N 269 
NDP N3A    N Y N 270 
NDP C4A    C Y N 271 
NDP O3     O N N 272 
NDP PN     P N S 273 
NDP O1N    O N N 274 
NDP O2N    O N N 275 
NDP O5D    O N N 276 
NDP C5D    C N N 277 
NDP C4D    C N R 278 
NDP O4D    O N N 279 
NDP C3D    C N S 280 
NDP O3D    O N N 281 
NDP C2D    C N R 282 
NDP O2D    O N N 283 
NDP C1D    C N R 284 
NDP N1N    N N N 285 
NDP C2N    C N N 286 
NDP C3N    C N N 287 
NDP C7N    C N N 288 
NDP O7N    O N N 289 
NDP N7N    N N N 290 
NDP C4N    C N N 291 
NDP C5N    C N N 292 
NDP C6N    C N N 293 
NDP P2B    P N N 294 
NDP O1X    O N N 295 
NDP O2X    O N N 296 
NDP O3X    O N N 297 
NDP HOA2   H N N 298 
NDP H51A   H N N 299 
NDP H52A   H N N 300 
NDP H4B    H N N 301 
NDP H3B    H N N 302 
NDP HO3A   H N N 303 
NDP H2B    H N N 304 
NDP H1B    H N N 305 
NDP H8A    H N N 306 
NDP H61A   H N N 307 
NDP H62A   H N N 308 
NDP H2A    H N N 309 
NDP H21N   H N N 310 
NDP H51N   H N N 311 
NDP H52N   H N N 312 
NDP H4D    H N N 313 
NDP H3D    H N N 314 
NDP HO3N   H N N 315 
NDP H2D    H N N 316 
NDP HO2N   H N N 317 
NDP H1D    H N N 318 
NDP H2N    H N N 319 
NDP H71N   H N N 320 
NDP H72N   H N N 321 
NDP H41N   H N N 322 
NDP H42N   H N N 323 
NDP H5N    H N N 324 
NDP H6N    H N N 325 
NDP HOP2   H N N 326 
NDP HOP3   H N N 327 
PHE N      N N N 328 
PHE CA     C N S 329 
PHE C      C N N 330 
PHE O      O N N 331 
PHE CB     C N N 332 
PHE CG     C Y N 333 
PHE CD1    C Y N 334 
PHE CD2    C Y N 335 
PHE CE1    C Y N 336 
PHE CE2    C Y N 337 
PHE CZ     C Y N 338 
PHE OXT    O N N 339 
PHE H      H N N 340 
PHE H2     H N N 341 
PHE HA     H N N 342 
PHE HB2    H N N 343 
PHE HB3    H N N 344 
PHE HD1    H N N 345 
PHE HD2    H N N 346 
PHE HE1    H N N 347 
PHE HE2    H N N 348 
PHE HZ     H N N 349 
PHE HXT    H N N 350 
PRD C4A    C Y N 351 
PRD C8A    C Y N 352 
PRD "N1'"  N Y N 353 
PRD "N8'"  N Y N 354 
PRD C7B    C Y N 355 
PRD C6B    C Y N 356 
PRD "N6'"  N N R 357 
PRD C61    C N N 358 
PRD C5B    C Y N 359 
PRD C4B    C Y N 360 
PRD "N4'"  N N N 361 
PRD "N3'"  N Y N 362 
PRD C2B    C Y N 363 
PRD "N2'"  N N N 364 
PRD "C7'"  C N N 365 
PRD "C1'"  C Y N 366 
PRD "C2'"  C Y N 367 
PRD "C3'"  C Y N 368 
PRD "C4'"  C Y N 369 
PRD "C5'"  C Y N 370 
PRD "C6'"  C Y N 371 
PRD "O2'"  O N N 372 
PRD C21    C N N 373 
PRD "O5'"  O N N 374 
PRD C51    C N N 375 
PRD "H7'"  H N N 376 
PRD HC61   H N N 377 
PRD HC62   H N N 378 
PRD HC63   H N N 379 
PRD "H5'"  H N N 380 
PRD HN41   H N N 381 
PRD HN42   H N N 382 
PRD HN21   H N N 383 
PRD HN22   H N N 384 
PRD HC71   H N N 385 
PRD HC72   H N N 386 
PRD "HC3'" H N N 387 
PRD "HC4'" H N N 388 
PRD "HC6'" H N N 389 
PRD HC21   H N N 390 
PRD HC22   H N N 391 
PRD HC23   H N N 392 
PRD HC51   H N N 393 
PRD HC52   H N N 394 
PRD HC53   H N N 395 
PRO N      N N N 396 
PRO CA     C N S 397 
PRO C      C N N 398 
PRO O      O N N 399 
PRO CB     C N N 400 
PRO CG     C N N 401 
PRO CD     C N N 402 
PRO OXT    O N N 403 
PRO H      H N N 404 
PRO HA     H N N 405 
PRO HB2    H N N 406 
PRO HB3    H N N 407 
PRO HG2    H N N 408 
PRO HG3    H N N 409 
PRO HD2    H N N 410 
PRO HD3    H N N 411 
PRO HXT    H N N 412 
SER N      N N N 413 
SER CA     C N S 414 
SER C      C N N 415 
SER O      O N N 416 
SER CB     C N N 417 
SER OG     O N N 418 
SER OXT    O N N 419 
SER H      H N N 420 
SER H2     H N N 421 
SER HA     H N N 422 
SER HB2    H N N 423 
SER HB3    H N N 424 
SER HG     H N N 425 
SER HXT    H N N 426 
THR N      N N N 427 
THR CA     C N S 428 
THR C      C N N 429 
THR O      O N N 430 
THR CB     C N R 431 
THR OG1    O N N 432 
THR CG2    C N N 433 
THR OXT    O N N 434 
THR H      H N N 435 
THR H2     H N N 436 
THR HA     H N N 437 
THR HB     H N N 438 
THR HG1    H N N 439 
THR HG21   H N N 440 
THR HG22   H N N 441 
THR HG23   H N N 442 
THR HXT    H N N 443 
TRP N      N N N 444 
TRP CA     C N S 445 
TRP C      C N N 446 
TRP O      O N N 447 
TRP CB     C N N 448 
TRP CG     C Y N 449 
TRP CD1    C Y N 450 
TRP CD2    C Y N 451 
TRP NE1    N Y N 452 
TRP CE2    C Y N 453 
TRP CE3    C Y N 454 
TRP CZ2    C Y N 455 
TRP CZ3    C Y N 456 
TRP CH2    C Y N 457 
TRP OXT    O N N 458 
TRP H      H N N 459 
TRP H2     H N N 460 
TRP HA     H N N 461 
TRP HB2    H N N 462 
TRP HB3    H N N 463 
TRP HD1    H N N 464 
TRP HE1    H N N 465 
TRP HE3    H N N 466 
TRP HZ2    H N N 467 
TRP HZ3    H N N 468 
TRP HH2    H N N 469 
TRP HXT    H N N 470 
TYR N      N N N 471 
TYR CA     C N S 472 
TYR C      C N N 473 
TYR O      O N N 474 
TYR CB     C N N 475 
TYR CG     C Y N 476 
TYR CD1    C Y N 477 
TYR CD2    C Y N 478 
TYR CE1    C Y N 479 
TYR CE2    C Y N 480 
TYR CZ     C Y N 481 
TYR OH     O N N 482 
TYR OXT    O N N 483 
TYR H      H N N 484 
TYR H2     H N N 485 
TYR HA     H N N 486 
TYR HB2    H N N 487 
TYR HB3    H N N 488 
TYR HD1    H N N 489 
TYR HD2    H N N 490 
TYR HE1    H N N 491 
TYR HE2    H N N 492 
TYR HH     H N N 493 
TYR HXT    H N N 494 
VAL N      N N N 495 
VAL CA     C N S 496 
VAL C      C N N 497 
VAL O      O N N 498 
VAL CB     C N N 499 
VAL CG1    C N N 500 
VAL CG2    C N N 501 
VAL OXT    O N N 502 
VAL H      H N N 503 
VAL H2     H N N 504 
VAL HA     H N N 505 
VAL HB     H N N 506 
VAL HG11   H N N 507 
VAL HG12   H N N 508 
VAL HG13   H N N 509 
VAL HG21   H N N 510 
VAL HG22   H N N 511 
VAL HG23   H N N 512 
VAL HXT    H N N 513 
# 
loop_
_chem_comp_bond.comp_id 
_chem_comp_bond.atom_id_1 
_chem_comp_bond.atom_id_2 
_chem_comp_bond.value_order 
_chem_comp_bond.pdbx_aromatic_flag 
_chem_comp_bond.pdbx_stereo_config 
_chem_comp_bond.pdbx_ordinal 
ALA N     CA     sing N N 1   
ALA N     H      sing N N 2   
ALA N     H2     sing N N 3   
ALA CA    C      sing N N 4   
ALA CA    CB     sing N N 5   
ALA CA    HA     sing N N 6   
ALA C     O      doub N N 7   
ALA C     OXT    sing N N 8   
ALA CB    HB1    sing N N 9   
ALA CB    HB2    sing N N 10  
ALA CB    HB3    sing N N 11  
ALA OXT   HXT    sing N N 12  
ARG N     CA     sing N N 13  
ARG N     H      sing N N 14  
ARG N     H2     sing N N 15  
ARG CA    C      sing N N 16  
ARG CA    CB     sing N N 17  
ARG CA    HA     sing N N 18  
ARG C     O      doub N N 19  
ARG C     OXT    sing N N 20  
ARG CB    CG     sing N N 21  
ARG CB    HB2    sing N N 22  
ARG CB    HB3    sing N N 23  
ARG CG    CD     sing N N 24  
ARG CG    HG2    sing N N 25  
ARG CG    HG3    sing N N 26  
ARG CD    NE     sing N N 27  
ARG CD    HD2    sing N N 28  
ARG CD    HD3    sing N N 29  
ARG NE    CZ     sing N N 30  
ARG NE    HE     sing N N 31  
ARG CZ    NH1    sing N N 32  
ARG CZ    NH2    doub N N 33  
ARG NH1   HH11   sing N N 34  
ARG NH1   HH12   sing N N 35  
ARG NH2   HH21   sing N N 36  
ARG NH2   HH22   sing N N 37  
ARG OXT   HXT    sing N N 38  
ASN N     CA     sing N N 39  
ASN N     H      sing N N 40  
ASN N     H2     sing N N 41  
ASN CA    C      sing N N 42  
ASN CA    CB     sing N N 43  
ASN CA    HA     sing N N 44  
ASN C     O      doub N N 45  
ASN C     OXT    sing N N 46  
ASN CB    CG     sing N N 47  
ASN CB    HB2    sing N N 48  
ASN CB    HB3    sing N N 49  
ASN CG    OD1    doub N N 50  
ASN CG    ND2    sing N N 51  
ASN ND2   HD21   sing N N 52  
ASN ND2   HD22   sing N N 53  
ASN OXT   HXT    sing N N 54  
ASP N     CA     sing N N 55  
ASP N     H      sing N N 56  
ASP N     H2     sing N N 57  
ASP CA    C      sing N N 58  
ASP CA    CB     sing N N 59  
ASP CA    HA     sing N N 60  
ASP C     O      doub N N 61  
ASP C     OXT    sing N N 62  
ASP CB    CG     sing N N 63  
ASP CB    HB2    sing N N 64  
ASP CB    HB3    sing N N 65  
ASP CG    OD1    doub N N 66  
ASP CG    OD2    sing N N 67  
ASP OD2   HD2    sing N N 68  
ASP OXT   HXT    sing N N 69  
CYS N     CA     sing N N 70  
CYS N     H      sing N N 71  
CYS N     H2     sing N N 72  
CYS CA    C      sing N N 73  
CYS CA    CB     sing N N 74  
CYS CA    HA     sing N N 75  
CYS C     O      doub N N 76  
CYS C     OXT    sing N N 77  
CYS CB    SG     sing N N 78  
CYS CB    HB2    sing N N 79  
CYS CB    HB3    sing N N 80  
CYS SG    HG     sing N N 81  
CYS OXT   HXT    sing N N 82  
GLN N     CA     sing N N 83  
GLN N     H      sing N N 84  
GLN N     H2     sing N N 85  
GLN CA    C      sing N N 86  
GLN CA    CB     sing N N 87  
GLN CA    HA     sing N N 88  
GLN C     O      doub N N 89  
GLN C     OXT    sing N N 90  
GLN CB    CG     sing N N 91  
GLN CB    HB2    sing N N 92  
GLN CB    HB3    sing N N 93  
GLN CG    CD     sing N N 94  
GLN CG    HG2    sing N N 95  
GLN CG    HG3    sing N N 96  
GLN CD    OE1    doub N N 97  
GLN CD    NE2    sing N N 98  
GLN NE2   HE21   sing N N 99  
GLN NE2   HE22   sing N N 100 
GLN OXT   HXT    sing N N 101 
GLU N     CA     sing N N 102 
GLU N     H      sing N N 103 
GLU N     H2     sing N N 104 
GLU CA    C      sing N N 105 
GLU CA    CB     sing N N 106 
GLU CA    HA     sing N N 107 
GLU C     O      doub N N 108 
GLU C     OXT    sing N N 109 
GLU CB    CG     sing N N 110 
GLU CB    HB2    sing N N 111 
GLU CB    HB3    sing N N 112 
GLU CG    CD     sing N N 113 
GLU CG    HG2    sing N N 114 
GLU CG    HG3    sing N N 115 
GLU CD    OE1    doub N N 116 
GLU CD    OE2    sing N N 117 
GLU OE2   HE2    sing N N 118 
GLU OXT   HXT    sing N N 119 
GLY N     CA     sing N N 120 
GLY N     H      sing N N 121 
GLY N     H2     sing N N 122 
GLY CA    C      sing N N 123 
GLY CA    HA2    sing N N 124 
GLY CA    HA3    sing N N 125 
GLY C     O      doub N N 126 
GLY C     OXT    sing N N 127 
GLY OXT   HXT    sing N N 128 
HIS N     CA     sing N N 129 
HIS N     H      sing N N 130 
HIS N     H2     sing N N 131 
HIS CA    C      sing N N 132 
HIS CA    CB     sing N N 133 
HIS CA    HA     sing N N 134 
HIS C     O      doub N N 135 
HIS C     OXT    sing N N 136 
HIS CB    CG     sing N N 137 
HIS CB    HB2    sing N N 138 
HIS CB    HB3    sing N N 139 
HIS CG    ND1    sing Y N 140 
HIS CG    CD2    doub Y N 141 
HIS ND1   CE1    doub Y N 142 
HIS ND1   HD1    sing N N 143 
HIS CD2   NE2    sing Y N 144 
HIS CD2   HD2    sing N N 145 
HIS CE1   NE2    sing Y N 146 
HIS CE1   HE1    sing N N 147 
HIS NE2   HE2    sing N N 148 
HIS OXT   HXT    sing N N 149 
HOH O     H1     sing N N 150 
HOH O     H2     sing N N 151 
ILE N     CA     sing N N 152 
ILE N     H      sing N N 153 
ILE N     H2     sing N N 154 
ILE CA    C      sing N N 155 
ILE CA    CB     sing N N 156 
ILE CA    HA     sing N N 157 
ILE C     O      doub N N 158 
ILE C     OXT    sing N N 159 
ILE CB    CG1    sing N N 160 
ILE CB    CG2    sing N N 161 
ILE CB    HB     sing N N 162 
ILE CG1   CD1    sing N N 163 
ILE CG1   HG12   sing N N 164 
ILE CG1   HG13   sing N N 165 
ILE CG2   HG21   sing N N 166 
ILE CG2   HG22   sing N N 167 
ILE CG2   HG23   sing N N 168 
ILE CD1   HD11   sing N N 169 
ILE CD1   HD12   sing N N 170 
ILE CD1   HD13   sing N N 171 
ILE OXT   HXT    sing N N 172 
LEU N     CA     sing N N 173 
LEU N     H      sing N N 174 
LEU N     H2     sing N N 175 
LEU CA    C      sing N N 176 
LEU CA    CB     sing N N 177 
LEU CA    HA     sing N N 178 
LEU C     O      doub N N 179 
LEU C     OXT    sing N N 180 
LEU CB    CG     sing N N 181 
LEU CB    HB2    sing N N 182 
LEU CB    HB3    sing N N 183 
LEU CG    CD1    sing N N 184 
LEU CG    CD2    sing N N 185 
LEU CG    HG     sing N N 186 
LEU CD1   HD11   sing N N 187 
LEU CD1   HD12   sing N N 188 
LEU CD1   HD13   sing N N 189 
LEU CD2   HD21   sing N N 190 
LEU CD2   HD22   sing N N 191 
LEU CD2   HD23   sing N N 192 
LEU OXT   HXT    sing N N 193 
LYS N     CA     sing N N 194 
LYS N     H      sing N N 195 
LYS N     H2     sing N N 196 
LYS CA    C      sing N N 197 
LYS CA    CB     sing N N 198 
LYS CA    HA     sing N N 199 
LYS C     O      doub N N 200 
LYS C     OXT    sing N N 201 
LYS CB    CG     sing N N 202 
LYS CB    HB2    sing N N 203 
LYS CB    HB3    sing N N 204 
LYS CG    CD     sing N N 205 
LYS CG    HG2    sing N N 206 
LYS CG    HG3    sing N N 207 
LYS CD    CE     sing N N 208 
LYS CD    HD2    sing N N 209 
LYS CD    HD3    sing N N 210 
LYS CE    NZ     sing N N 211 
LYS CE    HE2    sing N N 212 
LYS CE    HE3    sing N N 213 
LYS NZ    HZ1    sing N N 214 
LYS NZ    HZ2    sing N N 215 
LYS NZ    HZ3    sing N N 216 
LYS OXT   HXT    sing N N 217 
MET N     CA     sing N N 218 
MET N     H      sing N N 219 
MET N     H2     sing N N 220 
MET CA    C      sing N N 221 
MET CA    CB     sing N N 222 
MET CA    HA     sing N N 223 
MET C     O      doub N N 224 
MET C     OXT    sing N N 225 
MET CB    CG     sing N N 226 
MET CB    HB2    sing N N 227 
MET CB    HB3    sing N N 228 
MET CG    SD     sing N N 229 
MET CG    HG2    sing N N 230 
MET CG    HG3    sing N N 231 
MET SD    CE     sing N N 232 
MET CE    HE1    sing N N 233 
MET CE    HE2    sing N N 234 
MET CE    HE3    sing N N 235 
MET OXT   HXT    sing N N 236 
NDP PA    O1A    doub N N 237 
NDP PA    O2A    sing N N 238 
NDP PA    O5B    sing N N 239 
NDP PA    O3     sing N N 240 
NDP O2A   HOA2   sing N N 241 
NDP O5B   C5B    sing N N 242 
NDP C5B   C4B    sing N N 243 
NDP C5B   H51A   sing N N 244 
NDP C5B   H52A   sing N N 245 
NDP C4B   O4B    sing N N 246 
NDP C4B   C3B    sing N N 247 
NDP C4B   H4B    sing N N 248 
NDP O4B   C1B    sing N N 249 
NDP C3B   O3B    sing N N 250 
NDP C3B   C2B    sing N N 251 
NDP C3B   H3B    sing N N 252 
NDP O3B   HO3A   sing N N 253 
NDP C2B   O2B    sing N N 254 
NDP C2B   C1B    sing N N 255 
NDP C2B   H2B    sing N N 256 
NDP O2B   P2B    sing N N 257 
NDP C1B   N9A    sing N N 258 
NDP C1B   H1B    sing N N 259 
NDP N9A   C8A    sing Y N 260 
NDP N9A   C4A    sing Y N 261 
NDP C8A   N7A    doub Y N 262 
NDP C8A   H8A    sing N N 263 
NDP N7A   C5A    sing Y N 264 
NDP C5A   C6A    sing Y N 265 
NDP C5A   C4A    doub Y N 266 
NDP C6A   N6A    sing N N 267 
NDP C6A   N1A    doub Y N 268 
NDP N6A   H61A   sing N N 269 
NDP N6A   H62A   sing N N 270 
NDP N1A   C2A    sing Y N 271 
NDP C2A   N3A    doub Y N 272 
NDP C2A   H2A    sing N N 273 
NDP N3A   C4A    sing Y N 274 
NDP O3    PN     sing N N 275 
NDP PN    O1N    doub N N 276 
NDP PN    O2N    sing N N 277 
NDP PN    O5D    sing N N 278 
NDP O2N   H21N   sing N N 279 
NDP O5D   C5D    sing N N 280 
NDP C5D   C4D    sing N N 281 
NDP C5D   H51N   sing N N 282 
NDP C5D   H52N   sing N N 283 
NDP C4D   O4D    sing N N 284 
NDP C4D   C3D    sing N N 285 
NDP C4D   H4D    sing N N 286 
NDP O4D   C1D    sing N N 287 
NDP C3D   O3D    sing N N 288 
NDP C3D   C2D    sing N N 289 
NDP C3D   H3D    sing N N 290 
NDP O3D   HO3N   sing N N 291 
NDP C2D   O2D    sing N N 292 
NDP C2D   C1D    sing N N 293 
NDP C2D   H2D    sing N N 294 
NDP O2D   HO2N   sing N N 295 
NDP C1D   N1N    sing N N 296 
NDP C1D   H1D    sing N N 297 
NDP N1N   C2N    sing N N 298 
NDP N1N   C6N    sing N N 299 
NDP C2N   C3N    doub N N 300 
NDP C2N   H2N    sing N N 301 
NDP C3N   C7N    sing N N 302 
NDP C3N   C4N    sing N N 303 
NDP C7N   O7N    doub N N 304 
NDP C7N   N7N    sing N N 305 
NDP N7N   H71N   sing N N 306 
NDP N7N   H72N   sing N N 307 
NDP C4N   C5N    sing N N 308 
NDP C4N   H41N   sing N N 309 
NDP C4N   H42N   sing N N 310 
NDP C5N   C6N    doub N N 311 
NDP C5N   H5N    sing N N 312 
NDP C6N   H6N    sing N N 313 
NDP P2B   O1X    doub N N 314 
NDP P2B   O2X    sing N N 315 
NDP P2B   O3X    sing N N 316 
NDP O2X   HOP2   sing N N 317 
NDP O3X   HOP3   sing N N 318 
PHE N     CA     sing N N 319 
PHE N     H      sing N N 320 
PHE N     H2     sing N N 321 
PHE CA    C      sing N N 322 
PHE CA    CB     sing N N 323 
PHE CA    HA     sing N N 324 
PHE C     O      doub N N 325 
PHE C     OXT    sing N N 326 
PHE CB    CG     sing N N 327 
PHE CB    HB2    sing N N 328 
PHE CB    HB3    sing N N 329 
PHE CG    CD1    doub Y N 330 
PHE CG    CD2    sing Y N 331 
PHE CD1   CE1    sing Y N 332 
PHE CD1   HD1    sing N N 333 
PHE CD2   CE2    doub Y N 334 
PHE CD2   HD2    sing N N 335 
PHE CE1   CZ     doub Y N 336 
PHE CE1   HE1    sing N N 337 
PHE CE2   CZ     sing Y N 338 
PHE CE2   HE2    sing N N 339 
PHE CZ    HZ     sing N N 340 
PHE OXT   HXT    sing N N 341 
PRD C4A   C8A    doub Y N 342 
PRD C4A   C5B    sing Y N 343 
PRD C4A   C4B    sing Y N 344 
PRD C8A   "N1'"  sing Y N 345 
PRD C8A   "N8'"  sing Y N 346 
PRD "N1'" C2B    doub Y N 347 
PRD "N8'" C7B    doub Y N 348 
PRD C7B   C6B    sing Y N 349 
PRD C7B   "H7'"  sing N N 350 
PRD C6B   "N6'"  sing N N 351 
PRD C6B   C5B    doub Y N 352 
PRD "N6'" C61    sing N N 353 
PRD "N6'" "C7'"  sing N N 354 
PRD C61   HC61   sing N N 355 
PRD C61   HC62   sing N N 356 
PRD C61   HC63   sing N N 357 
PRD C5B   "H5'"  sing N N 358 
PRD C4B   "N4'"  sing N N 359 
PRD C4B   "N3'"  doub Y N 360 
PRD "N4'" HN41   sing N N 361 
PRD "N4'" HN42   sing N N 362 
PRD "N3'" C2B    sing Y N 363 
PRD C2B   "N2'"  sing N N 364 
PRD "N2'" HN21   sing N N 365 
PRD "N2'" HN22   sing N N 366 
PRD "C7'" "C1'"  sing N N 367 
PRD "C7'" HC71   sing N N 368 
PRD "C7'" HC72   sing N N 369 
PRD "C1'" "C2'"  doub Y N 370 
PRD "C1'" "C6'"  sing Y N 371 
PRD "C2'" "C3'"  sing Y N 372 
PRD "C2'" "O2'"  sing N N 373 
PRD "C3'" "C4'"  doub Y N 374 
PRD "C3'" "HC3'" sing N N 375 
PRD "C4'" "C5'"  sing Y N 376 
PRD "C4'" "HC4'" sing N N 377 
PRD "C5'" "C6'"  doub Y N 378 
PRD "C5'" "O5'"  sing N N 379 
PRD "C6'" "HC6'" sing N N 380 
PRD "O2'" C21    sing N N 381 
PRD C21   HC21   sing N N 382 
PRD C21   HC22   sing N N 383 
PRD C21   HC23   sing N N 384 
PRD "O5'" C51    sing N N 385 
PRD C51   HC51   sing N N 386 
PRD C51   HC52   sing N N 387 
PRD C51   HC53   sing N N 388 
PRO N     CA     sing N N 389 
PRO N     CD     sing N N 390 
PRO N     H      sing N N 391 
PRO CA    C      sing N N 392 
PRO CA    CB     sing N N 393 
PRO CA    HA     sing N N 394 
PRO C     O      doub N N 395 
PRO C     OXT    sing N N 396 
PRO CB    CG     sing N N 397 
PRO CB    HB2    sing N N 398 
PRO CB    HB3    sing N N 399 
PRO CG    CD     sing N N 400 
PRO CG    HG2    sing N N 401 
PRO CG    HG3    sing N N 402 
PRO CD    HD2    sing N N 403 
PRO CD    HD3    sing N N 404 
PRO OXT   HXT    sing N N 405 
SER N     CA     sing N N 406 
SER N     H      sing N N 407 
SER N     H2     sing N N 408 
SER CA    C      sing N N 409 
SER CA    CB     sing N N 410 
SER CA    HA     sing N N 411 
SER C     O      doub N N 412 
SER C     OXT    sing N N 413 
SER CB    OG     sing N N 414 
SER CB    HB2    sing N N 415 
SER CB    HB3    sing N N 416 
SER OG    HG     sing N N 417 
SER OXT   HXT    sing N N 418 
THR N     CA     sing N N 419 
THR N     H      sing N N 420 
THR N     H2     sing N N 421 
THR CA    C      sing N N 422 
THR CA    CB     sing N N 423 
THR CA    HA     sing N N 424 
THR C     O      doub N N 425 
THR C     OXT    sing N N 426 
THR CB    OG1    sing N N 427 
THR CB    CG2    sing N N 428 
THR CB    HB     sing N N 429 
THR OG1   HG1    sing N N 430 
THR CG2   HG21   sing N N 431 
THR CG2   HG22   sing N N 432 
THR CG2   HG23   sing N N 433 
THR OXT   HXT    sing N N 434 
TRP N     CA     sing N N 435 
TRP N     H      sing N N 436 
TRP N     H2     sing N N 437 
TRP CA    C      sing N N 438 
TRP CA    CB     sing N N 439 
TRP CA    HA     sing N N 440 
TRP C     O      doub N N 441 
TRP C     OXT    sing N N 442 
TRP CB    CG     sing N N 443 
TRP CB    HB2    sing N N 444 
TRP CB    HB3    sing N N 445 
TRP CG    CD1    doub Y N 446 
TRP CG    CD2    sing Y N 447 
TRP CD1   NE1    sing Y N 448 
TRP CD1   HD1    sing N N 449 
TRP CD2   CE2    doub Y N 450 
TRP CD2   CE3    sing Y N 451 
TRP NE1   CE2    sing Y N 452 
TRP NE1   HE1    sing N N 453 
TRP CE2   CZ2    sing Y N 454 
TRP CE3   CZ3    doub Y N 455 
TRP CE3   HE3    sing N N 456 
TRP CZ2   CH2    doub Y N 457 
TRP CZ2   HZ2    sing N N 458 
TRP CZ3   CH2    sing Y N 459 
TRP CZ3   HZ3    sing N N 460 
TRP CH2   HH2    sing N N 461 
TRP OXT   HXT    sing N N 462 
TYR N     CA     sing N N 463 
TYR N     H      sing N N 464 
TYR N     H2     sing N N 465 
TYR CA    C      sing N N 466 
TYR CA    CB     sing N N 467 
TYR CA    HA     sing N N 468 
TYR C     O      doub N N 469 
TYR C     OXT    sing N N 470 
TYR CB    CG     sing N N 471 
TYR CB    HB2    sing N N 472 
TYR CB    HB3    sing N N 473 
TYR CG    CD1    doub Y N 474 
TYR CG    CD2    sing Y N 475 
TYR CD1   CE1    sing Y N 476 
TYR CD1   HD1    sing N N 477 
TYR CD2   CE2    doub Y N 478 
TYR CD2   HD2    sing N N 479 
TYR CE1   CZ     doub Y N 480 
TYR CE1   HE1    sing N N 481 
TYR CE2   CZ     sing Y N 482 
TYR CE2   HE2    sing N N 483 
TYR CZ    OH     sing N N 484 
TYR OH    HH     sing N N 485 
TYR OXT   HXT    sing N N 486 
VAL N     CA     sing N N 487 
VAL N     H      sing N N 488 
VAL N     H2     sing N N 489 
VAL CA    C      sing N N 490 
VAL CA    CB     sing N N 491 
VAL CA    HA     sing N N 492 
VAL C     O      doub N N 493 
VAL C     OXT    sing N N 494 
VAL CB    CG1    sing N N 495 
VAL CB    CG2    sing N N 496 
VAL CB    HB     sing N N 497 
VAL CG1   HG11   sing N N 498 
VAL CG1   HG12   sing N N 499 
VAL CG1   HG13   sing N N 500 
VAL CG2   HG21   sing N N 501 
VAL CG2   HG22   sing N N 502 
VAL CG2   HG23   sing N N 503 
VAL OXT   HXT    sing N N 504 
# 
_atom_sites.entry_id                    1BOZ 
_atom_sites.fract_transf_matrix[1][1]   -0.00268546 
_atom_sites.fract_transf_matrix[1][2]   0.01004065 
_atom_sites.fract_transf_matrix[1][3]   -0.00843608 
_atom_sites.fract_transf_matrix[2][1]   -0.00896523 
_atom_sites.fract_transf_matrix[2][2]   0.00935311 
_atom_sites.fract_transf_matrix[2][3]   0.00336586 
_atom_sites.fract_transf_matrix[3][1]   0.00935383 
_atom_sites.fract_transf_matrix[3][2]   0.00702749 
_atom_sites.fract_transf_matrix[3][3]   0.00538653 
_atom_sites.fract_transf_vector[1]      0.349976 
_atom_sites.fract_transf_vector[2]      0.177261 
_atom_sites.fract_transf_vector[3]      -0.007339 
# 
loop_
_atom_type.symbol 
C 
N 
O 
P 
S 
# 
loop_
_atom_site.group_PDB 
_atom_site.id 
_atom_site.type_symbol 
_atom_site.label_atom_id 
_atom_site.label_alt_id 
_atom_site.label_comp_id 
_atom_site.label_asym_id 
_atom_site.label_entity_id 
_atom_site.label_seq_id 
_atom_site.pdbx_PDB_ins_code 
_atom_site.Cartn_x 
_atom_site.Cartn_y 
_atom_site.Cartn_z 
_atom_site.occupancy 
_atom_site.B_iso_or_equiv 
_atom_site.pdbx_formal_charge 
_atom_site.auth_seq_id 
_atom_site.auth_comp_id 
_atom_site.auth_asym_id 
_atom_site.auth_atom_id 
_atom_site.pdbx_PDB_model_num 
ATOM   1    N N     . VAL A 1 1   ? -7.635  0.961   16.578  1.00 42.11 ? 1   VAL A N     1 
ATOM   2    C CA    . VAL A 1 1   ? -6.825  0.684   15.379  1.00 40.91 ? 1   VAL A CA    1 
ATOM   3    C C     . VAL A 1 1   ? -7.164  -0.741  14.901  1.00 39.86 ? 1   VAL A C     1 
ATOM   4    O O     . VAL A 1 1   ? -6.921  -1.745  15.594  1.00 40.74 ? 1   VAL A O     1 
ATOM   5    C CB    . VAL A 1 1   ? -5.334  0.951   15.603  1.00 41.19 ? 1   VAL A CB    1 
ATOM   6    C CG1   . VAL A 1 1   ? -4.566  0.740   14.290  1.00 41.56 ? 1   VAL A CG1   1 
ATOM   7    C CG2   . VAL A 1 1   ? -5.116  2.362   16.135  1.00 41.67 ? 1   VAL A CG2   1 
ATOM   8    N N     . GLY A 1 2   ? -7.736  -0.724  13.707  1.00 37.34 ? 2   GLY A N     1 
ATOM   9    C CA    . GLY A 1 2   ? -8.172  -1.949  13.054  1.00 34.61 ? 2   GLY A CA    1 
ATOM   10   C C     . GLY A 1 2   ? -6.971  -2.653  12.433  1.00 32.65 ? 2   GLY A C     1 
ATOM   11   O O     . GLY A 1 2   ? -5.876  -2.793  12.979  1.00 32.58 ? 2   GLY A O     1 
ATOM   12   N N     . SER A 1 3   ? -7.276  -3.081  11.231  1.00 30.58 ? 3   SER A N     1 
ATOM   13   C CA    . SER A 1 3   ? -6.499  -3.831  10.292  1.00 28.36 ? 3   SER A CA    1 
ATOM   14   C C     . SER A 1 3   ? -5.210  -3.252  9.686   1.00 26.77 ? 3   SER A C     1 
ATOM   15   O O     . SER A 1 3   ? -5.204  -2.092  9.275   1.00 24.99 ? 3   SER A O     1 
ATOM   16   C CB    . SER A 1 3   ? -7.536  -4.029  9.134   1.00 28.48 ? 3   SER A CB    1 
ATOM   17   O OG    . SER A 1 3   ? -8.076  -5.331  9.236   1.00 30.98 ? 3   SER A OG    1 
ATOM   18   N N     . LEU A 1 4   ? -4.220  -4.103  9.533   1.00 24.80 ? 4   LEU A N     1 
ATOM   19   C CA    . LEU A 1 4   ? -2.952  -3.782  8.869   1.00 23.78 ? 4   LEU A CA    1 
ATOM   20   C C     . LEU A 1 4   ? -3.019  -4.451  7.489   1.00 22.85 ? 4   LEU A C     1 
ATOM   21   O O     . LEU A 1 4   ? -3.181  -5.688  7.463   1.00 22.09 ? 4   LEU A O     1 
ATOM   22   C CB    . LEU A 1 4   ? -1.734  -4.301  9.636   1.00 24.88 ? 4   LEU A CB    1 
ATOM   23   C CG    . LEU A 1 4   ? -0.367  -3.920  9.035   1.00 25.10 ? 4   LEU A CG    1 
ATOM   24   C CD1   . LEU A 1 4   ? -0.191  -2.400  9.170   1.00 25.74 ? 4   LEU A CD1   1 
ATOM   25   C CD2   . LEU A 1 4   ? 0.680   -4.648  9.854   1.00 25.88 ? 4   LEU A CD2   1 
ATOM   26   N N     . ASN A 1 5   ? -2.909  -3.710  6.428   1.00 21.31 ? 5   ASN A N     1 
ATOM   27   C CA    . ASN A 1 5   ? -2.955  -4.161  5.055   1.00 21.68 ? 5   ASN A CA    1 
ATOM   28   C C     . ASN A 1 5   ? -1.848  -3.523  4.202   1.00 21.81 ? 5   ASN A C     1 
ATOM   29   O O     . ASN A 1 5   ? -1.488  -2.382  4.479   1.00 21.61 ? 5   ASN A O     1 
ATOM   30   C CB    . ASN A 1 5   ? -4.299  -3.756  4.397   1.00 20.52 ? 5   ASN A CB    1 
ATOM   31   C CG    . ASN A 1 5   ? -5.468  -4.008  5.306   1.00 22.07 ? 5   ASN A CG    1 
ATOM   32   O OD1   . ASN A 1 5   ? -5.949  -5.151  5.439   1.00 22.80 ? 5   ASN A OD1   1 
ATOM   33   N ND2   . ASN A 1 5   ? -5.868  -2.974  6.060   1.00 22.23 ? 5   ASN A ND2   1 
ATOM   34   N N     . CYS A 1 6   ? -1.446  -4.250  3.189   1.00 21.88 ? 6   CYS A N     1 
ATOM   35   C CA    . CYS A 1 6   ? -0.482  -3.863  2.172   1.00 21.71 ? 6   CYS A CA    1 
ATOM   36   C C     . CYS A 1 6   ? -1.293  -3.887  0.878   1.00 19.64 ? 6   CYS A C     1 
ATOM   37   O O     . CYS A 1 6   ? -2.142  -4.771  0.752   1.00 19.61 ? 6   CYS A O     1 
ATOM   38   C CB    . CYS A 1 6   ? 0.789   -4.712  1.984   1.00 21.64 ? 6   CYS A CB    1 
ATOM   39   S SG    . CYS A 1 6   ? 1.778   -4.822  3.539   1.00 23.41 ? 6   CYS A SG    1 
ATOM   40   N N     . ILE A 1 7   ? -1.017  -2.945  0.026   1.00 19.35 ? 7   ILE A N     1 
ATOM   41   C CA    . ILE A 1 7   ? -1.640  -2.808  -1.279  1.00 19.09 ? 7   ILE A CA    1 
ATOM   42   C C     . ILE A 1 7   ? -0.443  -2.516  -2.195  1.00 20.01 ? 7   ILE A C     1 
ATOM   43   O O     . ILE A 1 7   ? 0.438   -1.746  -1.814  1.00 18.91 ? 7   ILE A O     1 
ATOM   44   C CB    . ILE A 1 7   ? -2.823  -1.797  -1.355  1.00 18.78 ? 7   ILE A CB    1 
ATOM   45   C CG1   . ILE A 1 7   ? -3.610  -1.983  -2.704  1.00 16.76 ? 7   ILE A CG1   1 
ATOM   46   C CG2   . ILE A 1 7   ? -2.363  -0.324  -1.140  1.00 18.29 ? 7   ILE A CG2   1 
ATOM   47   C CD1   . ILE A 1 7   ? -5.037  -1.371  -2.629  1.00 16.96 ? 7   ILE A CD1   1 
ATOM   48   N N     . VAL A 1 8   ? -0.410  -3.197  -3.331  1.00 20.32 ? 8   VAL A N     1 
ATOM   49   C CA    . VAL A 1 8   ? 0.629   -3.084  -4.350  1.00 19.04 ? 8   VAL A CA    1 
ATOM   50   C C     . VAL A 1 8   ? 0.156   -3.562  -5.713  1.00 20.58 ? 8   VAL A C     1 
ATOM   51   O O     . VAL A 1 8   ? -0.665  -4.505  -5.797  1.00 21.62 ? 8   VAL A O     1 
ATOM   52   C CB    . VAL A 1 8   ? 1.848   -4.003  -3.964  1.00 18.54 ? 8   VAL A CB    1 
ATOM   53   C CG1   . VAL A 1 8   ? 1.428   -5.482  -3.960  1.00 17.11 ? 8   VAL A CG1   1 
ATOM   54   C CG2   . VAL A 1 8   ? 3.012   -3.798  -4.937  1.00 16.28 ? 8   VAL A CG2   1 
ATOM   55   N N     . ALA A 1 9   ? 0.673   -2.984  -6.767  1.00 22.90 ? 9   ALA A N     1 
ATOM   56   C CA    . ALA A 1 9   ? 0.408   -3.422  -8.164  1.00 22.79 ? 9   ALA A CA    1 
ATOM   57   C C     . ALA A 1 9   ? 1.787   -3.952  -8.601  1.00 22.81 ? 9   ALA A C     1 
ATOM   58   O O     . ALA A 1 9   ? 2.687   -3.110  -8.414  1.00 22.19 ? 9   ALA A O     1 
ATOM   59   C CB    . ALA A 1 9   ? -0.037  -2.341  -9.128  1.00 21.95 ? 9   ALA A CB    1 
ATOM   60   N N     . VAL A 1 10  ? 1.902   -5.148  -9.140  1.00 22.65 ? 10  VAL A N     1 
ATOM   61   C CA    . VAL A 1 10  ? 3.127   -5.764  -9.582  1.00 22.63 ? 10  VAL A CA    1 
ATOM   62   C C     . VAL A 1 10  ? 2.957   -6.402  -10.977 1.00 23.21 ? 10  VAL A C     1 
ATOM   63   O O     . VAL A 1 10  ? 1.922   -7.027  -11.305 1.00 23.31 ? 10  VAL A O     1 
ATOM   64   C CB    . VAL A 1 10  ? 3.703   -6.907  -8.714  1.00 23.09 ? 10  VAL A CB    1 
ATOM   65   C CG1   . VAL A 1 10  ? 4.359   -6.638  -7.387  1.00 23.55 ? 10  VAL A CG1   1 
ATOM   66   C CG2   . VAL A 1 10  ? 2.708   -8.051  -8.487  1.00 23.83 ? 10  VAL A CG2   1 
ATOM   67   N N     . SER A 1 11  ? 4.049   -6.340  -11.703 1.00 22.81 ? 11  SER A N     1 
ATOM   68   C CA    . SER A 1 11  ? 4.148   -6.908  -13.078 1.00 23.93 ? 11  SER A CA    1 
ATOM   69   C C     . SER A 1 11  ? 4.531   -8.385  -12.933 1.00 24.73 ? 11  SER A C     1 
ATOM   70   O O     . SER A 1 11  ? 4.812   -8.912  -11.834 1.00 24.60 ? 11  SER A O     1 
ATOM   71   C CB    . SER A 1 11  ? 5.071   -6.133  -14.006 1.00 23.19 ? 11  SER A CB    1 
ATOM   72   O OG    . SER A 1 11  ? 6.397   -6.387  -13.524 1.00 23.33 ? 11  SER A OG    1 
ATOM   73   N N     . GLN A 1 12  ? 4.483   -9.032  -14.072 1.00 26.79 ? 12  GLN A N     1 
ATOM   74   C CA    . GLN A 1 12  ? 4.744   -10.502 -14.035 1.00 28.63 ? 12  GLN A CA    1 
ATOM   75   C C     . GLN A 1 12  ? 6.168   -10.779 -13.578 1.00 28.34 ? 12  GLN A C     1 
ATOM   76   O O     . GLN A 1 12  ? 6.420   -11.867 -13.014 1.00 28.86 ? 12  GLN A O     1 
ATOM   77   C CB    . GLN A 1 12  ? 4.323   -11.124 -15.336 1.00 31.08 ? 12  GLN A CB    1 
ATOM   78   C CG    . GLN A 1 12  ? 3.546   -12.441 -15.278 1.00 33.83 ? 12  GLN A CG    1 
ATOM   79   C CD    . GLN A 1 12  ? 3.559   -12.911 -16.722 1.00 36.38 ? 12  GLN A CD    1 
ATOM   80   O OE1   . GLN A 1 12  ? 3.071   -12.222 -17.614 1.00 37.59 ? 12  GLN A OE1   1 
ATOM   81   N NE2   . GLN A 1 12  ? 4.176   -14.068 -16.959 1.00 38.65 ? 12  GLN A NE2   1 
ATOM   82   N N     . ASN A 1 13  ? 7.056   -9.818  -13.743 1.00 27.28 ? 13  ASN A N     1 
ATOM   83   C CA    . ASN A 1 13  ? 8.454   -9.963  -13.349 1.00 27.77 ? 13  ASN A CA    1 
ATOM   84   C C     . ASN A 1 13  ? 8.650   -9.460  -11.921 1.00 27.18 ? 13  ASN A C     1 
ATOM   85   O O     . ASN A 1 13  ? 9.822   -9.396  -11.474 1.00 27.78 ? 13  ASN A O     1 
ATOM   86   C CB    . ASN A 1 13  ? 9.433   -9.377  -14.347 1.00 28.17 ? 13  ASN A CB    1 
ATOM   87   C CG    . ASN A 1 13  ? 9.182   -7.991  -14.827 1.00 28.69 ? 13  ASN A CG    1 
ATOM   88   O OD1   . ASN A 1 13  ? 8.060   -7.508  -15.027 1.00 28.91 ? 13  ASN A OD1   1 
ATOM   89   N ND2   . ASN A 1 13  ? 10.248  -7.203  -15.018 1.00 30.74 ? 13  ASN A ND2   1 
ATOM   90   N N     . MET A 1 14  ? 7.542   -9.217  -11.278 1.00 25.36 ? 14  MET A N     1 
ATOM   91   C CA    . MET A 1 14  ? 7.462   -8.771  -9.878  1.00 24.91 ? 14  MET A CA    1 
ATOM   92   C C     . MET A 1 14  ? 7.939   -7.319  -9.717  1.00 24.44 ? 14  MET A C     1 
ATOM   93   O O     . MET A 1 14  ? 8.385   -6.905  -8.636  1.00 23.58 ? 14  MET A O     1 
ATOM   94   C CB    . MET A 1 14  ? 8.280   -9.701  -8.999  1.00 25.60 ? 14  MET A CB    1 
ATOM   95   C CG    . MET A 1 14  ? 7.748   -11.124 -8.926  1.00 26.77 ? 14  MET A CG    1 
ATOM   96   S SD    . MET A 1 14  ? 6.130   -11.075 -8.172  1.00 28.93 ? 14  MET A SD    1 
ATOM   97   C CE    . MET A 1 14  ? 6.387   -11.007 -6.404  1.00 27.00 ? 14  MET A CE    1 
ATOM   98   N N     . GLY A 1 15  ? 7.853   -6.588  -10.798 1.00 23.04 ? 15  GLY A N     1 
ATOM   99   C CA    . GLY A 1 15  ? 8.324   -5.208  -10.806 1.00 21.82 ? 15  GLY A CA    1 
ATOM   100  C C     . GLY A 1 15  ? 7.295   -4.269  -10.234 1.00 20.99 ? 15  GLY A C     1 
ATOM   101  O O     . GLY A 1 15  ? 6.111   -4.511  -10.556 1.00 21.11 ? 15  GLY A O     1 
ATOM   102  N N     . ILE A 1 16  ? 7.765   -3.294  -9.464  1.00 17.89 ? 16  ILE A N     1 
ATOM   103  C CA    . ILE A 1 16  ? 6.910   -2.314  -8.855  1.00 17.45 ? 16  ILE A CA    1 
ATOM   104  C C     . ILE A 1 16  ? 7.329   -0.913  -9.297  1.00 16.73 ? 16  ILE A C     1 
ATOM   105  O O     . ILE A 1 16  ? 6.494   0.003   -9.261  1.00 16.29 ? 16  ILE A O     1 
ATOM   106  C CB    . ILE A 1 16  ? 6.738   -2.474  -7.307  1.00 19.02 ? 16  ILE A CB    1 
ATOM   107  C CG1   . ILE A 1 16  ? 8.090   -2.399  -6.544  1.00 19.23 ? 16  ILE A CG1   1 
ATOM   108  C CG2   . ILE A 1 16  ? 5.963   -3.752  -6.857  1.00 18.96 ? 16  ILE A CG2   1 
ATOM   109  C CD1   . ILE A 1 16  ? 7.935   -1.590  -5.216  1.00 19.25 ? 16  ILE A CD1   1 
ATOM   110  N N     . GLY A 1 17  ? 8.570   -0.746  -9.829  1.00 17.35 ? 17  GLY A N     1 
ATOM   111  C CA    . GLY A 1 17  ? 8.839   0.683   -10.216 1.00 18.95 ? 17  GLY A CA    1 
ATOM   112  C C     . GLY A 1 17  ? 10.030  0.784   -11.152 1.00 19.34 ? 17  GLY A C     1 
ATOM   113  O O     . GLY A 1 17  ? 10.707  -0.222  -11.293 1.00 19.04 ? 17  GLY A O     1 
ATOM   114  N N     . LYS A 1 18  ? 10.175  1.983   -11.680 1.00 21.50 ? 18  LYS A N     1 
ATOM   115  C CA    . LYS A 1 18  ? 11.308  2.263   -12.590 1.00 23.23 ? 18  LYS A CA    1 
ATOM   116  C C     . LYS A 1 18  ? 11.561  3.758   -12.509 1.00 22.95 ? 18  LYS A C     1 
ATOM   117  O O     . LYS A 1 18  ? 10.589  4.487   -12.631 1.00 22.29 ? 18  LYS A O     1 
ATOM   118  C CB    . LYS A 1 18  ? 10.980  1.796   -14.015 1.00 23.79 ? 18  LYS A CB    1 
ATOM   119  C CG    . LYS A 1 18  ? 12.290  1.664   -14.796 1.00 25.34 ? 18  LYS A CG    1 
ATOM   120  C CD    . LYS A 1 18  ? 12.021  1.297   -16.256 1.00 26.53 ? 18  LYS A CD    1 
ATOM   121  C CE    . LYS A 1 18  ? 11.280  2.407   -16.978 1.00 27.42 ? 18  LYS A CE    1 
ATOM   122  N NZ    . LYS A 1 18  ? 11.011  1.856   -18.359 1.00 28.70 ? 18  LYS A NZ    1 
ATOM   123  N N     . ASN A 1 19  ? 12.787  4.182   -12.241 1.00 24.53 ? 19  ASN A N     1 
ATOM   124  C CA    . ASN A 1 19  ? 13.145  5.618   -12.130 1.00 25.18 ? 19  ASN A CA    1 
ATOM   125  C C     . ASN A 1 19  ? 12.064  6.491   -11.476 1.00 25.44 ? 19  ASN A C     1 
ATOM   126  O O     . ASN A 1 19  ? 11.662  7.570   -11.951 1.00 24.07 ? 19  ASN A O     1 
ATOM   127  C CB    . ASN A 1 19  ? 13.579  6.204   -13.466 1.00 25.46 ? 19  ASN A CB    1 
ATOM   128  C CG    . ASN A 1 19  ? 14.844  5.504   -14.003 1.00 26.24 ? 19  ASN A CG    1 
ATOM   129  O OD1   . ASN A 1 19  ? 15.700  5.183   -13.177 1.00 25.22 ? 19  ASN A OD1   1 
ATOM   130  N ND2   . ASN A 1 19  ? 14.905  5.270   -15.308 1.00 27.49 ? 19  ASN A ND2   1 
ATOM   131  N N     . GLY A 1 20  ? 11.653  5.983   -10.341 1.00 25.37 ? 20  GLY A N     1 
ATOM   132  C CA    . GLY A 1 20  ? 10.656  6.551   -9.455  1.00 27.83 ? 20  GLY A CA    1 
ATOM   133  C C     . GLY A 1 20  ? 9.266   6.663   -10.034 1.00 27.87 ? 20  GLY A C     1 
ATOM   134  O O     . GLY A 1 20  ? 8.462   7.498   -9.543  1.00 30.39 ? 20  GLY A O     1 
ATOM   135  N N     . ASP A 1 21  ? 8.987   5.855   -11.033 1.00 27.42 ? 21  ASP A N     1 
ATOM   136  C CA    . ASP A 1 21  ? 7.633   5.897   -11.662 1.00 28.11 ? 21  ASP A CA    1 
ATOM   137  C C     . ASP A 1 21  ? 7.091   4.476   -11.754 1.00 26.63 ? 21  ASP A C     1 
ATOM   138  O O     . ASP A 1 21  ? 7.838   3.547   -11.457 1.00 25.53 ? 21  ASP A O     1 
ATOM   139  C CB    . ASP A 1 21  ? 7.861   6.545   -12.995 1.00 31.03 ? 21  ASP A CB    1 
ATOM   140  C CG    . ASP A 1 21  ? 6.745   7.331   -13.618 1.00 32.78 ? 21  ASP A CG    1 
ATOM   141  O OD1   . ASP A 1 21  ? 5.688   7.646   -13.043 1.00 34.74 ? 21  ASP A OD1   1 
ATOM   142  O OD2   . ASP A 1 21  ? 7.058   7.617   -14.789 1.00 34.02 ? 21  ASP A OD2   1 
ATOM   143  N N     . LEU A 1 22  ? 5.845   4.342   -12.132 1.00 26.04 ? 22  LEU A N     1 
ATOM   144  C CA    . LEU A 1 22  ? 5.331   2.940   -12.274 1.00 26.53 ? 22  LEU A CA    1 
ATOM   145  C C     . LEU A 1 22  ? 5.920   2.416   -13.586 1.00 25.50 ? 22  LEU A C     1 
ATOM   146  O O     . LEU A 1 22  ? 6.108   3.236   -14.481 1.00 26.62 ? 22  LEU A O     1 
ATOM   147  C CB    . LEU A 1 22  ? 3.807   3.030   -12.251 1.00 26.62 ? 22  LEU A CB    1 
ATOM   148  C CG    . LEU A 1 22  ? 3.144   3.491   -10.968 1.00 27.47 ? 22  LEU A CG    1 
ATOM   149  C CD1   . LEU A 1 22  ? 1.652   3.739   -11.142 1.00 28.09 ? 22  LEU A CD1   1 
ATOM   150  C CD2   . LEU A 1 22  ? 3.385   2.431   -9.887  1.00 27.05 ? 22  LEU A CD2   1 
ATOM   151  N N     . PRO A 1 23  ? 6.224   1.162   -13.728 1.00 25.65 ? 23  PRO A N     1 
ATOM   152  C CA    . PRO A 1 23  ? 6.783   0.578   -14.946 1.00 26.64 ? 23  PRO A CA    1 
ATOM   153  C C     . PRO A 1 23  ? 5.815   0.496   -16.126 1.00 27.70 ? 23  PRO A C     1 
ATOM   154  O O     . PRO A 1 23  ? 6.341   0.264   -17.246 1.00 28.77 ? 23  PRO A O     1 
ATOM   155  C CB    . PRO A 1 23  ? 7.215   -0.833  -14.578 1.00 25.58 ? 23  PRO A CB    1 
ATOM   156  C CG    . PRO A 1 23  ? 7.272   -0.767  -13.080 1.00 26.15 ? 23  PRO A CG    1 
ATOM   157  C CD    . PRO A 1 23  ? 6.081   0.124   -12.682 1.00 25.74 ? 23  PRO A CD    1 
ATOM   158  N N     . TRP A 1 24  ? 4.534   0.709   -15.917 1.00 26.36 ? 24  TRP A N     1 
ATOM   159  C CA    . TRP A 1 24  ? 3.571   0.626   -17.051 1.00 26.31 ? 24  TRP A CA    1 
ATOM   160  C C     . TRP A 1 24  ? 2.934   1.989   -17.191 1.00 27.99 ? 24  TRP A C     1 
ATOM   161  O O     . TRP A 1 24  ? 3.029   2.856   -16.310 1.00 28.47 ? 24  TRP A O     1 
ATOM   162  C CB    . TRP A 1 24  ? 2.549   -0.524  -16.758 1.00 23.00 ? 24  TRP A CB    1 
ATOM   163  C CG    . TRP A 1 24  ? 2.121   -0.463  -15.318 1.00 19.79 ? 24  TRP A CG    1 
ATOM   164  C CD1   . TRP A 1 24  ? 1.204   0.380   -14.796 1.00 19.01 ? 24  TRP A CD1   1 
ATOM   165  C CD2   . TRP A 1 24  ? 2.674   -1.202  -14.200 1.00 18.27 ? 24  TRP A CD2   1 
ATOM   166  N NE1   . TRP A 1 24  ? 1.143   0.194   -13.424 1.00 19.31 ? 24  TRP A NE1   1 
ATOM   167  C CE2   . TRP A 1 24  ? 2.013   -0.774  -13.049 1.00 17.48 ? 24  TRP A CE2   1 
ATOM   168  C CE3   . TRP A 1 24  ? 3.651   -2.173  -14.089 1.00 17.72 ? 24  TRP A CE3   1 
ATOM   169  C CZ2   . TRP A 1 24  ? 2.301   -1.256  -11.782 1.00 17.44 ? 24  TRP A CZ2   1 
ATOM   170  C CZ3   . TRP A 1 24  ? 3.929   -2.704  -12.833 1.00 18.23 ? 24  TRP A CZ3   1 
ATOM   171  C CH2   . TRP A 1 24  ? 3.260   -2.258  -11.698 1.00 17.60 ? 24  TRP A CH2   1 
ATOM   172  N N     . PRO A 1 25  ? 2.270   2.187   -18.313 1.00 30.46 ? 25  PRO A N     1 
ATOM   173  C CA    . PRO A 1 25  ? 1.557   3.470   -18.556 1.00 31.47 ? 25  PRO A CA    1 
ATOM   174  C C     . PRO A 1 25  ? 0.472   3.476   -17.495 1.00 32.43 ? 25  PRO A C     1 
ATOM   175  O O     . PRO A 1 25  ? 0.099   2.390   -17.026 1.00 33.20 ? 25  PRO A O     1 
ATOM   176  C CB    . PRO A 1 25  ? 1.076   3.325   -19.990 1.00 31.23 ? 25  PRO A CB    1 
ATOM   177  C CG    . PRO A 1 25  ? 0.777   1.847   -20.048 1.00 31.24 ? 25  PRO A CG    1 
ATOM   178  C CD    . PRO A 1 25  ? 2.050   1.244   -19.416 1.00 30.99 ? 25  PRO A CD    1 
ATOM   179  N N     . PRO A 1 26  ? -0.025  4.634   -17.149 1.00 33.82 ? 26  PRO A N     1 
ATOM   180  C CA    . PRO A 1 26  ? -1.059  4.840   -16.150 1.00 34.41 ? 26  PRO A CA    1 
ATOM   181  C C     . PRO A 1 26  ? -2.352  4.089   -16.419 1.00 35.19 ? 26  PRO A C     1 
ATOM   182  O O     . PRO A 1 26  ? -2.815  4.069   -17.578 1.00 36.53 ? 26  PRO A O     1 
ATOM   183  C CB    . PRO A 1 26  ? -1.331  6.352   -16.250 1.00 34.90 ? 26  PRO A CB    1 
ATOM   184  C CG    . PRO A 1 26  ? 0.047   6.877   -16.576 1.00 34.67 ? 26  PRO A CG    1 
ATOM   185  C CD    . PRO A 1 26  ? 0.428   5.923   -17.737 1.00 34.31 ? 26  PRO A CD    1 
ATOM   186  N N     . LEU A 1 27  ? -2.909  3.489   -15.390 1.00 35.18 ? 27  LEU A N     1 
ATOM   187  C CA    . LEU A 1 27  ? -4.159  2.719   -15.472 1.00 34.90 ? 27  LEU A CA    1 
ATOM   188  C C     . LEU A 1 27  ? -5.176  3.373   -14.524 1.00 34.42 ? 27  LEU A C     1 
ATOM   189  O O     . LEU A 1 27  ? -5.139  3.184   -13.301 1.00 33.94 ? 27  LEU A O     1 
ATOM   190  C CB    . LEU A 1 27  ? -4.001  1.233   -15.202 1.00 34.73 ? 27  LEU A CB    1 
ATOM   191  C CG    . LEU A 1 27  ? -2.829  0.473   -15.769 1.00 34.85 ? 27  LEU A CG    1 
ATOM   192  C CD1   . LEU A 1 27  ? -2.888  -0.949  -15.237 1.00 35.15 ? 27  LEU A CD1   1 
ATOM   193  C CD2   . LEU A 1 27  ? -2.862  0.419   -17.282 1.00 35.74 ? 27  LEU A CD2   1 
ATOM   194  N N     . ARG A 1 28  ? -6.041  4.124   -15.149 1.00 34.29 ? 28  ARG A N     1 
ATOM   195  C CA    . ARG A 1 28  ? -7.096  4.868   -14.501 1.00 35.74 ? 28  ARG A CA    1 
ATOM   196  C C     . ARG A 1 28  ? -7.977  4.074   -13.539 1.00 33.46 ? 28  ARG A C     1 
ATOM   197  O O     . ARG A 1 28  ? -8.287  4.655   -12.501 1.00 33.30 ? 28  ARG A O     1 
ATOM   198  C CB    . ARG A 1 28  ? -7.997  5.565   -15.540 1.00 38.65 ? 28  ARG A CB    1 
ATOM   199  C CG    . ARG A 1 28  ? -7.421  6.831   -16.143 1.00 43.22 ? 28  ARG A CG    1 
ATOM   200  C CD    . ARG A 1 28  ? -6.176  6.700   -17.001 1.00 45.32 ? 28  ARG A CD    1 
ATOM   201  N NE    . ARG A 1 28  ? -5.999  7.954   -17.744 1.00 47.53 ? 28  ARG A NE    1 
ATOM   202  C CZ    . ARG A 1 28  ? -5.037  8.389   -18.551 1.00 48.58 ? 28  ARG A CZ    1 
ATOM   203  N NH1   . ARG A 1 28  ? -3.986  7.617   -18.871 1.00 48.14 ? 28  ARG A NH1   1 
ATOM   204  N NH2   . ARG A 1 28  ? -5.063  9.621   -19.111 1.00 48.91 ? 28  ARG A NH2   1 
ATOM   205  N N     . ASN A 1 29  ? -8.385  2.869   -13.850 1.00 32.46 ? 29  ASN A N     1 
ATOM   206  C CA    . ASN A 1 29  ? -9.278  2.136   -12.939 1.00 30.96 ? 29  ASN A CA    1 
ATOM   207  C C     . ASN A 1 29  ? -8.485  1.382   -11.867 1.00 28.46 ? 29  ASN A C     1 
ATOM   208  O O     . ASN A 1 29  ? -9.110  1.104   -10.826 1.00 28.60 ? 29  ASN A O     1 
ATOM   209  C CB    . ASN A 1 29  ? -10.261 1.223   -13.634 1.00 33.74 ? 29  ASN A CB    1 
ATOM   210  C CG    . ASN A 1 29  ? -11.130 1.740   -14.747 1.00 34.96 ? 29  ASN A CG    1 
ATOM   211  O OD1   . ASN A 1 29  ? -11.736 2.795   -14.657 1.00 36.18 ? 29  ASN A OD1   1 
ATOM   212  N ND2   . ASN A 1 29  ? -11.129 0.952   -15.833 1.00 36.03 ? 29  ASN A ND2   1 
ATOM   213  N N     . GLU A 1 30  ? -7.238  1.089   -12.166 1.00 26.67 ? 30  GLU A N     1 
ATOM   214  C CA    . GLU A 1 30  ? -6.413  0.390   -11.149 1.00 26.38 ? 30  GLU A CA    1 
ATOM   215  C C     . GLU A 1 30  ? -6.209  1.434   -10.069 1.00 26.51 ? 30  GLU A C     1 
ATOM   216  O O     . GLU A 1 30  ? -6.344  1.228   -8.865  1.00 27.46 ? 30  GLU A O     1 
ATOM   217  C CB    . GLU A 1 30  ? -5.212  -0.278  -11.740 1.00 26.51 ? 30  GLU A CB    1 
ATOM   218  C CG    . GLU A 1 30  ? -4.432  -1.310  -10.925 1.00 25.88 ? 30  GLU A CG    1 
ATOM   219  C CD    . GLU A 1 30  ? -3.949  -0.836  -9.569  1.00 25.14 ? 30  GLU A CD    1 
ATOM   220  O OE1   . GLU A 1 30  ? -3.162  0.143   -9.633  1.00 24.62 ? 30  GLU A OE1   1 
ATOM   221  O OE2   . GLU A 1 30  ? -4.265  -1.344  -8.517  1.00 23.99 ? 30  GLU A OE2   1 
ATOM   222  N N     . GLY A 1 31  ? -5.955  2.650   -10.449 1.00 27.64 ? 31  GLY A N     1 
ATOM   223  C CA    . GLY A 1 31  ? -5.758  3.837   -9.619  1.00 26.66 ? 31  GLY A CA    1 
ATOM   224  C C     . GLY A 1 31  ? -6.999  4.192   -8.837  1.00 26.80 ? 31  GLY A C     1 
ATOM   225  O O     . GLY A 1 31  ? -6.863  4.553   -7.674  1.00 26.80 ? 31  GLY A O     1 
ATOM   226  N N     . ARG A 1 32  ? -8.198  4.132   -9.359  1.00 28.13 ? 32  ARG A N     1 
ATOM   227  C CA    . ARG A 1 32  ? -9.480  4.385   -8.675  1.00 28.88 ? 32  ARG A CA    1 
ATOM   228  C C     . ARG A 1 32  ? -9.671  3.330   -7.582  1.00 27.35 ? 32  ARG A C     1 
ATOM   229  O O     . ARG A 1 32  ? -10.130 3.547   -6.452  1.00 27.75 ? 32  ARG A O     1 
ATOM   230  C CB    . ARG A 1 32  ? -10.698 4.332   -9.607  1.00 31.45 ? 32  ARG A CB    1 
ATOM   231  C CG    . ARG A 1 32  ? -10.653 5.405   -10.689 1.00 34.94 ? 32  ARG A CG    1 
ATOM   232  C CD    . ARG A 1 32  ? -11.975 5.584   -11.390 1.00 38.47 ? 32  ARG A CD    1 
ATOM   233  N NE    . ARG A 1 32  ? -11.781 6.576   -12.486 1.00 41.95 ? 32  ARG A NE    1 
ATOM   234  C CZ    . ARG A 1 32  ? -12.190 6.256   -13.730 1.00 42.90 ? 32  ARG A CZ    1 
ATOM   235  N NH1   . ARG A 1 32  ? -12.837 5.094   -13.947 1.00 42.28 ? 32  ARG A NH1   1 
ATOM   236  N NH2   . ARG A 1 32  ? -11.906 6.999   -14.818 1.00 43.10 ? 32  ARG A NH2   1 
ATOM   237  N N     . TYR A 1 33  ? -9.283  2.141   -7.950  1.00 26.38 ? 33  TYR A N     1 
ATOM   238  C CA    . TYR A 1 33  ? -9.339  0.971   -7.026  1.00 25.07 ? 33  TYR A CA    1 
ATOM   239  C C     . TYR A 1 33  ? -8.432  1.286   -5.816  1.00 25.34 ? 33  TYR A C     1 
ATOM   240  O O     . TYR A 1 33  ? -8.834  1.257   -4.652  1.00 24.87 ? 33  TYR A O     1 
ATOM   241  C CB    . TYR A 1 33  ? -8.910  -0.278  -7.809  1.00 25.28 ? 33  TYR A CB    1 
ATOM   242  C CG    . TYR A 1 33  ? -8.658  -1.493  -6.917  1.00 25.07 ? 33  TYR A CG    1 
ATOM   243  C CD1   . TYR A 1 33  ? -9.792  -2.177  -6.442  1.00 25.34 ? 33  TYR A CD1   1 
ATOM   244  C CD2   . TYR A 1 33  ? -7.400  -1.913  -6.514  1.00 24.46 ? 33  TYR A CD2   1 
ATOM   245  C CE1   . TYR A 1 33  ? -9.655  -3.280  -5.610  1.00 25.29 ? 33  TYR A CE1   1 
ATOM   246  C CE2   . TYR A 1 33  ? -7.250  -3.011  -5.671  1.00 24.82 ? 33  TYR A CE2   1 
ATOM   247  C CZ    . TYR A 1 33  ? -8.369  -3.684  -5.230  1.00 25.17 ? 33  TYR A CZ    1 
ATOM   248  O OH    . TYR A 1 33  ? -8.331  -4.782  -4.392  1.00 26.64 ? 33  TYR A OH    1 
ATOM   249  N N     . PHE A 1 34  ? -7.148  1.596   -6.116  1.00 24.82 ? 34  PHE A N     1 
ATOM   250  C CA    . PHE A 1 34  ? -6.160  1.952   -5.110  1.00 24.20 ? 34  PHE A CA    1 
ATOM   251  C C     . PHE A 1 34  ? -6.739  3.047   -4.207  1.00 24.32 ? 34  PHE A C     1 
ATOM   252  O O     . PHE A 1 34  ? -6.671  2.912   -2.971  1.00 21.87 ? 34  PHE A O     1 
ATOM   253  C CB    . PHE A 1 34  ? -4.809  2.351   -5.719  1.00 24.39 ? 34  PHE A CB    1 
ATOM   254  C CG    . PHE A 1 34  ? -3.941  3.061   -4.708  1.00 25.15 ? 34  PHE A CG    1 
ATOM   255  C CD1   . PHE A 1 34  ? -3.381  2.327   -3.663  1.00 24.83 ? 34  PHE A CD1   1 
ATOM   256  C CD2   . PHE A 1 34  ? -3.721  4.439   -4.816  1.00 25.18 ? 34  PHE A CD2   1 
ATOM   257  C CE1   . PHE A 1 34  ? -2.560  2.947   -2.715  1.00 24.78 ? 34  PHE A CE1   1 
ATOM   258  C CE2   . PHE A 1 34  ? -2.919  5.080   -3.852  1.00 26.08 ? 34  PHE A CE2   1 
ATOM   259  C CZ    . PHE A 1 34  ? -2.338  4.321   -2.817  1.00 25.39 ? 34  PHE A CZ    1 
ATOM   260  N N     . GLN A 1 35  ? -7.298  4.096   -4.840  1.00 25.91 ? 35  GLN A N     1 
ATOM   261  C CA    . GLN A 1 35  ? -7.891  5.178   -4.018  1.00 27.59 ? 35  GLN A CA    1 
ATOM   262  C C     . GLN A 1 35  ? -9.097  4.698   -3.184  1.00 27.98 ? 35  GLN A C     1 
ATOM   263  O O     . GLN A 1 35  ? -9.327  5.096   -2.010  1.00 28.16 ? 35  GLN A O     1 
ATOM   264  C CB    . GLN A 1 35  ? -8.408  6.351   -4.841  1.00 29.52 ? 35  GLN A CB    1 
ATOM   265  C CG    . GLN A 1 35  ? -7.509  6.918   -5.908  1.00 32.25 ? 35  GLN A CG    1 
ATOM   266  C CD    . GLN A 1 35  ? -6.375  7.762   -5.393  1.00 34.91 ? 35  GLN A CD    1 
ATOM   267  O OE1   . GLN A 1 35  ? -6.395  8.376   -4.322  1.00 35.41 ? 35  GLN A OE1   1 
ATOM   268  N NE2   . GLN A 1 35  ? -5.305  7.832   -6.212  1.00 37.13 ? 35  GLN A NE2   1 
ATOM   269  N N     . ARG A 1 36  ? -9.953  3.909   -3.823  1.00 28.23 ? 36  ARG A N     1 
ATOM   270  C CA    . ARG A 1 36  ? -11.167 3.409   -3.155  1.00 29.09 ? 36  ARG A CA    1 
ATOM   271  C C     . ARG A 1 36  ? -10.813 2.585   -1.923  1.00 27.51 ? 36  ARG A C     1 
ATOM   272  O O     . ARG A 1 36  ? -11.344 2.842   -0.861  1.00 27.24 ? 36  ARG A O     1 
ATOM   273  C CB    . ARG A 1 36  ? -11.957 2.548   -4.132  1.00 31.07 ? 36  ARG A CB    1 
ATOM   274  C CG    . ARG A 1 36  ? -13.466 2.557   -4.063  1.00 35.01 ? 36  ARG A CG    1 
ATOM   275  C CD    . ARG A 1 36  ? -14.107 1.459   -4.911  1.00 37.24 ? 36  ARG A CD    1 
ATOM   276  N NE    . ARG A 1 36  ? -14.438 0.417   -3.900  1.00 40.07 ? 36  ARG A NE    1 
ATOM   277  C CZ    . ARG A 1 36  ? -14.172 -0.881  -4.086  1.00 40.29 ? 36  ARG A CZ    1 
ATOM   278  N NH1   . ARG A 1 36  ? -13.928 -1.430  -5.290  1.00 40.93 ? 36  ARG A NH1   1 
ATOM   279  N NH2   . ARG A 1 36  ? -14.244 -1.602  -2.963  1.00 39.23 ? 36  ARG A NH2   1 
ATOM   280  N N     . MET A 1 37  ? -9.921  1.605   -2.044  1.00 27.22 ? 37  MET A N     1 
ATOM   281  C CA    . MET A 1 37  ? -9.522  0.693   -0.974  1.00 26.08 ? 37  MET A CA    1 
ATOM   282  C C     . MET A 1 37  ? -8.860  1.400   0.199   1.00 25.04 ? 37  MET A C     1 
ATOM   283  O O     . MET A 1 37  ? -9.194  1.181   1.354   1.00 25.19 ? 37  MET A O     1 
ATOM   284  C CB    . MET A 1 37  ? -8.672  -0.447  -1.515  1.00 26.01 ? 37  MET A CB    1 
ATOM   285  C CG    . MET A 1 37  ? -9.309  -1.213  -2.654  1.00 25.97 ? 37  MET A CG    1 
ATOM   286  S SD    . MET A 1 37  ? -10.845 -1.990  -2.001  1.00 28.87 ? 37  MET A SD    1 
ATOM   287  C CE    . MET A 1 37  ? -10.164 -3.069  -0.805  1.00 25.39 ? 37  MET A CE    1 
ATOM   288  N N     . THR A 1 38  ? -7.885  2.246   -0.074  1.00 24.65 ? 38  THR A N     1 
ATOM   289  C CA    . THR A 1 38  ? -7.159  2.971   0.992   1.00 23.76 ? 38  THR A CA    1 
ATOM   290  C C     . THR A 1 38  ? -7.997  4.084   1.609   1.00 23.73 ? 38  THR A C     1 
ATOM   291  O O     . THR A 1 38  ? -7.793  4.456   2.769   1.00 24.14 ? 38  THR A O     1 
ATOM   292  C CB    . THR A 1 38  ? -5.767  3.471   0.452   1.00 22.83 ? 38  THR A CB    1 
ATOM   293  O OG1   . THR A 1 38  ? -6.057  4.517   -0.541  1.00 22.30 ? 38  THR A OG1   1 
ATOM   294  C CG2   . THR A 1 38  ? -5.016  2.285   -0.153  1.00 21.73 ? 38  THR A CG2   1 
ATOM   295  N N     . THR A 1 39  ? -8.943  4.622   0.869   1.00 25.70 ? 39  THR A N     1 
ATOM   296  C CA    . THR A 1 39  ? -9.758  5.689   1.465   1.00 28.17 ? 39  THR A CA    1 
ATOM   297  C C     . THR A 1 39  ? -10.972 5.224   2.285   1.00 28.15 ? 39  THR A C     1 
ATOM   298  O O     . THR A 1 39  ? -11.285 6.009   3.214   1.00 28.08 ? 39  THR A O     1 
ATOM   299  C CB    . THR A 1 39  ? -10.346 6.765   0.475   1.00 28.29 ? 39  THR A CB    1 
ATOM   300  O OG1   . THR A 1 39  ? -9.187  7.090   -0.336  1.00 30.40 ? 39  THR A OG1   1 
ATOM   301  C CG2   . THR A 1 39  ? -10.955 7.956   1.233   1.00 29.16 ? 39  THR A CG2   1 
ATOM   302  N N     . THR A 1 40  ? -11.553 4.129   1.913   1.00 28.50 ? 40  THR A N     1 
ATOM   303  C CA    . THR A 1 40  ? -12.777 3.702   2.632   1.00 30.62 ? 40  THR A CA    1 
ATOM   304  C C     . THR A 1 40  ? -12.591 3.157   4.020   1.00 31.77 ? 40  THR A C     1 
ATOM   305  O O     . THR A 1 40  ? -11.882 2.167   4.223   1.00 31.52 ? 40  THR A O     1 
ATOM   306  C CB    . THR A 1 40  ? -13.679 2.759   1.741   1.00 30.74 ? 40  THR A CB    1 
ATOM   307  O OG1   . THR A 1 40  ? -13.643 3.267   0.380   1.00 30.77 ? 40  THR A OG1   1 
ATOM   308  C CG2   . THR A 1 40  ? -15.167 2.781   2.140   1.00 30.98 ? 40  THR A CG2   1 
ATOM   309  N N     . SER A 1 41  ? -13.268 3.764   4.968   1.00 34.67 ? 41  SER A N     1 
ATOM   310  C CA    . SER A 1 41  ? -13.246 3.369   6.383   1.00 37.70 ? 41  SER A CA    1 
ATOM   311  C C     . SER A 1 41  ? -14.523 2.602   6.736   1.00 39.81 ? 41  SER A C     1 
ATOM   312  O O     . SER A 1 41  ? -15.631 3.011   6.362   1.00 41.14 ? 41  SER A O     1 
ATOM   313  C CB    . SER A 1 41  ? -13.091 4.529   7.365   1.00 37.79 ? 41  SER A CB    1 
ATOM   314  O OG    . SER A 1 41  ? -12.749 3.968   8.631   1.00 38.58 ? 41  SER A OG    1 
ATOM   315  N N     . SER A 1 42  ? -14.321 1.527   7.475   1.00 40.88 ? 42  SER A N     1 
ATOM   316  C CA    . SER A 1 42  ? -15.392 0.649   7.939   1.00 42.91 ? 42  SER A CA    1 
ATOM   317  C C     . SER A 1 42  ? -15.962 1.077   9.300   1.00 44.57 ? 42  SER A C     1 
ATOM   318  O O     . SER A 1 42  ? -16.627 0.222   9.913   1.00 45.67 ? 42  SER A O     1 
ATOM   319  C CB    . SER A 1 42  ? -14.877 -0.778  8.131   1.00 42.97 ? 42  SER A CB    1 
ATOM   320  O OG    . SER A 1 42  ? -13.956 -0.838  9.221   1.00 42.25 ? 42  SER A OG    1 
ATOM   321  N N     . VAL A 1 43  ? -15.745 2.278   9.747   1.00 45.27 ? 43  VAL A N     1 
ATOM   322  C CA    . VAL A 1 43  ? -16.168 2.889   10.997  1.00 45.88 ? 43  VAL A CA    1 
ATOM   323  C C     . VAL A 1 43  ? -16.395 4.394   10.850  1.00 46.82 ? 43  VAL A C     1 
ATOM   324  O O     . VAL A 1 43  ? -15.503 5.122   10.347  1.00 46.87 ? 43  VAL A O     1 
ATOM   325  C CB    . VAL A 1 43  ? -15.023 2.647   12.039  1.00 45.75 ? 43  VAL A CB    1 
ATOM   326  C CG1   . VAL A 1 43  ? -15.124 3.595   13.227  1.00 45.87 ? 43  VAL A CG1   1 
ATOM   327  C CG2   . VAL A 1 43  ? -14.886 1.225   12.524  1.00 45.21 ? 43  VAL A CG2   1 
ATOM   328  N N     . GLU A 1 44  ? -17.515 4.912   11.328  1.00 48.04 ? 44  GLU A N     1 
ATOM   329  C CA    . GLU A 1 44  ? -17.830 6.351   11.234  1.00 48.55 ? 44  GLU A CA    1 
ATOM   330  C C     . GLU A 1 44  ? -17.003 7.223   12.179  1.00 47.57 ? 44  GLU A C     1 
ATOM   331  O O     . GLU A 1 44  ? -16.807 6.971   13.388  1.00 47.86 ? 44  GLU A O     1 
ATOM   332  C CB    . GLU A 1 44  ? -19.314 6.662   11.469  1.00 50.24 ? 44  GLU A CB    1 
ATOM   333  C CG    . GLU A 1 44  ? -20.282 6.126   10.441  1.00 52.52 ? 44  GLU A CG    1 
ATOM   334  C CD    . GLU A 1 44  ? -21.691 6.596   10.330  1.00 53.93 ? 44  GLU A CD    1 
ATOM   335  O OE1   . GLU A 1 44  ? -22.387 6.949   11.278  1.00 54.97 ? 44  GLU A OE1   1 
ATOM   336  O OE2   . GLU A 1 44  ? -22.108 6.598   9.133   1.00 54.48 ? 44  GLU A OE2   1 
ATOM   337  N N     . GLY A 1 45  ? -16.512 8.290   11.576  1.00 46.05 ? 45  GLY A N     1 
ATOM   338  C CA    . GLY A 1 45  ? -15.687 9.328   12.182  1.00 44.71 ? 45  GLY A CA    1 
ATOM   339  C C     . GLY A 1 45  ? -14.224 8.913   12.264  1.00 43.79 ? 45  GLY A C     1 
ATOM   340  O O     . GLY A 1 45  ? -13.405 9.452   13.036  1.00 44.24 ? 45  GLY A O     1 
ATOM   341  N N     . LYS A 1 46  ? -13.926 7.879   11.486  1.00 42.20 ? 46  LYS A N     1 
ATOM   342  C CA    . LYS A 1 46  ? -12.578 7.302   11.381  1.00 39.62 ? 46  LYS A CA    1 
ATOM   343  C C     . LYS A 1 46  ? -12.138 7.445   9.917   1.00 37.07 ? 46  LYS A C     1 
ATOM   344  O O     . LYS A 1 46  ? -12.931 7.512   8.974   1.00 35.70 ? 46  LYS A O     1 
ATOM   345  C CB    . LYS A 1 46  ? -12.447 5.882   11.879  1.00 40.27 ? 46  LYS A CB    1 
ATOM   346  C CG    . LYS A 1 46  ? -12.747 5.811   13.389  1.00 41.11 ? 46  LYS A CG    1 
ATOM   347  C CD    . LYS A 1 46  ? -11.935 4.677   14.015  1.00 42.31 ? 46  LYS A CD    1 
ATOM   348  C CE    . LYS A 1 46  ? -12.334 4.373   15.452  1.00 42.46 ? 46  LYS A CE    1 
ATOM   349  N NZ    . LYS A 1 46  ? -11.517 3.223   15.966  1.00 42.97 ? 46  LYS A NZ    1 
ATOM   350  N N     . GLN A 1 47  ? -10.828 7.521   9.787   1.00 35.49 ? 47  GLN A N     1 
ATOM   351  C CA    . GLN A 1 47  ? -10.077 7.652   8.550   1.00 33.27 ? 47  GLN A CA    1 
ATOM   352  C C     . GLN A 1 47  ? -8.949  6.611   8.582   1.00 30.55 ? 47  GLN A C     1 
ATOM   353  O O     . GLN A 1 47  ? -8.566  6.246   9.682   1.00 30.98 ? 47  GLN A O     1 
ATOM   354  C CB    . GLN A 1 47  ? -9.412  9.022   8.390   1.00 34.96 ? 47  GLN A CB    1 
ATOM   355  C CG    . GLN A 1 47  ? -10.298 10.270  8.482   1.00 36.71 ? 47  GLN A CG    1 
ATOM   356  C CD    . GLN A 1 47  ? -9.430  11.410  7.945   1.00 37.50 ? 47  GLN A CD    1 
ATOM   357  O OE1   . GLN A 1 47  ? -8.284  11.481  8.319   1.00 38.42 ? 47  GLN A OE1   1 
ATOM   358  N NE2   . GLN A 1 47  ? -9.978  12.253  7.109   1.00 37.96 ? 47  GLN A NE2   1 
ATOM   359  N N     . ASN A 1 48  ? -8.462  6.184   7.465   1.00 27.69 ? 48  ASN A N     1 
ATOM   360  C CA    . ASN A 1 48  ? -7.387  5.193   7.353   1.00 26.19 ? 48  ASN A CA    1 
ATOM   361  C C     . ASN A 1 48  ? -6.048  5.962   7.381   1.00 25.45 ? 48  ASN A C     1 
ATOM   362  O O     . ASN A 1 48  ? -6.079  7.149   7.037   1.00 25.95 ? 48  ASN A O     1 
ATOM   363  C CB    . ASN A 1 48  ? -7.492  4.361   6.073   1.00 25.48 ? 48  ASN A CB    1 
ATOM   364  C CG    . ASN A 1 48  ? -8.794  3.545   6.028   1.00 24.42 ? 48  ASN A CG    1 
ATOM   365  O OD1   . ASN A 1 48  ? -9.255  3.240   7.110   1.00 24.76 ? 48  ASN A OD1   1 
ATOM   366  N ND2   . ASN A 1 48  ? -9.361  3.222   4.902   1.00 24.50 ? 48  ASN A ND2   1 
ATOM   367  N N     . LEU A 1 49  ? -5.011  5.298   7.817   1.00 24.98 ? 49  LEU A N     1 
ATOM   368  C CA    . LEU A 1 49  ? -3.671  5.913   7.839   1.00 24.77 ? 49  LEU A CA    1 
ATOM   369  C C     . LEU A 1 49  ? -2.901  5.245   6.689   1.00 23.33 ? 49  LEU A C     1 
ATOM   370  O O     . LEU A 1 49  ? -3.113  4.013   6.580   1.00 22.65 ? 49  LEU A O     1 
ATOM   371  C CB    . LEU A 1 49  ? -3.003  5.604   9.155   1.00 25.77 ? 49  LEU A CB    1 
ATOM   372  C CG    . LEU A 1 49  ? -1.476  5.770   9.226   1.00 26.46 ? 49  LEU A CG    1 
ATOM   373  C CD1   . LEU A 1 49  ? -1.169  7.246   9.436   1.00 26.06 ? 49  LEU A CD1   1 
ATOM   374  C CD2   . LEU A 1 49  ? -1.087  5.002   10.492  1.00 27.38 ? 49  LEU A CD2   1 
ATOM   375  N N     . VAL A 1 50  ? -2.154  5.982   5.920   1.00 21.40 ? 50  VAL A N     1 
ATOM   376  C CA    . VAL A 1 50  ? -1.392  5.420   4.807   1.00 21.18 ? 50  VAL A CA    1 
ATOM   377  C C     . VAL A 1 50  ? 0.076   5.599   5.162   1.00 19.83 ? 50  VAL A C     1 
ATOM   378  O O     . VAL A 1 50  ? 0.429   6.774   5.480   1.00 19.43 ? 50  VAL A O     1 
ATOM   379  C CB    . VAL A 1 50  ? -1.715  5.950   3.400   1.00 21.53 ? 50  VAL A CB    1 
ATOM   380  C CG1   . VAL A 1 50  ? -3.073  5.472   2.928   1.00 23.22 ? 50  VAL A CG1   1 
ATOM   381  C CG2   . VAL A 1 50  ? -1.634  7.449   3.197   1.00 22.15 ? 50  VAL A CG2   1 
ATOM   382  N N     . ILE A 1 51  ? 0.806   4.503   5.135   1.00 18.95 ? 51  ILE A N     1 
ATOM   383  C CA    . ILE A 1 51  ? 2.235   4.503   5.456   1.00 18.65 ? 51  ILE A CA    1 
ATOM   384  C C     . ILE A 1 51  ? 3.082   4.298   4.205   1.00 20.50 ? 51  ILE A C     1 
ATOM   385  O O     . ILE A 1 51  ? 2.833   3.325   3.443   1.00 21.45 ? 51  ILE A O     1 
ATOM   386  C CB    . ILE A 1 51  ? 2.503   3.447   6.558   1.00 19.44 ? 51  ILE A CB    1 
ATOM   387  C CG1   . ILE A 1 51  ? 1.727   3.853   7.852   1.00 19.71 ? 51  ILE A CG1   1 
ATOM   388  C CG2   . ILE A 1 51  ? 4.010   3.212   6.808   1.00 19.83 ? 51  ILE A CG2   1 
ATOM   389  C CD1   . ILE A 1 51  ? 2.168   2.929   9.041   1.00 20.98 ? 51  ILE A CD1   1 
ATOM   390  N N     . MET A 1 52  ? 4.092   5.144   3.971   1.00 19.10 ? 52  MET A N     1 
ATOM   391  C CA    . MET A 1 52  ? 4.937   4.964   2.772   1.00 20.43 ? 52  MET A CA    1 
ATOM   392  C C     . MET A 1 52  ? 6.383   5.422   3.003   1.00 21.02 ? 52  MET A C     1 
ATOM   393  O O     . MET A 1 52  ? 6.551   6.279   3.874   1.00 20.75 ? 52  MET A O     1 
ATOM   394  C CB    . MET A 1 52  ? 4.370   5.724   1.603   1.00 20.63 ? 52  MET A CB    1 
ATOM   395  C CG    . MET A 1 52  ? 4.449   7.208   1.826   1.00 22.09 ? 52  MET A CG    1 
ATOM   396  S SD    . MET A 1 52  ? 3.302   7.931   0.583   1.00 23.74 ? 52  MET A SD    1 
ATOM   397  C CE    . MET A 1 52  ? 1.844   8.100   1.619   1.00 23.04 ? 52  MET A CE    1 
ATOM   398  N N     . GLY A 1 53  ? 7.293   4.870   2.210   1.00 21.55 ? 53  GLY A N     1 
ATOM   399  C CA    . GLY A 1 53  ? 8.706   5.258   2.304   1.00 20.88 ? 53  GLY A CA    1 
ATOM   400  C C     . GLY A 1 53  ? 8.829   6.621   1.644   1.00 19.84 ? 53  GLY A C     1 
ATOM   401  O O     . GLY A 1 53  ? 7.944   7.138   0.964   1.00 17.46 ? 53  GLY A O     1 
ATOM   402  N N     . LYS A 1 54  ? 9.990   7.213   1.884   1.00 22.05 ? 54  LYS A N     1 
ATOM   403  C CA    . LYS A 1 54  ? 10.336  8.535   1.345   1.00 21.64 ? 54  LYS A CA    1 
ATOM   404  C C     . LYS A 1 54  ? 10.249  8.530   -0.175  1.00 21.42 ? 54  LYS A C     1 
ATOM   405  O O     . LYS A 1 54  ? 9.670   9.451   -0.726  1.00 21.67 ? 54  LYS A O     1 
ATOM   406  C CB    . LYS A 1 54  ? 11.798  8.933   1.621   1.00 22.54 ? 54  LYS A CB    1 
ATOM   407  C CG    . LYS A 1 54  ? 12.050  10.402  1.303   1.00 23.62 ? 54  LYS A CG    1 
ATOM   408  C CD    . LYS A 1 54  ? 13.466  10.814  1.733   1.00 25.52 ? 54  LYS A CD    1 
ATOM   409  C CE    . LYS A 1 54  ? 14.486  9.888   1.093   1.00 26.98 ? 54  LYS A CE    1 
ATOM   410  N NZ    . LYS A 1 54  ? 15.825  10.117  1.682   1.00 29.82 ? 54  LYS A NZ    1 
ATOM   411  N N     . LYS A 1 55  ? 10.801  7.561   -0.884  1.00 22.14 ? 55  LYS A N     1 
ATOM   412  C CA    . LYS A 1 55  ? 10.732  7.556   -2.356  1.00 23.01 ? 55  LYS A CA    1 
ATOM   413  C C     . LYS A 1 55  ? 9.335   7.442   -2.911  1.00 23.13 ? 55  LYS A C     1 
ATOM   414  O O     . LYS A 1 55  ? 9.000   7.998   -3.993  1.00 25.38 ? 55  LYS A O     1 
ATOM   415  C CB    . LYS A 1 55  ? 11.579  6.434   -2.954  1.00 23.84 ? 55  LYS A CB    1 
ATOM   416  C CG    . LYS A 1 55  ? 11.945  6.717   -4.401  1.00 25.73 ? 55  LYS A CG    1 
ATOM   417  C CD    . LYS A 1 55  ? 12.467  5.465   -5.080  1.00 27.01 ? 55  LYS A CD    1 
ATOM   418  C CE    . LYS A 1 55  ? 13.199  5.814   -6.346  1.00 27.10 ? 55  LYS A CE    1 
ATOM   419  N NZ    . LYS A 1 55  ? 14.045  4.653   -6.696  1.00 27.67 ? 55  LYS A NZ    1 
ATOM   420  N N     . THR A 1 56  ? 8.506   6.697   -2.192  1.00 22.53 ? 56  THR A N     1 
ATOM   421  C CA    . THR A 1 56  ? 7.085   6.524   -2.633  1.00 21.16 ? 56  THR A CA    1 
ATOM   422  C C     . THR A 1 56  ? 6.346   7.849   -2.540  1.00 20.31 ? 56  THR A C     1 
ATOM   423  O O     . THR A 1 56  ? 5.611   8.140   -3.490  1.00 21.53 ? 56  THR A O     1 
ATOM   424  C CB    . THR A 1 56  ? 6.329   5.411   -1.822  1.00 19.37 ? 56  THR A CB    1 
ATOM   425  O OG1   . THR A 1 56  ? 7.094   4.260   -2.237  1.00 20.57 ? 56  THR A OG1   1 
ATOM   426  C CG2   . THR A 1 56  ? 4.834   5.337   -2.094  1.00 18.67 ? 56  THR A CG2   1 
ATOM   427  N N     . TRP A 1 57  ? 6.588   8.559   -1.461  1.00 19.55 ? 57  TRP A N     1 
ATOM   428  C CA    . TRP A 1 57  ? 6.002   9.896   -1.242  1.00 20.08 ? 57  TRP A CA    1 
ATOM   429  C C     . TRP A 1 57  ? 6.334   10.827  -2.400  1.00 21.13 ? 57  TRP A C     1 
ATOM   430  O O     . TRP A 1 57  ? 5.475   11.534  -2.995  1.00 22.31 ? 57  TRP A O     1 
ATOM   431  C CB    . TRP A 1 57  ? 6.448   10.497  0.124   1.00 18.76 ? 57  TRP A CB    1 
ATOM   432  C CG    . TRP A 1 57  ? 6.000   11.926  0.239   1.00 18.36 ? 57  TRP A CG    1 
ATOM   433  C CD1   . TRP A 1 57  ? 6.791   13.028  0.020   1.00 18.27 ? 57  TRP A CD1   1 
ATOM   434  C CD2   . TRP A 1 57  ? 4.708   12.437  0.624   1.00 18.44 ? 57  TRP A CD2   1 
ATOM   435  N NE1   . TRP A 1 57  ? 6.055   14.206  0.173   1.00 19.64 ? 57  TRP A NE1   1 
ATOM   436  C CE2   . TRP A 1 57  ? 4.762   13.844  0.535   1.00 18.87 ? 57  TRP A CE2   1 
ATOM   437  C CE3   . TRP A 1 57  ? 3.524   11.835  1.002   1.00 19.34 ? 57  TRP A CE3   1 
ATOM   438  C CZ2   . TRP A 1 57  ? 3.692   14.654  0.872   1.00 18.90 ? 57  TRP A CZ2   1 
ATOM   439  C CZ3   . TRP A 1 57  ? 2.438   12.649  1.293   1.00 19.90 ? 57  TRP A CZ3   1 
ATOM   440  C CH2   . TRP A 1 57  ? 2.515   14.053  1.248   1.00 18.41 ? 57  TRP A CH2   1 
ATOM   441  N N     . PHE A 1 58  ? 7.627   10.864  -2.758  1.00 21.73 ? 58  PHE A N     1 
ATOM   442  C CA    . PHE A 1 58  ? 8.123   11.728  -3.851  1.00 21.83 ? 58  PHE A CA    1 
ATOM   443  C C     . PHE A 1 58  ? 7.672   11.316  -5.242  1.00 23.35 ? 58  PHE A C     1 
ATOM   444  O O     . PHE A 1 58  ? 7.615   12.190  -6.128  1.00 22.97 ? 58  PHE A O     1 
ATOM   445  C CB    . PHE A 1 58  ? 9.645   11.962  -3.765  1.00 20.03 ? 58  PHE A CB    1 
ATOM   446  C CG    . PHE A 1 58  ? 9.852   12.944  -2.612  1.00 19.20 ? 58  PHE A CG    1 
ATOM   447  C CD1   . PHE A 1 58  ? 9.400   14.242  -2.772  1.00 18.95 ? 58  PHE A CD1   1 
ATOM   448  C CD2   . PHE A 1 58  ? 10.383  12.531  -1.430  1.00 17.99 ? 58  PHE A CD2   1 
ATOM   449  C CE1   . PHE A 1 58  ? 9.541   15.196  -1.756  1.00 17.87 ? 58  PHE A CE1   1 
ATOM   450  C CE2   . PHE A 1 58  ? 10.533  13.452  -0.381  1.00 18.69 ? 58  PHE A CE2   1 
ATOM   451  C CZ    . PHE A 1 58  ? 10.119  14.753  -0.572  1.00 17.83 ? 58  PHE A CZ    1 
ATOM   452  N N     . SER A 1 59  ? 7.302   10.069  -5.405  1.00 25.86 ? 59  SER A N     1 
ATOM   453  C CA    . SER A 1 59  ? 6.817   9.514   -6.680  1.00 27.68 ? 59  SER A CA    1 
ATOM   454  C C     . SER A 1 59  ? 5.367   9.854   -6.978  1.00 29.20 ? 59  SER A C     1 
ATOM   455  O O     . SER A 1 59  ? 4.890   9.548   -8.101  1.00 31.20 ? 59  SER A O     1 
ATOM   456  C CB    . SER A 1 59  ? 6.992   7.991   -6.691  1.00 27.52 ? 59  SER A CB    1 
ATOM   457  O OG    . SER A 1 59  ? 5.801   7.356   -6.185  1.00 27.89 ? 59  SER A OG    1 
ATOM   458  N N     . ILE A 1 60  ? 4.632   10.432  -6.068  1.00 29.72 ? 60  ILE A N     1 
ATOM   459  C CA    . ILE A 1 60  ? 3.218   10.776  -6.264  1.00 30.77 ? 60  ILE A CA    1 
ATOM   460  C C     . ILE A 1 60  ? 3.277   12.203  -6.813  1.00 32.23 ? 60  ILE A C     1 
ATOM   461  O O     . ILE A 1 60  ? 4.072   12.979  -6.284  1.00 31.89 ? 60  ILE A O     1 
ATOM   462  C CB    . ILE A 1 60  ? 2.370   10.684  -4.960  1.00 30.34 ? 60  ILE A CB    1 
ATOM   463  C CG1   . ILE A 1 60  ? 2.474   9.279   -4.309  1.00 30.41 ? 60  ILE A CG1   1 
ATOM   464  C CG2   . ILE A 1 60  ? 0.915   11.175  -5.154  1.00 30.05 ? 60  ILE A CG2   1 
ATOM   465  C CD1   . ILE A 1 60  ? 1.884   9.233   -2.858  1.00 29.79 ? 60  ILE A CD1   1 
ATOM   466  N N     . PRO A 1 61  ? 2.489   12.438  -7.836  1.00 33.81 ? 61  PRO A N     1 
ATOM   467  C CA    . PRO A 1 61  ? 2.424   13.776  -8.455  1.00 34.90 ? 61  PRO A CA    1 
ATOM   468  C C     . PRO A 1 61  ? 2.044   14.745  -7.341  1.00 36.14 ? 61  PRO A C     1 
ATOM   469  O O     . PRO A 1 61  ? 1.125   14.456  -6.549  1.00 36.99 ? 61  PRO A O     1 
ATOM   470  C CB    . PRO A 1 61  ? 1.358   13.616  -9.543  1.00 34.97 ? 61  PRO A CB    1 
ATOM   471  C CG    . PRO A 1 61  ? 1.295   12.120  -9.795  1.00 34.45 ? 61  PRO A CG    1 
ATOM   472  C CD    . PRO A 1 61  ? 1.560   11.465  -8.454  1.00 33.55 ? 61  PRO A CD    1 
ATOM   473  N N     . GLU A 1 62  ? 2.737   15.861  -7.261  1.00 37.69 ? 62  GLU A N     1 
ATOM   474  C CA    . GLU A 1 62  ? 2.555   16.884  -6.230  1.00 38.96 ? 62  GLU A CA    1 
ATOM   475  C C     . GLU A 1 62  ? 1.146   17.387  -6.003  1.00 39.30 ? 62  GLU A C     1 
ATOM   476  O O     . GLU A 1 62  ? 0.886   17.771  -4.853  1.00 40.14 ? 62  GLU A O     1 
ATOM   477  C CB    . GLU A 1 62  ? 3.349   18.137  -6.525  1.00 40.02 ? 62  GLU A CB    1 
ATOM   478  C CG    . GLU A 1 62  ? 4.226   18.795  -5.481  1.00 41.40 ? 62  GLU A CG    1 
ATOM   479  C CD    . GLU A 1 62  ? 5.100   19.862  -6.099  1.00 42.58 ? 62  GLU A CD    1 
ATOM   480  O OE1   . GLU A 1 62  ? 6.052   19.599  -6.812  1.00 43.89 ? 62  GLU A OE1   1 
ATOM   481  O OE2   . GLU A 1 62  ? 4.700   21.020  -5.852  1.00 44.02 ? 62  GLU A OE2   1 
ATOM   482  N N     . LYS A 1 63  ? 0.341   17.422  -7.029  1.00 39.52 ? 63  LYS A N     1 
ATOM   483  C CA    . LYS A 1 63  ? -1.033  17.895  -6.927  1.00 40.31 ? 63  LYS A CA    1 
ATOM   484  C C     . LYS A 1 63  ? -1.857  16.852  -6.175  1.00 39.18 ? 63  LYS A C     1 
ATOM   485  O O     . LYS A 1 63  ? -2.894  17.221  -5.634  1.00 39.49 ? 63  LYS A O     1 
ATOM   486  C CB    . LYS A 1 63  ? -1.684  18.096  -8.297  1.00 42.01 ? 63  LYS A CB    1 
ATOM   487  C CG    . LYS A 1 63  ? -1.785  16.753  -9.052  1.00 43.61 ? 63  LYS A CG    1 
ATOM   488  C CD    . LYS A 1 63  ? -2.860  16.773  -10.127 1.00 45.40 ? 63  LYS A CD    1 
ATOM   489  C CE    . LYS A 1 63  ? -3.201  15.394  -10.678 1.00 46.78 ? 63  LYS A CE    1 
ATOM   490  N NZ    . LYS A 1 63  ? -4.539  15.425  -11.358 1.00 47.95 ? 63  LYS A NZ    1 
ATOM   491  N N     . ASN A 1 64  ? -1.396  15.626  -6.196  1.00 38.50 ? 64  ASN A N     1 
ATOM   492  C CA    . ASN A 1 64  ? -2.072  14.500  -5.541  1.00 37.42 ? 64  ASN A CA    1 
ATOM   493  C C     . ASN A 1 64  ? -1.499  14.254  -4.151  1.00 35.68 ? 64  ASN A C     1 
ATOM   494  O O     . ASN A 1 64  ? -1.760  13.166  -3.656  1.00 35.81 ? 64  ASN A O     1 
ATOM   495  C CB    . ASN A 1 64  ? -1.917  13.205  -6.365  1.00 38.73 ? 64  ASN A CB    1 
ATOM   496  C CG    . ASN A 1 64  ? -2.720  13.356  -7.647  1.00 40.11 ? 64  ASN A CG    1 
ATOM   497  O OD1   . ASN A 1 64  ? -3.898  13.737  -7.530  1.00 41.29 ? 64  ASN A OD1   1 
ATOM   498  N ND2   . ASN A 1 64  ? -2.068  13.072  -8.762  1.00 40.52 ? 64  ASN A ND2   1 
ATOM   499  N N     . ARG A 1 65  ? -0.757  15.187  -3.618  1.00 34.13 ? 65  ARG A N     1 
ATOM   500  C CA    . ARG A 1 65  ? -0.099  15.132  -2.331  1.00 32.23 ? 65  ARG A CA    1 
ATOM   501  C C     . ARG A 1 65  ? -0.505  16.190  -1.320  1.00 31.31 ? 65  ARG A C     1 
ATOM   502  O O     . ARG A 1 65  ? -0.376  17.399  -1.587  1.00 33.21 ? 65  ARG A O     1 
ATOM   503  C CB    . ARG A 1 65  ? 1.409   15.402  -2.566  1.00 32.20 ? 65  ARG A CB    1 
ATOM   504  C CG    . ARG A 1 65  ? 2.131   14.289  -3.248  1.00 32.22 ? 65  ARG A CG    1 
ATOM   505  C CD    . ARG A 1 65  ? 3.473   14.152  -2.678  1.00 32.76 ? 65  ARG A CD    1 
ATOM   506  N NE    . ARG A 1 65  ? 4.548   14.973  -3.043  1.00 33.45 ? 65  ARG A NE    1 
ATOM   507  C CZ    . ARG A 1 65  ? 5.433   15.442  -3.877  1.00 33.86 ? 65  ARG A CZ    1 
ATOM   508  N NH1   . ARG A 1 65  ? 5.456   15.065  -5.148  1.00 33.61 ? 65  ARG A NH1   1 
ATOM   509  N NH2   . ARG A 1 65  ? 6.391   16.322  -3.543  1.00 33.48 ? 65  ARG A NH2   1 
ATOM   510  N N     . PRO A 1 66  ? -0.933  15.789  -0.145  1.00 30.26 ? 66  PRO A N     1 
ATOM   511  C CA    . PRO A 1 66  ? -1.066  14.396  0.302   1.00 28.95 ? 66  PRO A CA    1 
ATOM   512  C C     . PRO A 1 66  ? -2.240  13.631  -0.260  1.00 27.33 ? 66  PRO A C     1 
ATOM   513  O O     . PRO A 1 66  ? -3.139  14.266  -0.810  1.00 26.70 ? 66  PRO A O     1 
ATOM   514  C CB    . PRO A 1 66  ? -1.117  14.584  1.833   1.00 28.46 ? 66  PRO A CB    1 
ATOM   515  C CG    . PRO A 1 66  ? -2.012  15.813  1.894   1.00 29.15 ? 66  PRO A CG    1 
ATOM   516  C CD    . PRO A 1 66  ? -1.316  16.760  0.903   1.00 29.85 ? 66  PRO A CD    1 
ATOM   517  N N     . LEU A 1 67  ? -2.215  12.297  -0.102  1.00 25.84 ? 67  LEU A N     1 
ATOM   518  C CA    . LEU A 1 67  ? -3.402  11.504  -0.557  1.00 25.59 ? 67  LEU A CA    1 
ATOM   519  C C     . LEU A 1 67  ? -4.590  12.006  0.290   1.00 25.12 ? 67  LEU A C     1 
ATOM   520  O O     . LEU A 1 67  ? -4.588  11.932  1.542   1.00 24.87 ? 67  LEU A O     1 
ATOM   521  C CB    . LEU A 1 67  ? -3.097  10.019  -0.398  1.00 25.07 ? 67  LEU A CB    1 
ATOM   522  C CG    . LEU A 1 67  ? -2.018  9.393   -1.262  1.00 23.92 ? 67  LEU A CG    1 
ATOM   523  C CD1   . LEU A 1 67  ? -1.895  7.928   -0.788  1.00 24.64 ? 67  LEU A CD1   1 
ATOM   524  C CD2   . LEU A 1 67  ? -2.375  9.401   -2.737  1.00 22.47 ? 67  LEU A CD2   1 
ATOM   525  N N     . LYS A 1 68  ? -5.601  12.529  -0.357  1.00 26.96 ? 68  LYS A N     1 
ATOM   526  C CA    . LYS A 1 68  ? -6.758  13.106  0.337   1.00 29.28 ? 68  LYS A CA    1 
ATOM   527  C C     . LYS A 1 68  ? -7.695  12.132  1.031   1.00 29.34 ? 68  LYS A C     1 
ATOM   528  O O     . LYS A 1 68  ? -7.927  11.016  0.526   1.00 28.24 ? 68  LYS A O     1 
ATOM   529  C CB    . LYS A 1 68  ? -7.541  14.058  -0.558  1.00 32.12 ? 68  LYS A CB    1 
ATOM   530  C CG    . LYS A 1 68  ? -8.657  13.383  -1.351  1.00 35.26 ? 68  LYS A CG    1 
ATOM   531  C CD    . LYS A 1 68  ? -9.548  14.496  -1.969  1.00 37.54 ? 68  LYS A CD    1 
ATOM   532  C CE    . LYS A 1 68  ? -9.052  14.818  -3.374  1.00 38.52 ? 68  LYS A CE    1 
ATOM   533  N NZ    . LYS A 1 68  ? -7.597  15.123  -3.350  1.00 38.97 ? 68  LYS A NZ    1 
ATOM   534  N N     . GLY A 1 69  ? -8.145  12.604  2.205   1.00 28.37 ? 69  GLY A N     1 
ATOM   535  C CA    . GLY A 1 69  ? -9.074  11.775  3.006   1.00 27.95 ? 69  GLY A CA    1 
ATOM   536  C C     . GLY A 1 69  ? -8.392  10.730  3.853   1.00 27.13 ? 69  GLY A C     1 
ATOM   537  O O     . GLY A 1 69  ? -9.095  9.986   4.549   1.00 28.51 ? 69  GLY A O     1 
ATOM   538  N N     . ARG A 1 70  ? -7.088  10.640  3.821   1.00 24.73 ? 70  ARG A N     1 
ATOM   539  C CA    . ARG A 1 70  ? -6.291  9.698   4.570   1.00 23.38 ? 70  ARG A CA    1 
ATOM   540  C C     . ARG A 1 70  ? -5.218  10.409  5.382   1.00 23.54 ? 70  ARG A C     1 
ATOM   541  O O     . ARG A 1 70  ? -4.882  11.506  4.926   1.00 22.79 ? 70  ARG A O     1 
ATOM   542  C CB    . ARG A 1 70  ? -5.601  8.765   3.559   1.00 23.28 ? 70  ARG A CB    1 
ATOM   543  C CG    . ARG A 1 70  ? -6.645  7.894   2.833   1.00 23.28 ? 70  ARG A CG    1 
ATOM   544  C CD    . ARG A 1 70  ? -6.117  7.473   1.509   1.00 24.02 ? 70  ARG A CD    1 
ATOM   545  N NE    . ARG A 1 70  ? -6.354  8.500   0.509   1.00 25.08 ? 70  ARG A NE    1 
ATOM   546  C CZ    . ARG A 1 70  ? -6.224  8.253   -0.802  1.00 25.08 ? 70  ARG A CZ    1 
ATOM   547  N NH1   . ARG A 1 70  ? -5.799  7.068   -1.251  1.00 23.73 ? 70  ARG A NH1   1 
ATOM   548  N NH2   . ARG A 1 70  ? -6.545  9.262   -1.615  1.00 27.16 ? 70  ARG A NH2   1 
ATOM   549  N N     . ILE A 1 71  ? -4.749  9.789   6.458   1.00 23.16 ? 71  ILE A N     1 
ATOM   550  C CA    . ILE A 1 71  ? -3.693  10.377  7.273   1.00 22.12 ? 71  ILE A CA    1 
ATOM   551  C C     . ILE A 1 71  ? -2.398  9.926   6.602   1.00 21.80 ? 71  ILE A C     1 
ATOM   552  O O     . ILE A 1 71  ? -2.244  8.704   6.359   1.00 21.61 ? 71  ILE A O     1 
ATOM   553  C CB    . ILE A 1 71  ? -3.837  10.061  8.802   1.00 22.04 ? 71  ILE A CB    1 
ATOM   554  C CG1   . ILE A 1 71  ? -5.165  10.634  9.330   1.00 21.90 ? 71  ILE A CG1   1 
ATOM   555  C CG2   . ILE A 1 71  ? -2.550  10.457  9.561   1.00 22.29 ? 71  ILE A CG2   1 
ATOM   556  C CD1   . ILE A 1 71  ? -5.708  10.040  10.649  1.00 23.07 ? 71  ILE A CD1   1 
ATOM   557  N N     . ASN A 1 72  ? -1.516  10.824  6.221   1.00 20.62 ? 72  ASN A N     1 
ATOM   558  C CA    . ASN A 1 72  ? -0.292  10.377  5.523   1.00 20.03 ? 72  ASN A CA    1 
ATOM   559  C C     . ASN A 1 72  ? 0.952   10.426  6.401   1.00 20.71 ? 72  ASN A C     1 
ATOM   560  O O     . ASN A 1 72  ? 1.374   11.478  6.917   1.00 20.10 ? 72  ASN A O     1 
ATOM   561  C CB    . ASN A 1 72  ? -0.035  11.126  4.245   1.00 19.32 ? 72  ASN A CB    1 
ATOM   562  C CG    . ASN A 1 72  ? -1.085  11.236  3.198   1.00 19.40 ? 72  ASN A CG    1 
ATOM   563  O OD1   . ASN A 1 72  ? -0.702  11.297  2.034   1.00 21.09 ? 72  ASN A OD1   1 
ATOM   564  N ND2   . ASN A 1 72  ? -2.361  11.352  3.495   1.00 20.60 ? 72  ASN A ND2   1 
ATOM   565  N N     . LEU A 1 73  ? 1.575   9.257   6.428   1.00 19.65 ? 73  LEU A N     1 
ATOM   566  C CA    . LEU A 1 73  ? 2.825   9.080   7.178   1.00 19.28 ? 73  LEU A CA    1 
ATOM   567  C C     . LEU A 1 73  ? 3.917   8.572   6.244   1.00 19.19 ? 73  LEU A C     1 
ATOM   568  O O     . LEU A 1 73  ? 3.702   7.597   5.519   1.00 18.28 ? 73  LEU A O     1 
ATOM   569  C CB    . LEU A 1 73  ? 2.584   8.094   8.327   1.00 19.25 ? 73  LEU A CB    1 
ATOM   570  C CG    . LEU A 1 73  ? 3.658   7.846   9.357   1.00 20.42 ? 73  LEU A CG    1 
ATOM   571  C CD1   . LEU A 1 73  ? 3.021   7.419   10.663  1.00 20.46 ? 73  LEU A CD1   1 
ATOM   572  C CD2   . LEU A 1 73  ? 4.690   6.829   8.878   1.00 19.83 ? 73  LEU A CD2   1 
ATOM   573  N N     . VAL A 1 74  ? 5.047   9.239   6.349   1.00 20.08 ? 74  VAL A N     1 
ATOM   574  C CA    . VAL A 1 74  ? 6.291   8.962   5.622   1.00 20.90 ? 74  VAL A CA    1 
ATOM   575  C C     . VAL A 1 74  ? 7.294   8.378   6.626   1.00 23.11 ? 74  VAL A C     1 
ATOM   576  O O     . VAL A 1 74  ? 7.422   8.689   7.841   1.00 23.78 ? 74  VAL A O     1 
ATOM   577  C CB    . VAL A 1 74  ? 6.767   10.232  4.906   1.00 22.08 ? 74  VAL A CB    1 
ATOM   578  C CG1   . VAL A 1 74  ? 8.112   10.039  4.199   1.00 21.94 ? 74  VAL A CG1   1 
ATOM   579  C CG2   . VAL A 1 74  ? 5.654   10.777  4.006   1.00 20.51 ? 74  VAL A CG2   1 
ATOM   580  N N     . LEU A 1 75  ? 8.011   7.379   6.123   1.00 23.74 ? 75  LEU A N     1 
ATOM   581  C CA    . LEU A 1 75  ? 9.068   6.613   6.726   1.00 24.79 ? 75  LEU A CA    1 
ATOM   582  C C     . LEU A 1 75  ? 10.421  7.104   6.198   1.00 24.79 ? 75  LEU A C     1 
ATOM   583  O O     . LEU A 1 75  ? 10.725  7.031   5.022   1.00 24.62 ? 75  LEU A O     1 
ATOM   584  C CB    . LEU A 1 75  ? 8.954   5.108   6.469   1.00 25.23 ? 75  LEU A CB    1 
ATOM   585  C CG    . LEU A 1 75  ? 7.866   4.284   7.125   1.00 26.35 ? 75  LEU A CG    1 
ATOM   586  C CD1   . LEU A 1 75  ? 8.075   2.791   6.788   1.00 25.96 ? 75  LEU A CD1   1 
ATOM   587  C CD2   . LEU A 1 75  ? 7.871   4.425   8.648   1.00 26.42 ? 75  LEU A CD2   1 
ATOM   588  N N     . SER A 1 76  ? 11.240  7.615   7.086   1.00 26.57 ? 76  SER A N     1 
ATOM   589  C CA    . SER A 1 76  ? 12.574  8.095   6.787   1.00 27.65 ? 76  SER A CA    1 
ATOM   590  C C     . SER A 1 76  ? 13.456  8.104   8.042   1.00 29.01 ? 76  SER A C     1 
ATOM   591  O O     . SER A 1 76  ? 12.945  8.378   9.114   1.00 28.44 ? 76  SER A O     1 
ATOM   592  C CB    . SER A 1 76  ? 12.582  9.504   6.215   1.00 27.43 ? 76  SER A CB    1 
ATOM   593  O OG    . SER A 1 76  ? 13.891  9.715   5.720   1.00 29.49 ? 76  SER A OG    1 
ATOM   594  N N     . ARG A 1 77  ? 14.720  7.785   7.788   1.00 31.87 ? 77  ARG A N     1 
ATOM   595  C CA    . ARG A 1 77  ? 15.696  7.806   8.892   1.00 34.37 ? 77  ARG A CA    1 
ATOM   596  C C     . ARG A 1 77  ? 16.510  9.105   8.683   1.00 35.04 ? 77  ARG A C     1 
ATOM   597  O O     . ARG A 1 77  ? 17.065  9.573   9.703   1.00 35.83 ? 77  ARG A O     1 
ATOM   598  C CB    . ARG A 1 77  ? 16.548  6.592   8.947   1.00 36.57 ? 77  ARG A CB    1 
ATOM   599  C CG    . ARG A 1 77  ? 16.033  5.286   9.579   1.00 38.88 ? 77  ARG A CG    1 
ATOM   600  C CD    . ARG A 1 77  ? 17.036  4.261   9.133   1.00 41.63 ? 77  ARG A CD    1 
ATOM   601  N NE    . ARG A 1 77  ? 17.114  3.036   9.929   1.00 44.60 ? 77  ARG A NE    1 
ATOM   602  C CZ    . ARG A 1 77  ? 18.158  2.204   9.723   1.00 45.80 ? 77  ARG A CZ    1 
ATOM   603  N NH1   . ARG A 1 77  ? 19.122  2.509   8.840   1.00 46.51 ? 77  ARG A NH1   1 
ATOM   604  N NH2   . ARG A 1 77  ? 18.239  1.040   10.387  1.00 46.65 ? 77  ARG A NH2   1 
ATOM   605  N N     . GLU A 1 78  ? 16.556  9.687   7.491   1.00 34.14 ? 78  GLU A N     1 
ATOM   606  C CA    . GLU A 1 78  ? 17.336  10.911  7.228   1.00 34.01 ? 78  GLU A CA    1 
ATOM   607  C C     . GLU A 1 78  ? 16.573  12.217  7.401   1.00 33.17 ? 78  GLU A C     1 
ATOM   608  O O     . GLU A 1 78  ? 17.192  13.261  7.731   1.00 32.05 ? 78  GLU A O     1 
ATOM   609  C CB    . GLU A 1 78  ? 17.944  10.969  5.820   1.00 36.23 ? 78  GLU A CB    1 
ATOM   610  C CG    . GLU A 1 78  ? 18.993  10.036  5.288   1.00 38.34 ? 78  GLU A CG    1 
ATOM   611  C CD    . GLU A 1 78  ? 19.632  10.125  3.915   1.00 40.48 ? 78  GLU A CD    1 
ATOM   612  O OE1   . GLU A 1 78  ? 19.332  10.727  2.849   1.00 40.15 ? 78  GLU A OE1   1 
ATOM   613  O OE2   . GLU A 1 78  ? 20.700  9.415   3.912   1.00 40.15 ? 78  GLU A OE2   1 
ATOM   614  N N     . LEU A 1 79  ? 15.257  12.206  7.192   1.00 32.37 ? 79  LEU A N     1 
ATOM   615  C CA    . LEU A 1 79  ? 14.421  13.391  7.280   1.00 32.64 ? 79  LEU A CA    1 
ATOM   616  C C     . LEU A 1 79  ? 14.238  13.830  8.738   1.00 32.15 ? 79  LEU A C     1 
ATOM   617  O O     . LEU A 1 79  ? 13.949  12.948  9.538   1.00 32.14 ? 79  LEU A O     1 
ATOM   618  C CB    . LEU A 1 79  ? 13.068  13.219  6.578   1.00 32.65 ? 79  LEU A CB    1 
ATOM   619  C CG    . LEU A 1 79  ? 13.033  12.968  5.092   1.00 33.28 ? 79  LEU A CG    1 
ATOM   620  C CD1   . LEU A 1 79  ? 11.572  12.864  4.616   1.00 33.63 ? 79  LEU A CD1   1 
ATOM   621  C CD2   . LEU A 1 79  ? 13.717  14.084  4.310   1.00 33.26 ? 79  LEU A CD2   1 
ATOM   622  N N     . LYS A 1 80  ? 14.393  15.133  8.934   1.00 32.38 ? 80  LYS A N     1 
ATOM   623  C CA    . LYS A 1 80  ? 14.230  15.726  10.251  1.00 33.15 ? 80  LYS A CA    1 
ATOM   624  C C     . LYS A 1 80  ? 12.778  16.021  10.606  1.00 32.19 ? 80  LYS A C     1 
ATOM   625  O O     . LYS A 1 80  ? 12.442  16.075  11.807  1.00 33.54 ? 80  LYS A O     1 
ATOM   626  C CB    . LYS A 1 80  ? 14.970  17.060  10.415  1.00 34.76 ? 80  LYS A CB    1 
ATOM   627  C CG    . LYS A 1 80  ? 16.502  17.037  10.318  1.00 36.72 ? 80  LYS A CG    1 
ATOM   628  C CD    . LYS A 1 80  ? 17.096  16.157  11.398  1.00 38.41 ? 80  LYS A CD    1 
ATOM   629  C CE    . LYS A 1 80  ? 18.427  15.510  11.068  1.00 40.03 ? 80  LYS A CE    1 
ATOM   630  N NZ    . LYS A 1 80  ? 18.932  14.772  12.298  1.00 41.03 ? 80  LYS A NZ    1 
ATOM   631  N N     . GLU A 1 81  ? 11.942  16.261  9.636   1.00 30.80 ? 81  GLU A N     1 
ATOM   632  C CA    . GLU A 1 81  ? 10.511  16.586  9.810   1.00 29.95 ? 81  GLU A CA    1 
ATOM   633  C C     . GLU A 1 81  ? 9.795   16.106  8.557   1.00 28.98 ? 81  GLU A C     1 
ATOM   634  O O     . GLU A 1 81  ? 10.495  15.864  7.567   1.00 29.68 ? 81  GLU A O     1 
ATOM   635  C CB    . GLU A 1 81  ? 10.304  18.085  9.841   1.00 30.45 ? 81  GLU A CB    1 
ATOM   636  C CG    . GLU A 1 81  ? 10.436  18.991  8.627   1.00 30.38 ? 81  GLU A CG    1 
ATOM   637  C CD    . GLU A 1 81  ? 10.173  20.453  8.924   1.00 31.27 ? 81  GLU A CD    1 
ATOM   638  O OE1   . GLU A 1 81  ? 9.103   21.019  9.093   1.00 32.67 ? 81  GLU A OE1   1 
ATOM   639  O OE2   . GLU A 1 81  ? 11.213  21.138  9.005   1.00 30.64 ? 81  GLU A OE2   1 
ATOM   640  N N     . PRO A 1 82  ? 8.487   15.971  8.640   1.00 27.62 ? 82  PRO A N     1 
ATOM   641  C CA    . PRO A 1 82  ? 7.691   15.499  7.518   1.00 26.63 ? 82  PRO A CA    1 
ATOM   642  C C     . PRO A 1 82  ? 7.804   16.470  6.348   1.00 26.62 ? 82  PRO A C     1 
ATOM   643  O O     . PRO A 1 82  ? 7.817   17.705  6.549   1.00 27.06 ? 82  PRO A O     1 
ATOM   644  C CB    . PRO A 1 82  ? 6.245   15.357  8.009   1.00 25.10 ? 82  PRO A CB    1 
ATOM   645  C CG    . PRO A 1 82  ? 6.241   15.980  9.354   1.00 25.56 ? 82  PRO A CG    1 
ATOM   646  C CD    . PRO A 1 82  ? 7.650   16.204  9.808   1.00 27.14 ? 82  PRO A CD    1 
ATOM   647  N N     . PRO A 1 83  ? 7.865   15.868  5.175   1.00 26.05 ? 83  PRO A N     1 
ATOM   648  C CA    . PRO A 1 83  ? 7.915   16.647  3.930   1.00 27.17 ? 83  PRO A CA    1 
ATOM   649  C C     . PRO A 1 83  ? 6.639   17.505  3.854   1.00 29.07 ? 83  PRO A C     1 
ATOM   650  O O     . PRO A 1 83  ? 5.573   17.197  4.475   1.00 29.38 ? 83  PRO A O     1 
ATOM   651  C CB    . PRO A 1 83  ? 7.949   15.627  2.802   1.00 25.57 ? 83  PRO A CB    1 
ATOM   652  C CG    . PRO A 1 83  ? 7.919   14.283  3.426   1.00 25.29 ? 83  PRO A CG    1 
ATOM   653  C CD    . PRO A 1 83  ? 7.842   14.418  4.940   1.00 25.95 ? 83  PRO A CD    1 
ATOM   654  N N     . GLN A 1 84  ? 6.781   18.555  3.054   1.00 30.58 ? 84  GLN A N     1 
ATOM   655  C CA    . GLN A 1 84  ? 5.675   19.476  2.828   1.00 31.29 ? 84  GLN A CA    1 
ATOM   656  C C     . GLN A 1 84  ? 4.502   18.627  2.311   1.00 31.07 ? 84  GLN A C     1 
ATOM   657  O O     . GLN A 1 84  ? 4.657   17.854  1.337   1.00 30.18 ? 84  GLN A O     1 
ATOM   658  C CB    . GLN A 1 84  ? 6.046   20.562  1.822   1.00 33.13 ? 84  GLN A CB    1 
ATOM   659  C CG    . GLN A 1 84  ? 4.838   21.251  1.201   1.00 34.48 ? 84  GLN A CG    1 
ATOM   660  C CD    . GLN A 1 84  ? 5.171   22.606  0.627   1.00 36.23 ? 84  GLN A CD    1 
ATOM   661  O OE1   . GLN A 1 84  ? 5.995   22.705  -0.304  1.00 37.00 ? 84  GLN A OE1   1 
ATOM   662  N NE2   . GLN A 1 84  ? 4.536   23.652  1.179   1.00 36.48 ? 84  GLN A NE2   1 
ATOM   663  N N     . GLY A 1 85  ? 3.350   18.804  2.944   1.00 29.67 ? 85  GLY A N     1 
ATOM   664  C CA    . GLY A 1 85  ? 2.148   18.091  2.589   1.00 28.60 ? 85  GLY A CA    1 
ATOM   665  C C     . GLY A 1 85  ? 1.852   16.886  3.457   1.00 28.22 ? 85  GLY A C     1 
ATOM   666  O O     . GLY A 1 85  ? 0.655   16.559  3.592   1.00 29.02 ? 85  GLY A O     1 
ATOM   667  N N     . ALA A 1 86  ? 2.850   16.232  3.997   1.00 27.66 ? 86  ALA A N     1 
ATOM   668  C CA    . ALA A 1 86  ? 2.763   15.046  4.841   1.00 27.27 ? 86  ALA A CA    1 
ATOM   669  C C     . ALA A 1 86  ? 2.411   15.417  6.282   1.00 26.91 ? 86  ALA A C     1 
ATOM   670  O O     . ALA A 1 86  ? 2.781   16.473  6.801   1.00 26.30 ? 86  ALA A O     1 
ATOM   671  C CB    . ALA A 1 86  ? 4.051   14.194  4.853   1.00 26.23 ? 86  ALA A CB    1 
ATOM   672  N N     . HIS A 1 87  ? 1.735   14.457  6.915   1.00 24.86 ? 87  HIS A N     1 
ATOM   673  C CA    . HIS A 1 87  ? 1.276   14.653  8.283   1.00 24.73 ? 87  HIS A CA    1 
ATOM   674  C C     . HIS A 1 87  ? 2.169   14.189  9.404   1.00 25.06 ? 87  HIS A C     1 
ATOM   675  O O     . HIS A 1 87  ? 2.237   14.876  10.446  1.00 24.36 ? 87  HIS A O     1 
ATOM   676  C CB    . HIS A 1 87  ? -0.168  14.071  8.454   1.00 24.33 ? 87  HIS A CB    1 
ATOM   677  C CG    . HIS A 1 87  ? -1.165  14.431  7.409   1.00 24.47 ? 87  HIS A CG    1 
ATOM   678  N ND1   . HIS A 1 87  ? -1.462  15.690  6.965   1.00 25.56 ? 87  HIS A ND1   1 
ATOM   679  C CD2   . HIS A 1 87  ? -2.007  13.585  6.723   1.00 23.15 ? 87  HIS A CD2   1 
ATOM   680  C CE1   . HIS A 1 87  ? -2.418  15.609  6.029   1.00 25.04 ? 87  HIS A CE1   1 
ATOM   681  N NE2   . HIS A 1 87  ? -2.741  14.342  5.876   1.00 25.28 ? 87  HIS A NE2   1 
ATOM   682  N N     . PHE A 1 88  ? 2.810   13.052  9.224   1.00 24.59 ? 88  PHE A N     1 
ATOM   683  C CA    . PHE A 1 88  ? 3.661   12.448  10.241  1.00 24.54 ? 88  PHE A CA    1 
ATOM   684  C C     . PHE A 1 88  ? 4.878   11.842  9.572   1.00 24.07 ? 88  PHE A C     1 
ATOM   685  O O     . PHE A 1 88  ? 4.835   11.569  8.389   1.00 21.36 ? 88  PHE A O     1 
ATOM   686  C CB    . PHE A 1 88  ? 2.907   11.356  11.047  1.00 25.39 ? 88  PHE A CB    1 
ATOM   687  C CG    . PHE A 1 88  ? 1.818   11.920  11.885  1.00 26.40 ? 88  PHE A CG    1 
ATOM   688  C CD1   . PHE A 1 88  ? 2.103   12.410  13.183  1.00 27.40 ? 88  PHE A CD1   1 
ATOM   689  C CD2   . PHE A 1 88  ? 0.522   12.022  11.390  1.00 26.82 ? 88  PHE A CD2   1 
ATOM   690  C CE1   . PHE A 1 88  ? 1.088   13.012  13.940  1.00 27.35 ? 88  PHE A CE1   1 
ATOM   691  C CE2   . PHE A 1 88  ? -0.506  12.578  12.147  1.00 26.66 ? 88  PHE A CE2   1 
ATOM   692  C CZ    . PHE A 1 88  ? -0.199  13.093  13.418  1.00 27.29 ? 88  PHE A CZ    1 
ATOM   693  N N     . LEU A 1 89  ? 5.894   11.678  10.392  1.00 24.80 ? 89  LEU A N     1 
ATOM   694  C CA    . LEU A 1 89  ? 7.154   11.094  9.996   1.00 25.29 ? 89  LEU A CA    1 
ATOM   695  C C     . LEU A 1 89  ? 7.553   10.103  11.068  1.00 26.65 ? 89  LEU A C     1 
ATOM   696  O O     . LEU A 1 89  ? 7.520   10.489  12.244  1.00 28.24 ? 89  LEU A O     1 
ATOM   697  C CB    . LEU A 1 89  ? 8.224   12.200  9.791   1.00 26.43 ? 89  LEU A CB    1 
ATOM   698  C CG    . LEU A 1 89  ? 9.675   11.828  9.787   1.00 26.82 ? 89  LEU A CG    1 
ATOM   699  C CD1   . LEU A 1 89  ? 10.186  11.322  8.441   1.00 27.12 ? 89  LEU A CD1   1 
ATOM   700  C CD2   . LEU A 1 89  ? 10.565  13.028  10.144  1.00 27.41 ? 89  LEU A CD2   1 
ATOM   701  N N     . SER A 1 90  ? 7.954   8.908   10.717  1.00 27.50 ? 90  SER A N     1 
ATOM   702  C CA    . SER A 1 90  ? 8.439   7.907   11.660  1.00 27.68 ? 90  SER A CA    1 
ATOM   703  C C     . SER A 1 90  ? 9.772   7.453   11.083  1.00 28.77 ? 90  SER A C     1 
ATOM   704  O O     . SER A 1 90  ? 10.007  7.547   9.866   1.00 28.13 ? 90  SER A O     1 
ATOM   705  C CB    . SER A 1 90  ? 7.513   6.729   11.920  1.00 27.56 ? 90  SER A CB    1 
ATOM   706  O OG    . SER A 1 90  ? 6.342   7.265   12.482  1.00 28.35 ? 90  SER A OG    1 
ATOM   707  N N     . ARG A 1 91  ? 10.622  6.984   11.970  1.00 32.21 ? 91  ARG A N     1 
ATOM   708  C CA    . ARG A 1 91  ? 11.949  6.494   11.653  1.00 34.32 ? 91  ARG A CA    1 
ATOM   709  C C     . ARG A 1 91  ? 11.923  4.984   11.444  1.00 35.14 ? 91  ARG A C     1 
ATOM   710  O O     . ARG A 1 91  ? 12.988  4.463   11.017  1.00 35.47 ? 91  ARG A O     1 
ATOM   711  C CB    . ARG A 1 91  ? 12.948  6.912   12.757  1.00 36.85 ? 91  ARG A CB    1 
ATOM   712  C CG    . ARG A 1 91  ? 13.362  8.399   12.674  1.00 39.50 ? 91  ARG A CG    1 
ATOM   713  C CD    . ARG A 1 91  ? 13.958  8.899   13.931  1.00 42.46 ? 91  ARG A CD    1 
ATOM   714  N NE    . ARG A 1 91  ? 14.121  10.344  14.107  1.00 44.08 ? 91  ARG A NE    1 
ATOM   715  C CZ    . ARG A 1 91  ? 14.020  11.058  15.249  1.00 45.29 ? 91  ARG A CZ    1 
ATOM   716  N NH1   . ARG A 1 91  ? 13.677  10.525  16.426  1.00 45.52 ? 91  ARG A NH1   1 
ATOM   717  N NH2   . ARG A 1 91  ? 14.238  12.390  15.293  1.00 45.71 ? 91  ARG A NH2   1 
ATOM   718  N N     . SER A 1 92  ? 10.814  4.342   11.760  1.00 34.74 ? 92  SER A N     1 
ATOM   719  C CA    . SER A 1 92  ? 10.664  2.876   11.582  1.00 35.29 ? 92  SER A CA    1 
ATOM   720  C C     . SER A 1 92  ? 9.179   2.515   11.506  1.00 35.50 ? 92  SER A C     1 
ATOM   721  O O     . SER A 1 92  ? 8.341   3.332   11.930  1.00 35.15 ? 92  SER A O     1 
ATOM   722  C CB    . SER A 1 92  ? 11.275  2.033   12.678  1.00 36.02 ? 92  SER A CB    1 
ATOM   723  O OG    . SER A 1 92  ? 10.580  1.984   13.893  1.00 36.29 ? 92  SER A OG    1 
ATOM   724  N N     . LEU A 1 93  ? 8.904   1.318   10.993  1.00 35.90 ? 93  LEU A N     1 
ATOM   725  C CA    . LEU A 1 93  ? 7.527   0.812   10.871  1.00 36.01 ? 93  LEU A CA    1 
ATOM   726  C C     . LEU A 1 93  ? 6.920   0.559   12.256  1.00 36.35 ? 93  LEU A C     1 
ATOM   727  O O     . LEU A 1 93  ? 5.716   0.777   12.460  1.00 35.83 ? 93  LEU A O     1 
ATOM   728  C CB    . LEU A 1 93  ? 7.485   -0.461  10.017  1.00 36.14 ? 93  LEU A CB    1 
ATOM   729  C CG    . LEU A 1 93  ? 6.100   -1.105  9.919   1.00 35.62 ? 93  LEU A CG    1 
ATOM   730  C CD1   . LEU A 1 93  ? 5.212   -0.275  9.005   1.00 35.99 ? 93  LEU A CD1   1 
ATOM   731  C CD2   . LEU A 1 93  ? 6.286   -2.500  9.329   1.00 36.08 ? 93  LEU A CD2   1 
ATOM   732  N N     . ASP A 1 94  ? 7.790   0.074   13.145  1.00 38.08 ? 94  ASP A N     1 
ATOM   733  C CA    . ASP A 1 94  ? 7.358   -0.211  14.534  1.00 38.82 ? 94  ASP A CA    1 
ATOM   734  C C     . ASP A 1 94  ? 7.027   1.114   15.217  1.00 38.25 ? 94  ASP A C     1 
ATOM   735  O O     . ASP A 1 94  ? 6.007   1.127   15.917  1.00 38.27 ? 94  ASP A O     1 
ATOM   736  C CB    . ASP A 1 94  ? 8.357   -1.013  15.338  1.00 41.01 ? 94  ASP A CB    1 
ATOM   737  C CG    . ASP A 1 94  ? 8.404   -2.474  14.939  1.00 43.00 ? 94  ASP A CG    1 
ATOM   738  O OD1   . ASP A 1 94  ? 7.369   -2.988  14.451  1.00 44.78 ? 94  ASP A OD1   1 
ATOM   739  O OD2   . ASP A 1 94  ? 9.462   -3.083  15.117  1.00 43.42 ? 94  ASP A OD2   1 
ATOM   740  N N     . ASP A 1 95  ? 7.883   2.117   15.008  1.00 37.26 ? 95  ASP A N     1 
ATOM   741  C CA    . ASP A 1 95  ? 7.641   3.439   15.577  1.00 37.46 ? 95  ASP A CA    1 
ATOM   742  C C     . ASP A 1 95  ? 6.316   3.974   15.040  1.00 37.05 ? 95  ASP A C     1 
ATOM   743  O O     . ASP A 1 95  ? 5.621   4.700   15.768  1.00 38.44 ? 95  ASP A O     1 
ATOM   744  C CB    . ASP A 1 95  ? 8.805   4.421   15.290  1.00 39.02 ? 95  ASP A CB    1 
ATOM   745  C CG    . ASP A 1 95  ? 9.962   4.087   16.224  1.00 40.31 ? 95  ASP A CG    1 
ATOM   746  O OD1   . ASP A 1 95  ? 9.652   3.525   17.288  1.00 40.63 ? 95  ASP A OD1   1 
ATOM   747  O OD2   . ASP A 1 95  ? 11.132  4.340   15.893  1.00 42.08 ? 95  ASP A OD2   1 
ATOM   748  N N     . ALA A 1 96  ? 5.992   3.660   13.771  1.00 36.36 ? 96  ALA A N     1 
ATOM   749  C CA    . ALA A 1 96  ? 4.735   4.154   13.185  1.00 35.53 ? 96  ALA A CA    1 
ATOM   750  C C     . ALA A 1 96  ? 3.504   3.465   13.774  1.00 35.70 ? 96  ALA A C     1 
ATOM   751  O O     . ALA A 1 96  ? 2.492   4.180   13.947  1.00 35.64 ? 96  ALA A O     1 
ATOM   752  C CB    . ALA A 1 96  ? 4.719   4.077   11.670  1.00 35.23 ? 96  ALA A CB    1 
ATOM   753  N N     . LEU A 1 97  ? 3.561   2.185   14.056  1.00 36.25 ? 97  LEU A N     1 
ATOM   754  C CA    . LEU A 1 97  ? 2.395   1.467   14.635  1.00 37.58 ? 97  LEU A CA    1 
ATOM   755  C C     . LEU A 1 97  ? 2.202   1.951   16.064  1.00 38.23 ? 97  LEU A C     1 
ATOM   756  O O     . LEU A 1 97  ? 1.052   2.203   16.430  1.00 39.12 ? 97  LEU A O     1 
ATOM   757  C CB    . LEU A 1 97  ? 2.555   -0.038  14.487  1.00 38.25 ? 97  LEU A CB    1 
ATOM   758  C CG    . LEU A 1 97  ? 2.915   -0.593  13.124  1.00 39.16 ? 97  LEU A CG    1 
ATOM   759  C CD1   . LEU A 1 97  ? 3.335   -2.066  13.238  1.00 39.45 ? 97  LEU A CD1   1 
ATOM   760  C CD2   . LEU A 1 97  ? 1.655   -0.471  12.256  1.00 39.02 ? 97  LEU A CD2   1 
ATOM   761  N N     . LYS A 1 98  ? 3.280   2.077   16.813  1.00 38.53 ? 98  LYS A N     1 
ATOM   762  C CA    . LYS A 1 98  ? 3.261   2.620   18.183  1.00 38.84 ? 98  LYS A CA    1 
ATOM   763  C C     . LYS A 1 98  ? 2.412   3.874   18.245  1.00 39.39 ? 98  LYS A C     1 
ATOM   764  O O     . LYS A 1 98  ? 1.405   4.005   18.970  1.00 40.75 ? 98  LYS A O     1 
ATOM   765  C CB    . LYS A 1 98  ? 4.672   2.973   18.654  1.00 38.98 ? 98  LYS A CB    1 
ATOM   766  C CG    . LYS A 1 98  ? 5.452   1.942   19.425  1.00 39.50 ? 98  LYS A CG    1 
ATOM   767  C CD    . LYS A 1 98  ? 6.971   1.953   19.369  1.00 40.09 ? 98  LYS A CD    1 
ATOM   768  C CE    . LYS A 1 98  ? 7.592   1.350   18.139  1.00 40.10 ? 98  LYS A CE    1 
ATOM   769  N NZ    . LYS A 1 98  ? 9.036   1.056   18.166  1.00 39.81 ? 98  LYS A NZ    1 
ATOM   770  N N     . LEU A 1 99  ? 2.746   4.858   17.445  1.00 40.16 ? 99  LEU A N     1 
ATOM   771  C CA    . LEU A 1 99  ? 2.056   6.159   17.331  1.00 40.55 ? 99  LEU A CA    1 
ATOM   772  C C     . LEU A 1 99  ? 0.549   6.047   17.125  1.00 41.27 ? 99  LEU A C     1 
ATOM   773  O O     . LEU A 1 99  ? -0.251  6.970   17.370  1.00 41.23 ? 99  LEU A O     1 
ATOM   774  C CB    . LEU A 1 99  ? 2.709   6.890   16.126  1.00 40.45 ? 99  LEU A CB    1 
ATOM   775  C CG    . LEU A 1 99  ? 2.294   8.331   15.856  1.00 40.43 ? 99  LEU A CG    1 
ATOM   776  C CD1   . LEU A 1 99  ? 3.578   9.163   15.724  1.00 40.37 ? 99  LEU A CD1   1 
ATOM   777  C CD2   . LEU A 1 99  ? 1.537   8.470   14.541  1.00 39.83 ? 99  LEU A CD2   1 
ATOM   778  N N     . THR A 1 100 ? 0.160   4.907   16.593  1.00 41.85 ? 100 THR A N     1 
ATOM   779  C CA    . THR A 1 100 ? -1.256  4.579   16.259  1.00 43.42 ? 100 THR A CA    1 
ATOM   780  C C     . THR A 1 100 ? -1.968  4.446   17.591  1.00 44.38 ? 100 THR A C     1 
ATOM   781  O O     . THR A 1 100 ? -3.118  4.863   17.803  1.00 44.70 ? 100 THR A O     1 
ATOM   782  C CB    . THR A 1 100 ? -1.225  3.377   15.242  1.00 43.54 ? 100 THR A CB    1 
ATOM   783  O OG1   . THR A 1 100 ? -1.552  3.861   13.890  1.00 43.18 ? 100 THR A OG1   1 
ATOM   784  C CG2   . THR A 1 100 ? -2.022  2.159   15.661  1.00 43.78 ? 100 THR A CG2   1 
ATOM   785  N N     . GLU A 1 101 ? -1.192  3.919   18.521  1.00 45.59 ? 101 GLU A N     1 
ATOM   786  C CA    . GLU A 1 101 ? -1.540  3.692   19.912  1.00 47.74 ? 101 GLU A CA    1 
ATOM   787  C C     . GLU A 1 101 ? -1.411  4.923   20.804  1.00 48.73 ? 101 GLU A C     1 
ATOM   788  O O     . GLU A 1 101 ? -1.520  4.722   22.033  1.00 50.05 ? 101 GLU A O     1 
ATOM   789  C CB    . GLU A 1 101 ? -0.599  2.660   20.549  1.00 48.28 ? 101 GLU A CB    1 
ATOM   790  C CG    . GLU A 1 101 ? -1.029  1.214   20.606  1.00 50.15 ? 101 GLU A CG    1 
ATOM   791  C CD    . GLU A 1 101 ? -0.323  0.180   19.793  1.00 51.33 ? 101 GLU A CD    1 
ATOM   792  O OE1   . GLU A 1 101 ? -0.616  -0.003  18.619  1.00 51.86 ? 101 GLU A OE1   1 
ATOM   793  O OE2   . GLU A 1 101 ? 0.563   -0.487  20.418  1.00 51.80 ? 101 GLU A OE2   1 
ATOM   794  N N     . GLN A 1 102 ? -1.160  6.091   20.270  1.00 49.39 ? 102 GLN A N     1 
ATOM   795  C CA    . GLN A 1 102 ? -1.028  7.327   21.096  1.00 49.98 ? 102 GLN A CA    1 
ATOM   796  C C     . GLN A 1 102 ? -2.449  7.904   21.045  1.00 50.39 ? 102 GLN A C     1 
ATOM   797  O O     . GLN A 1 102 ? -3.095  7.691   20.008  1.00 50.41 ? 102 GLN A O     1 
ATOM   798  C CB    . GLN A 1 102 ? -0.024  8.349   20.641  1.00 50.04 ? 102 GLN A CB    1 
ATOM   799  C CG    . GLN A 1 102 ? 1.373   7.892   20.329  1.00 51.27 ? 102 GLN A CG    1 
ATOM   800  C CD    . GLN A 1 102 ? 2.126   7.220   21.445  1.00 52.11 ? 102 GLN A CD    1 
ATOM   801  O OE1   . GLN A 1 102 ? 2.205   7.686   22.583  1.00 52.69 ? 102 GLN A OE1   1 
ATOM   802  N NE2   . GLN A 1 102 ? 2.727   6.067   21.126  1.00 52.29 ? 102 GLN A NE2   1 
ATOM   803  N N     . PRO A 1 103 ? -2.872  8.559   22.098  1.00 50.93 ? 103 PRO A N     1 
ATOM   804  C CA    . PRO A 1 103 ? -4.224  9.136   22.177  1.00 51.41 ? 103 PRO A CA    1 
ATOM   805  C C     . PRO A 1 103 ? -4.386  10.151  21.052  1.00 51.85 ? 103 PRO A C     1 
ATOM   806  O O     . PRO A 1 103 ? -5.483  10.615  20.692  1.00 51.57 ? 103 PRO A O     1 
ATOM   807  C CB    . PRO A 1 103 ? -4.348  9.710   23.575  1.00 51.36 ? 103 PRO A CB    1 
ATOM   808  C CG    . PRO A 1 103 ? -3.221  9.048   24.340  1.00 51.43 ? 103 PRO A CG    1 
ATOM   809  C CD    . PRO A 1 103 ? -2.106  8.811   23.330  1.00 51.11 ? 103 PRO A CD    1 
ATOM   810  N N     . GLU A 1 104 ? -3.201  10.445  20.528  1.00 51.91 ? 104 GLU A N     1 
ATOM   811  C CA    . GLU A 1 104 ? -3.145  11.391  19.390  1.00 51.99 ? 104 GLU A CA    1 
ATOM   812  C C     . GLU A 1 104 ? -4.079  10.808  18.330  1.00 51.30 ? 104 GLU A C     1 
ATOM   813  O O     . GLU A 1 104 ? -5.180  11.328  18.087  1.00 51.84 ? 104 GLU A O     1 
ATOM   814  C CB    . GLU A 1 104 ? -1.736  11.535  18.818  1.00 52.71 ? 104 GLU A CB    1 
ATOM   815  C CG    . GLU A 1 104 ? -0.587  11.844  19.778  1.00 53.17 ? 104 GLU A CG    1 
ATOM   816  C CD    . GLU A 1 104 ? 0.812   11.446  19.435  1.00 53.51 ? 104 GLU A CD    1 
ATOM   817  O OE1   . GLU A 1 104 ? 1.305   11.922  18.387  1.00 53.51 ? 104 GLU A OE1   1 
ATOM   818  O OE2   . GLU A 1 104 ? 1.472   10.690  20.139  1.00 54.25 ? 104 GLU A OE2   1 
ATOM   819  N N     . LEU A 1 105 ? -3.642  9.703   17.748  1.00 50.05 ? 105 LEU A N     1 
ATOM   820  C CA    . LEU A 1 105 ? -4.289  8.959   16.680  1.00 47.80 ? 105 LEU A CA    1 
ATOM   821  C C     . LEU A 1 105 ? -5.219  7.810   17.011  1.00 47.29 ? 105 LEU A C     1 
ATOM   822  O O     . LEU A 1 105 ? -6.094  7.472   16.202  1.00 45.91 ? 105 LEU A O     1 
ATOM   823  C CB    . LEU A 1 105 ? -3.084  8.499   15.807  1.00 47.36 ? 105 LEU A CB    1 
ATOM   824  C CG    . LEU A 1 105 ? -2.393  9.643   15.070  1.00 46.56 ? 105 LEU A CG    1 
ATOM   825  C CD1   . LEU A 1 105 ? -1.291  9.105   14.166  1.00 46.61 ? 105 LEU A CD1   1 
ATOM   826  C CD2   . LEU A 1 105 ? -3.457  10.340  14.217  1.00 46.53 ? 105 LEU A CD2   1 
ATOM   827  N N     . ALA A 1 106 ? -5.060  7.188   18.150  1.00 47.20 ? 106 ALA A N     1 
ATOM   828  C CA    . ALA A 1 106 ? -5.836  6.056   18.641  1.00 47.34 ? 106 ALA A CA    1 
ATOM   829  C C     . ALA A 1 106 ? -7.335  6.109   18.388  1.00 47.00 ? 106 ALA A C     1 
ATOM   830  O O     . ALA A 1 106 ? -7.918  5.036   18.154  1.00 47.08 ? 106 ALA A O     1 
ATOM   831  C CB    . ALA A 1 106 ? -5.521  5.842   20.131  1.00 47.67 ? 106 ALA A CB    1 
ATOM   832  N N     . ASN A 1 107 ? -7.970  7.250   18.391  1.00 46.69 ? 107 ASN A N     1 
ATOM   833  C CA    . ASN A 1 107 ? -9.401  7.433   18.182  1.00 46.55 ? 107 ASN A CA    1 
ATOM   834  C C     . ASN A 1 107 ? -9.877  7.871   16.793  1.00 45.59 ? 107 ASN A C     1 
ATOM   835  O O     . ASN A 1 107 ? -11.101 7.912   16.539  1.00 44.15 ? 107 ASN A O     1 
ATOM   836  C CB    . ASN A 1 107 ? -9.924  8.506   19.175  1.00 47.88 ? 107 ASN A CB    1 
ATOM   837  C CG    . ASN A 1 107 ? -8.854  9.487   19.623  1.00 48.92 ? 107 ASN A CG    1 
ATOM   838  O OD1   . ASN A 1 107 ? -8.970  10.023  20.755  1.00 49.93 ? 107 ASN A OD1   1 
ATOM   839  N ND2   . ASN A 1 107 ? -7.843  9.709   18.784  1.00 49.05 ? 107 ASN A ND2   1 
ATOM   840  N N     . LYS A 1 108 ? -8.893  8.234   16.000  1.00 44.40 ? 108 LYS A N     1 
ATOM   841  C CA    . LYS A 1 108 ? -9.063  8.712   14.633  1.00 42.96 ? 108 LYS A CA    1 
ATOM   842  C C     . LYS A 1 108 ? -8.819  7.716   13.511  1.00 40.22 ? 108 LYS A C     1 
ATOM   843  O O     . LYS A 1 108 ? -9.344  7.920   12.404  1.00 39.25 ? 108 LYS A O     1 
ATOM   844  C CB    . LYS A 1 108 ? -8.061  9.883   14.433  1.00 44.37 ? 108 LYS A CB    1 
ATOM   845  C CG    . LYS A 1 108 ? -8.248  10.979  15.497  1.00 46.54 ? 108 LYS A CG    1 
ATOM   846  C CD    . LYS A 1 108 ? -7.034  11.907  15.587  1.00 48.16 ? 108 LYS A CD    1 
ATOM   847  C CE    . LYS A 1 108 ? -7.311  13.150  16.425  1.00 49.42 ? 108 LYS A CE    1 
ATOM   848  N NZ    . LYS A 1 108 ? -7.396  12.830  17.884  1.00 50.66 ? 108 LYS A NZ    1 
ATOM   849  N N     . VAL A 1 109 ? -8.072  6.661   13.730  1.00 38.00 ? 109 VAL A N     1 
ATOM   850  C CA    . VAL A 1 109 ? -7.725  5.690   12.695  1.00 35.90 ? 109 VAL A CA    1 
ATOM   851  C C     . VAL A 1 109 ? -8.382  4.326   12.748  1.00 34.84 ? 109 VAL A C     1 
ATOM   852  O O     . VAL A 1 109 ? -8.417  3.623   13.774  1.00 35.22 ? 109 VAL A O     1 
ATOM   853  C CB    . VAL A 1 109 ? -6.168  5.517   12.788  1.00 35.82 ? 109 VAL A CB    1 
ATOM   854  C CG1   . VAL A 1 109 ? -5.604  4.475   11.842  1.00 35.03 ? 109 VAL A CG1   1 
ATOM   855  C CG2   . VAL A 1 109 ? -5.446  6.852   12.683  1.00 35.75 ? 109 VAL A CG2   1 
ATOM   856  N N     . ASP A 1 110 ? -8.825  3.965   11.564  1.00 32.54 ? 110 ASP A N     1 
ATOM   857  C CA    . ASP A 1 110 ? -9.446  2.641   11.376  1.00 31.57 ? 110 ASP A CA    1 
ATOM   858  C C     . ASP A 1 110 ? -8.294  1.730   10.931  1.00 30.27 ? 110 ASP A C     1 
ATOM   859  O O     . ASP A 1 110 ? -7.470  1.209   11.695  1.00 31.10 ? 110 ASP A O     1 
ATOM   860  C CB    . ASP A 1 110 ? -10.666 2.790   10.453  1.00 31.70 ? 110 ASP A CB    1 
ATOM   861  C CG    . ASP A 1 110 ? -11.336 1.430   10.261  1.00 32.20 ? 110 ASP A CG    1 
ATOM   862  O OD1   . ASP A 1 110 ? -10.963 0.541   11.072  1.00 32.93 ? 110 ASP A OD1   1 
ATOM   863  O OD2   . ASP A 1 110 ? -12.164 1.177   9.390   1.00 34.68 ? 110 ASP A OD2   1 
ATOM   864  N N     . MET A 1 111 ? -8.234  1.554   9.628   1.00 28.83 ? 111 MET A N     1 
ATOM   865  C CA    . MET A 1 111 ? -7.259  0.739   8.929   1.00 27.85 ? 111 MET A CA    1 
ATOM   866  C C     . MET A 1 111 ? -5.956  1.460   8.603   1.00 26.85 ? 111 MET A C     1 
ATOM   867  O O     . MET A 1 111 ? -5.898  2.687   8.344   1.00 25.24 ? 111 MET A O     1 
ATOM   868  C CB    . MET A 1 111 ? -7.848  0.276   7.594   1.00 28.46 ? 111 MET A CB    1 
ATOM   869  C CG    . MET A 1 111 ? -9.154  -0.445  7.754   1.00 30.51 ? 111 MET A CG    1 
ATOM   870  S SD    . MET A 1 111 ? -9.633  -1.240  6.177   1.00 32.77 ? 111 MET A SD    1 
ATOM   871  C CE    . MET A 1 111 ? -10.670 -0.041  5.410   1.00 31.77 ? 111 MET A CE    1 
ATOM   872  N N     . VAL A 1 112 ? -4.960  0.593   8.592   1.00 25.90 ? 112 VAL A N     1 
ATOM   873  C CA    . VAL A 1 112 ? -3.605  1.063   8.232   1.00 24.77 ? 112 VAL A CA    1 
ATOM   874  C C     . VAL A 1 112 ? -3.163  0.292   6.984   1.00 23.59 ? 112 VAL A C     1 
ATOM   875  O O     . VAL A 1 112 ? -3.112  -0.933  7.021   1.00 22.49 ? 112 VAL A O     1 
ATOM   876  C CB    . VAL A 1 112 ? -2.645  1.174   9.401   1.00 24.28 ? 112 VAL A CB    1 
ATOM   877  C CG1   . VAL A 1 112 ? -3.157  0.715   10.738  1.00 24.58 ? 112 VAL A CG1   1 
ATOM   878  C CG2   . VAL A 1 112 ? -1.292  0.644   9.009   1.00 24.15 ? 112 VAL A CG2   1 
ATOM   879  N N     . TRP A 1 113 ? -2.927  1.077   5.939   1.00 21.59 ? 113 TRP A N     1 
ATOM   880  C CA    . TRP A 1 113 ? -2.486  0.630   4.637   1.00 20.77 ? 113 TRP A CA    1 
ATOM   881  C C     . TRP A 1 113 ? -1.016  0.956   4.366   1.00 20.38 ? 113 TRP A C     1 
ATOM   882  O O     . TRP A 1 113 ? -0.699  2.160   4.481   1.00 20.33 ? 113 TRP A O     1 
ATOM   883  C CB    . TRP A 1 113 ? -3.367  1.246   3.537   1.00 20.03 ? 113 TRP A CB    1 
ATOM   884  C CG    . TRP A 1 113 ? -4.777  0.775   3.582   1.00 20.49 ? 113 TRP A CG    1 
ATOM   885  C CD1   . TRP A 1 113 ? -5.817  1.277   4.265   1.00 19.83 ? 113 TRP A CD1   1 
ATOM   886  C CD2   . TRP A 1 113 ? -5.281  -0.384  2.854   1.00 21.15 ? 113 TRP A CD2   1 
ATOM   887  N NE1   . TRP A 1 113 ? -6.942  0.554   4.044   1.00 21.25 ? 113 TRP A NE1   1 
ATOM   888  C CE2   . TRP A 1 113 ? -6.664  -0.469  3.147   1.00 22.26 ? 113 TRP A CE2   1 
ATOM   889  C CE3   . TRP A 1 113 ? -4.742  -1.277  1.969   1.00 20.62 ? 113 TRP A CE3   1 
ATOM   890  C CZ2   . TRP A 1 113 ? -7.466  -1.492  2.639   1.00 21.51 ? 113 TRP A CZ2   1 
ATOM   891  C CZ3   . TRP A 1 113 ? -5.522  -2.279  1.440   1.00 21.34 ? 113 TRP A CZ3   1 
ATOM   892  C CH2   . TRP A 1 113 ? -6.833  -2.387  1.794   1.00 21.03 ? 113 TRP A CH2   1 
ATOM   893  N N     . ILE A 1 114 ? -0.222  -0.023  4.017   1.00 19.55 ? 114 ILE A N     1 
ATOM   894  C CA    . ILE A 1 114 ? 1.204   0.163   3.614   1.00 20.78 ? 114 ILE A CA    1 
ATOM   895  C C     . ILE A 1 114 ? 1.170   0.289   2.094   1.00 20.90 ? 114 ILE A C     1 
ATOM   896  O O     . ILE A 1 114 ? 0.698   -0.627  1.360   1.00 20.49 ? 114 ILE A O     1 
ATOM   897  C CB    . ILE A 1 114 ? 2.102   -0.970  4.254   1.00 21.51 ? 114 ILE A CB    1 
ATOM   898  C CG1   . ILE A 1 114 ? 2.339   -0.564  5.726   1.00 21.95 ? 114 ILE A CG1   1 
ATOM   899  C CG2   . ILE A 1 114 ? 3.418   -1.216  3.477   1.00 22.10 ? 114 ILE A CG2   1 
ATOM   900  C CD1   . ILE A 1 114 ? 2.565   -1.632  6.823   1.00 23.16 ? 114 ILE A CD1   1 
ATOM   901  N N     . VAL A 1 115 ? 1.559   1.426   1.538   1.00 20.49 ? 115 VAL A N     1 
ATOM   902  C CA    . VAL A 1 115 ? 1.538   1.624   0.092   1.00 21.10 ? 115 VAL A CA    1 
ATOM   903  C C     . VAL A 1 115 ? 2.875   1.654   -0.638  1.00 21.94 ? 115 VAL A C     1 
ATOM   904  O O     . VAL A 1 115 ? 2.767   1.928   -1.845  1.00 21.03 ? 115 VAL A O     1 
ATOM   905  C CB    . VAL A 1 115 ? 0.610   2.819   -0.199  1.00 20.81 ? 115 VAL A CB    1 
ATOM   906  C CG1   . VAL A 1 115 ? -0.695  2.704   0.608   1.00 20.60 ? 115 VAL A CG1   1 
ATOM   907  C CG2   . VAL A 1 115 ? 1.221   4.199   0.090   1.00 20.45 ? 115 VAL A CG2   1 
ATOM   908  N N     . GLY A 1 116 ? 4.016   1.336   -0.055  1.00 22.80 ? 116 GLY A N     1 
ATOM   909  C CA    . GLY A 1 116 ? 5.302   1.322   -0.765  1.00 24.98 ? 116 GLY A CA    1 
ATOM   910  C C     . GLY A 1 116 ? 6.431   1.862   0.096   1.00 25.82 ? 116 GLY A C     1 
ATOM   911  O O     . GLY A 1 116 ? 6.053   2.570   1.058   1.00 25.57 ? 116 GLY A O     1 
ATOM   912  N N     . GLY A 1 117 ? 7.685   1.598   -0.137  1.00 26.66 ? 117 GLY A N     1 
ATOM   913  C CA    . GLY A 1 117 ? 8.307   0.822   -1.157  1.00 28.32 ? 117 GLY A CA    1 
ATOM   914  C C     . GLY A 1 117 ? 8.647   -0.612  -0.847  1.00 27.96 ? 117 GLY A C     1 
ATOM   915  O O     . GLY A 1 117 ? 8.024   -1.191  0.041   1.00 28.03 ? 117 GLY A O     1 
ATOM   916  N N     . SER A 1 118 ? 9.649   -1.173  -1.548  1.00 29.83 ? 118 SER A N     1 
ATOM   917  C CA    . SER A 1 118 ? 10.023  -2.598  -1.367  1.00 29.93 ? 118 SER A CA    1 
ATOM   918  C C     . SER A 1 118 ? 10.421  -2.901  0.071   1.00 29.12 ? 118 SER A C     1 
ATOM   919  O O     . SER A 1 118 ? 10.056  -3.885  0.705   1.00 28.35 ? 118 SER A O     1 
ATOM   920  C CB    . SER A 1 118 ? 11.059  -3.056  -2.378  1.00 30.84 ? 118 SER A CB    1 
ATOM   921  O OG    . SER A 1 118 ? 11.951  -1.990  -2.604  1.00 33.69 ? 118 SER A OG    1 
ATOM   922  N N     . SER A 1 119 ? 11.187  -1.964  0.540   1.00 28.58 ? 119 SER A N     1 
ATOM   923  C CA    . SER A 1 119 ? 11.780  -1.909  1.880   1.00 28.34 ? 119 SER A CA    1 
ATOM   924  C C     . SER A 1 119 ? 10.672  -1.978  2.907   1.00 27.53 ? 119 SER A C     1 
ATOM   925  O O     . SER A 1 119 ? 10.747  -2.757  3.842   1.00 27.62 ? 119 SER A O     1 
ATOM   926  C CB    . SER A 1 119 ? 12.585  -0.606  1.869   1.00 30.14 ? 119 SER A CB    1 
ATOM   927  O OG    . SER A 1 119 ? 11.597  0.509   1.719   1.00 31.71 ? 119 SER A OG    1 
ATOM   928  N N     . VAL A 1 120 ? 9.632   -1.166  2.722   1.00 26.68 ? 120 VAL A N     1 
ATOM   929  C CA    . VAL A 1 120 ? 8.522   -1.102  3.636   1.00 25.94 ? 120 VAL A CA    1 
ATOM   930  C C     . VAL A 1 120 ? 7.654   -2.372  3.598   1.00 26.58 ? 120 VAL A C     1 
ATOM   931  O O     . VAL A 1 120 ? 7.189   -2.836  4.635   1.00 27.98 ? 120 VAL A O     1 
ATOM   932  C CB    . VAL A 1 120 ? 7.771   0.211   3.386   1.00 25.35 ? 120 VAL A CB    1 
ATOM   933  C CG1   . VAL A 1 120 ? 6.598   0.332   4.359   1.00 23.19 ? 120 VAL A CG1   1 
ATOM   934  C CG2   . VAL A 1 120 ? 8.705   1.427   3.439   1.00 24.71 ? 120 VAL A CG2   1 
ATOM   935  N N     . TYR A 1 121 ? 7.402   -2.877  2.411   1.00 26.83 ? 121 TYR A N     1 
ATOM   936  C CA    . TYR A 1 121 ? 6.591   -4.099  2.231   1.00 26.73 ? 121 TYR A CA    1 
ATOM   937  C C     . TYR A 1 121 ? 7.275   -5.299  2.873   1.00 27.52 ? 121 TYR A C     1 
ATOM   938  O O     . TYR A 1 121 ? 6.633   -6.069  3.568   1.00 28.56 ? 121 TYR A O     1 
ATOM   939  C CB    . TYR A 1 121 ? 6.427   -4.418  0.759   1.00 24.62 ? 121 TYR A CB    1 
ATOM   940  C CG    . TYR A 1 121 ? 5.509   -3.567  -0.041  1.00 23.86 ? 121 TYR A CG    1 
ATOM   941  C CD1   . TYR A 1 121 ? 4.210   -3.315  0.404   1.00 22.27 ? 121 TYR A CD1   1 
ATOM   942  C CD2   . TYR A 1 121 ? 5.982   -2.996  -1.247  1.00 22.46 ? 121 TYR A CD2   1 
ATOM   943  C CE1   . TYR A 1 121 ? 3.351   -2.507  -0.368  1.00 22.45 ? 121 TYR A CE1   1 
ATOM   944  C CE2   . TYR A 1 121 ? 5.137   -2.230  -2.013  1.00 22.26 ? 121 TYR A CE2   1 
ATOM   945  C CZ    . TYR A 1 121 ? 3.812   -2.016  -1.583  1.00 21.93 ? 121 TYR A CZ    1 
ATOM   946  O OH    . TYR A 1 121 ? 2.990   -1.267  -2.354  1.00 20.38 ? 121 TYR A OH    1 
ATOM   947  N N     . LYS A 1 122 ? 8.555   -5.421  2.549   1.00 29.85 ? 122 LYS A N     1 
ATOM   948  C CA    . LYS A 1 122 ? 9.326   -6.573  3.107   1.00 31.96 ? 122 LYS A CA    1 
ATOM   949  C C     . LYS A 1 122 ? 9.197   -6.613  4.625   1.00 33.34 ? 122 LYS A C     1 
ATOM   950  O O     . LYS A 1 122 ? 8.902   -7.702  5.144   1.00 33.70 ? 122 LYS A O     1 
ATOM   951  C CB    . LYS A 1 122 ? 10.747  -6.607  2.572   1.00 32.91 ? 122 LYS A CB    1 
ATOM   952  C CG    . LYS A 1 122 ? 11.515  -7.886  2.962   1.00 34.09 ? 122 LYS A CG    1 
ATOM   953  C CD    . LYS A 1 122 ? 12.928  -7.763  2.445   1.00 36.92 ? 122 LYS A CD    1 
ATOM   954  C CE    . LYS A 1 122 ? 13.753  -9.034  2.394   1.00 38.18 ? 122 LYS A CE    1 
ATOM   955  N NZ    . LYS A 1 122 ? 14.071  -9.499  3.769   1.00 40.86 ? 122 LYS A NZ    1 
ATOM   956  N N     . GLU A 1 123 ? 9.342   -5.483  5.346   1.00 34.73 ? 123 GLU A N     1 
ATOM   957  C CA    . GLU A 1 123 ? 9.187   -5.576  6.800   1.00 35.86 ? 123 GLU A CA    1 
ATOM   958  C C     . GLU A 1 123 ? 7.729   -5.774  7.243   1.00 35.24 ? 123 GLU A C     1 
ATOM   959  O O     . GLU A 1 123 ? 7.563   -6.498  8.257   1.00 36.44 ? 123 GLU A O     1 
ATOM   960  C CB    . GLU A 1 123 ? 9.820   -4.418  7.533   1.00 38.04 ? 123 GLU A CB    1 
ATOM   961  C CG    . GLU A 1 123 ? 9.432   -2.966  7.414   1.00 41.35 ? 123 GLU A CG    1 
ATOM   962  C CD    . GLU A 1 123 ? 9.853   -2.023  8.518   1.00 43.72 ? 123 GLU A CD    1 
ATOM   963  O OE1   . GLU A 1 123 ? 10.388  -2.608  9.496   1.00 44.61 ? 123 GLU A OE1   1 
ATOM   964  O OE2   . GLU A 1 123 ? 9.673   -0.792  8.516   1.00 44.84 ? 123 GLU A OE2   1 
ATOM   965  N N     . ALA A 1 124 ? 6.717   -5.220  6.601   1.00 33.01 ? 124 ALA A N     1 
ATOM   966  C CA    . ALA A 1 124 ? 5.316   -5.404  7.008   1.00 32.90 ? 124 ALA A CA    1 
ATOM   967  C C     . ALA A 1 124 ? 5.020   -6.913  7.047   1.00 33.68 ? 124 ALA A C     1 
ATOM   968  O O     . ALA A 1 124 ? 4.486   -7.471  7.979   1.00 35.22 ? 124 ALA A O     1 
ATOM   969  C CB    . ALA A 1 124 ? 4.322   -4.741  6.060   1.00 32.57 ? 124 ALA A CB    1 
ATOM   970  N N     . MET A 1 125 ? 5.346   -7.561  5.965   1.00 34.74 ? 125 MET A N     1 
ATOM   971  C CA    . MET A 1 125 ? 5.226   -8.942  5.600   1.00 36.12 ? 125 MET A CA    1 
ATOM   972  C C     . MET A 1 125 ? 5.920   -9.932  6.504   1.00 37.91 ? 125 MET A C     1 
ATOM   973  O O     . MET A 1 125 ? 5.626   -11.135 6.363   1.00 38.67 ? 125 MET A O     1 
ATOM   974  C CB    . MET A 1 125 ? 5.734   -9.120  4.145   1.00 35.97 ? 125 MET A CB    1 
ATOM   975  C CG    . MET A 1 125 ? 4.571   -8.814  3.221   1.00 35.70 ? 125 MET A CG    1 
ATOM   976  S SD    . MET A 1 125 ? 5.252   -8.600  1.556   1.00 37.41 ? 125 MET A SD    1 
ATOM   977  C CE    . MET A 1 125 ? 5.494   -10.281 1.021   1.00 35.92 ? 125 MET A CE    1 
ATOM   978  N N     . ASN A 1 126 ? 6.810   -9.457  7.346   1.00 39.15 ? 126 ASN A N     1 
ATOM   979  C CA    . ASN A 1 126 ? 7.601   -10.279 8.264   1.00 40.91 ? 126 ASN A CA    1 
ATOM   980  C C     . ASN A 1 126 ? 7.078   -9.939  9.663   1.00 41.10 ? 126 ASN A C     1 
ATOM   981  O O     . ASN A 1 126 ? 7.351   -10.675 10.608  1.00 42.02 ? 126 ASN A O     1 
ATOM   982  C CB    . ASN A 1 126 ? 9.097   -10.109 8.153   1.00 42.11 ? 126 ASN A CB    1 
ATOM   983  C CG    . ASN A 1 126 ? 9.863   -10.358 6.888   1.00 43.87 ? 126 ASN A CG    1 
ATOM   984  O OD1   . ASN A 1 126 ? 9.488   -10.937 5.843   1.00 44.43 ? 126 ASN A OD1   1 
ATOM   985  N ND2   . ASN A 1 126 ? 11.131  -9.887  6.931   1.00 44.79 ? 126 ASN A ND2   1 
ATOM   986  N N     . HIS A 1 127 ? 6.352   -8.845  9.709   1.00 40.49 ? 127 HIS A N     1 
ATOM   987  C CA    . HIS A 1 127 ? 5.730   -8.381  10.964  1.00 40.53 ? 127 HIS A CA    1 
ATOM   988  C C     . HIS A 1 127 ? 4.829   -9.529  11.407  1.00 40.95 ? 127 HIS A C     1 
ATOM   989  O O     . HIS A 1 127 ? 4.127   -10.120 10.566  1.00 41.44 ? 127 HIS A O     1 
ATOM   990  C CB    . HIS A 1 127 ? 4.816   -7.175  10.684  1.00 40.88 ? 127 HIS A CB    1 
ATOM   991  C CG    . HIS A 1 127 ? 4.366   -6.459  11.926  1.00 40.92 ? 127 HIS A CG    1 
ATOM   992  N ND1   . HIS A 1 127 ? 3.147   -6.642  12.517  1.00 40.85 ? 127 HIS A ND1   1 
ATOM   993  C CD2   . HIS A 1 127 ? 5.061   -5.571  12.674  1.00 40.35 ? 127 HIS A CD2   1 
ATOM   994  C CE1   . HIS A 1 127 ? 3.082   -5.865  13.595  1.00 41.22 ? 127 HIS A CE1   1 
ATOM   995  N NE2   . HIS A 1 127 ? 4.225   -5.216  13.710  1.00 41.38 ? 127 HIS A NE2   1 
ATOM   996  N N     . PRO A 1 128 ? 4.836   -9.834  12.682  1.00 40.86 ? 128 PRO A N     1 
ATOM   997  C CA    . PRO A 1 128 ? 3.991   -10.933 13.191  1.00 40.24 ? 128 PRO A CA    1 
ATOM   998  C C     . PRO A 1 128 ? 2.582   -10.406 13.365  1.00 39.96 ? 128 PRO A C     1 
ATOM   999  O O     . PRO A 1 128 ? 2.315   -9.191  13.493  1.00 40.26 ? 128 PRO A O     1 
ATOM   1000 C CB    . PRO A 1 128 ? 4.776   -11.364 14.412  1.00 40.83 ? 128 PRO A CB    1 
ATOM   1001 C CG    . PRO A 1 128 ? 5.337   -10.068 14.945  1.00 40.57 ? 128 PRO A CG    1 
ATOM   1002 C CD    . PRO A 1 128 ? 5.661   -9.207  13.734  1.00 40.47 ? 128 PRO A CD    1 
ATOM   1003 N N     . GLY A 1 129 ? 1.622   -11.315 13.303  1.00 39.20 ? 129 GLY A N     1 
ATOM   1004 C CA    . GLY A 1 129 ? 0.217   -10.913 13.443  1.00 38.27 ? 129 GLY A CA    1 
ATOM   1005 C C     . GLY A 1 129 ? -0.574  -11.130 12.154  1.00 36.60 ? 129 GLY A C     1 
ATOM   1006 O O     . GLY A 1 129 ? -0.161  -11.803 11.198  1.00 36.94 ? 129 GLY A O     1 
ATOM   1007 N N     . HIS A 1 130 ? -1.743  -10.528 12.237  1.00 34.84 ? 130 HIS A N     1 
ATOM   1008 C CA    . HIS A 1 130 ? -2.741  -10.596 11.150  1.00 33.18 ? 130 HIS A CA    1 
ATOM   1009 C C     . HIS A 1 130 ? -2.405  -9.588  10.072  1.00 31.15 ? 130 HIS A C     1 
ATOM   1010 O O     . HIS A 1 130 ? -2.227  -8.406  10.382  1.00 30.11 ? 130 HIS A O     1 
ATOM   1011 C CB    . HIS A 1 130 ? -4.183  -10.420 11.667  1.00 33.78 ? 130 HIS A CB    1 
ATOM   1012 C CG    . HIS A 1 130 ? -5.260  -10.740 10.655  1.00 35.33 ? 130 HIS A CG    1 
ATOM   1013 N ND1   . HIS A 1 130 ? -5.128  -11.622 9.604   1.00 34.96 ? 130 HIS A ND1   1 
ATOM   1014 C CD2   . HIS A 1 130 ? -6.543  -10.273 10.581  1.00 35.53 ? 130 HIS A CD2   1 
ATOM   1015 C CE1   . HIS A 1 130 ? -6.265  -11.675 8.950   1.00 35.14 ? 130 HIS A CE1   1 
ATOM   1016 N NE2   . HIS A 1 130 ? -7.132  -10.855 9.501   1.00 34.09 ? 130 HIS A NE2   1 
ATOM   1017 N N     . LEU A 1 131 ? -2.357  -10.084 8.820   1.00 29.89 ? 131 LEU A N     1 
ATOM   1018 C CA    . LEU A 1 131 ? -2.049  -9.172  7.707   1.00 26.68 ? 131 LEU A CA    1 
ATOM   1019 C C     . LEU A 1 131 ? -2.634  -9.626  6.386   1.00 24.98 ? 131 LEU A C     1 
ATOM   1020 O O     . LEU A 1 131 ? -2.652  -10.836 6.044   1.00 24.01 ? 131 LEU A O     1 
ATOM   1021 C CB    . LEU A 1 131 ? -0.491  -9.041  7.669   1.00 26.99 ? 131 LEU A CB    1 
ATOM   1022 C CG    . LEU A 1 131 ? -0.030  -8.229  6.443   1.00 27.70 ? 131 LEU A CG    1 
ATOM   1023 C CD1   . LEU A 1 131 ? -0.103  -6.756  6.752   1.00 26.71 ? 131 LEU A CD1   1 
ATOM   1024 C CD2   . LEU A 1 131 ? 1.375   -8.626  6.005   1.00 28.44 ? 131 LEU A CD2   1 
ATOM   1025 N N     . LYS A 1 132 ? -3.068  -8.637  5.634   1.00 22.41 ? 132 LYS A N     1 
ATOM   1026 C CA    . LYS A 1 132 ? -3.637  -8.918  4.292   1.00 22.43 ? 132 LYS A CA    1 
ATOM   1027 C C     . LYS A 1 132 ? -2.872  -8.133  3.248   1.00 21.65 ? 132 LYS A C     1 
ATOM   1028 O O     . LYS A 1 132 ? -2.491  -6.981  3.501   1.00 21.51 ? 132 LYS A O     1 
ATOM   1029 C CB    . LYS A 1 132 ? -5.115  -8.611  4.167   1.00 22.62 ? 132 LYS A CB    1 
ATOM   1030 C CG    . LYS A 1 132 ? -5.950  -9.508  5.097   1.00 23.04 ? 132 LYS A CG    1 
ATOM   1031 C CD    . LYS A 1 132 ? -7.410  -9.484  4.741   1.00 25.26 ? 132 LYS A CD    1 
ATOM   1032 C CE    . LYS A 1 132 ? -8.053  -8.154  5.012   1.00 26.67 ? 132 LYS A CE    1 
ATOM   1033 N NZ    . LYS A 1 132 ? -8.988  -8.399  6.159   1.00 29.38 ? 132 LYS A NZ    1 
ATOM   1034 N N     . LEU A 1 133 ? -2.699  -8.793  2.123   1.00 20.78 ? 133 LEU A N     1 
ATOM   1035 C CA    . LEU A 1 133 ? -2.044  -8.226  0.960   1.00 20.25 ? 133 LEU A CA    1 
ATOM   1036 C C     . LEU A 1 133 ? -3.036  -8.165  -0.204  1.00 19.64 ? 133 LEU A C     1 
ATOM   1037 O O     . LEU A 1 133 ? -3.549  -9.225  -0.626  1.00 19.77 ? 133 LEU A O     1 
ATOM   1038 C CB    . LEU A 1 133 ? -0.878  -9.088  0.538   1.00 21.79 ? 133 LEU A CB    1 
ATOM   1039 C CG    . LEU A 1 133 ? 0.418   -9.192  1.245   1.00 23.56 ? 133 LEU A CG    1 
ATOM   1040 C CD1   . LEU A 1 133 ? 0.496   -8.834  2.699   1.00 24.00 ? 133 LEU A CD1   1 
ATOM   1041 C CD2   . LEU A 1 133 ? 0.961   -10.606 0.987   1.00 23.93 ? 133 LEU A CD2   1 
ATOM   1042 N N     . PHE A 1 134 ? -3.241  -6.987  -0.709  1.00 18.80 ? 134 PHE A N     1 
ATOM   1043 C CA    . PHE A 1 134 ? -4.117  -6.663  -1.843  1.00 19.24 ? 134 PHE A CA    1 
ATOM   1044 C C     . PHE A 1 134 ? -3.121  -6.429  -3.000  1.00 19.42 ? 134 PHE A C     1 
ATOM   1045 O O     . PHE A 1 134 ? -2.453  -5.393  -3.114  1.00 19.67 ? 134 PHE A O     1 
ATOM   1046 C CB    . PHE A 1 134 ? -5.006  -5.468  -1.544  1.00 18.40 ? 134 PHE A CB    1 
ATOM   1047 C CG    . PHE A 1 134 ? -6.027  -5.729  -0.486  1.00 18.40 ? 134 PHE A CG    1 
ATOM   1048 C CD1   . PHE A 1 134 ? -5.613  -5.822  0.865   1.00 18.52 ? 134 PHE A CD1   1 
ATOM   1049 C CD2   . PHE A 1 134 ? -7.365  -5.954  -0.822  1.00 18.54 ? 134 PHE A CD2   1 
ATOM   1050 C CE1   . PHE A 1 134 ? -6.518  -6.060  1.864   1.00 18.48 ? 134 PHE A CE1   1 
ATOM   1051 C CE2   . PHE A 1 134 ? -8.292  -6.189  0.209   1.00 19.22 ? 134 PHE A CE2   1 
ATOM   1052 C CZ    . PHE A 1 134 ? -7.868  -6.271  1.553   1.00 18.62 ? 134 PHE A CZ    1 
ATOM   1053 N N     . VAL A 1 135 ? -3.046  -7.478  -3.781  1.00 19.92 ? 135 VAL A N     1 
ATOM   1054 C CA    . VAL A 1 135 ? -2.144  -7.527  -4.936  1.00 20.50 ? 135 VAL A CA    1 
ATOM   1055 C C     . VAL A 1 135 ? -2.898  -7.461  -6.275  1.00 21.42 ? 135 VAL A C     1 
ATOM   1056 O O     . VAL A 1 135 ? -3.802  -8.254  -6.448  1.00 21.31 ? 135 VAL A O     1 
ATOM   1057 C CB    . VAL A 1 135 ? -1.341  -8.828  -4.815  1.00 20.07 ? 135 VAL A CB    1 
ATOM   1058 C CG1   . VAL A 1 135 ? -0.430  -9.070  -5.991  1.00 20.76 ? 135 VAL A CG1   1 
ATOM   1059 C CG2   . VAL A 1 135 ? -0.629  -8.984  -3.462  1.00 19.35 ? 135 VAL A CG2   1 
ATOM   1060 N N     . THR A 1 136 ? -2.507  -6.522  -7.140  1.00 21.50 ? 136 THR A N     1 
ATOM   1061 C CA    . THR A 1 136 ? -3.027  -6.354  -8.487  1.00 21.31 ? 136 THR A CA    1 
ATOM   1062 C C     . THR A 1 136 ? -1.923  -7.006  -9.355  1.00 22.30 ? 136 THR A C     1 
ATOM   1063 O O     . THR A 1 136 ? -0.816  -6.450  -9.364  1.00 22.72 ? 136 THR A O     1 
ATOM   1064 C CB    . THR A 1 136 ? -3.254  -4.903  -9.038  1.00 20.79 ? 136 THR A CB    1 
ATOM   1065 O OG1   . THR A 1 136 ? -4.035  -4.174  -8.038  1.00 20.37 ? 136 THR A OG1   1 
ATOM   1066 C CG2   . THR A 1 136 ? -3.909  -4.784  -10.423 1.00 20.45 ? 136 THR A CG2   1 
ATOM   1067 N N     . ARG A 1 137 ? -2.253  -8.108  -10.007 1.00 22.85 ? 137 ARG A N     1 
ATOM   1068 C CA    . ARG A 1 137 ? -1.307  -8.786  -10.899 1.00 23.82 ? 137 ARG A CA    1 
ATOM   1069 C C     . ARG A 1 137 ? -1.428  -8.187  -12.285 1.00 24.70 ? 137 ARG A C     1 
ATOM   1070 O O     . ARG A 1 137 ? -2.479  -8.395  -12.880 1.00 24.68 ? 137 ARG A O     1 
ATOM   1071 C CB    . ARG A 1 137 ? -1.624  -10.295 -10.974 1.00 23.75 ? 137 ARG A CB    1 
ATOM   1072 C CG    . ARG A 1 137 ? -1.412  -11.032 -9.675  1.00 23.32 ? 137 ARG A CG    1 
ATOM   1073 C CD    . ARG A 1 137 ? 0.033   -11.353 -9.372  1.00 24.46 ? 137 ARG A CD    1 
ATOM   1074 N NE    . ARG A 1 137 ? 0.079   -12.058 -8.113  1.00 25.85 ? 137 ARG A NE    1 
ATOM   1075 C CZ    . ARG A 1 137 ? 1.182   -12.533 -7.540  1.00 26.66 ? 137 ARG A CZ    1 
ATOM   1076 N NH1   . ARG A 1 137 ? 2.377   -12.362 -8.088  1.00 28.31 ? 137 ARG A NH1   1 
ATOM   1077 N NH2   . ARG A 1 137 ? 1.083   -13.224 -6.416  1.00 25.10 ? 137 ARG A NH2   1 
ATOM   1078 N N     . ILE A 1 138 ? -0.461  -7.483  -12.792 1.00 25.68 ? 138 ILE A N     1 
ATOM   1079 C CA    . ILE A 1 138 ? -0.411  -6.841  -14.098 1.00 27.43 ? 138 ILE A CA    1 
ATOM   1080 C C     . ILE A 1 138 ? 0.203   -8.009  -14.902 1.00 29.04 ? 138 ILE A C     1 
ATOM   1081 O O     . ILE A 1 138 ? 1.410   -8.250  -14.658 1.00 30.18 ? 138 ILE A O     1 
ATOM   1082 C CB    . ILE A 1 138 ? 0.519   -5.596  -14.187 1.00 28.05 ? 138 ILE A CB    1 
ATOM   1083 C CG1   . ILE A 1 138 ? 0.176   -4.456  -13.222 1.00 28.57 ? 138 ILE A CG1   1 
ATOM   1084 C CG2   . ILE A 1 138 ? 0.708   -5.108  -15.643 1.00 26.89 ? 138 ILE A CG2   1 
ATOM   1085 C CD1   . ILE A 1 138 ? -1.044  -3.589  -13.075 1.00 29.03 ? 138 ILE A CD1   1 
ATOM   1086 N N     . MET A 1 139 ? -0.618  -8.587  -15.751 1.00 28.96 ? 139 MET A N     1 
ATOM   1087 C CA    . MET A 1 139 ? -0.254  -9.790  -16.488 1.00 31.31 ? 139 MET A CA    1 
ATOM   1088 C C     . MET A 1 139 ? 0.688   -9.681  -17.667 1.00 32.00 ? 139 MET A C     1 
ATOM   1089 O O     . MET A 1 139 ? 0.429   -10.224 -18.750 1.00 32.16 ? 139 MET A O     1 
ATOM   1090 C CB    . MET A 1 139 ? -1.561  -10.590 -16.788 1.00 32.90 ? 139 MET A CB    1 
ATOM   1091 C CG    . MET A 1 139 ? -2.234  -11.199 -15.569 1.00 33.54 ? 139 MET A CG    1 
ATOM   1092 S SD    . MET A 1 139 ? -4.034  -11.426 -15.918 1.00 36.34 ? 139 MET A SD    1 
ATOM   1093 C CE    . MET A 1 139 ? -4.465  -12.828 -14.943 1.00 37.28 ? 139 MET A CE    1 
ATOM   1094 N N     . GLN A 1 140 ? 1.793   -8.993  -17.466 1.00 31.70 ? 140 GLN A N     1 
ATOM   1095 C CA    . GLN A 1 140 ? 2.863   -8.865  -18.448 1.00 32.35 ? 140 GLN A CA    1 
ATOM   1096 C C     . GLN A 1 140 ? 4.116   -8.311  -17.742 1.00 32.09 ? 140 GLN A C     1 
ATOM   1097 O O     . GLN A 1 140 ? 4.107   -7.852  -16.606 1.00 30.48 ? 140 GLN A O     1 
ATOM   1098 C CB    . GLN A 1 140 ? 2.573   -8.100  -19.704 1.00 32.95 ? 140 GLN A CB    1 
ATOM   1099 C CG    . GLN A 1 140 ? 2.201   -6.640  -19.562 1.00 35.18 ? 140 GLN A CG    1 
ATOM   1100 C CD    . GLN A 1 140 ? 2.192   -6.149  -21.011 1.00 36.46 ? 140 GLN A CD    1 
ATOM   1101 O OE1   . GLN A 1 140 ? 3.196   -5.677  -21.520 1.00 36.99 ? 140 GLN A OE1   1 
ATOM   1102 N NE2   . GLN A 1 140 ? 1.031   -6.397  -21.600 1.00 37.58 ? 140 GLN A NE2   1 
ATOM   1103 N N     . ASP A 1 141 ? 5.194   -8.418  -18.484 1.00 33.23 ? 141 ASP A N     1 
ATOM   1104 C CA    . ASP A 1 141 ? 6.547   -7.993  -18.153 1.00 33.14 ? 141 ASP A CA    1 
ATOM   1105 C C     . ASP A 1 141 ? 6.778   -6.517  -18.481 1.00 32.34 ? 141 ASP A C     1 
ATOM   1106 O O     . ASP A 1 141 ? 6.397   -6.004  -19.541 1.00 32.92 ? 141 ASP A O     1 
ATOM   1107 C CB    . ASP A 1 141 ? 7.583   -8.827  -18.923 1.00 35.17 ? 141 ASP A CB    1 
ATOM   1108 C CG    . ASP A 1 141 ? 7.868   -10.110 -18.182 1.00 36.54 ? 141 ASP A CG    1 
ATOM   1109 O OD1   . ASP A 1 141 ? 7.039   -10.640 -17.432 1.00 37.89 ? 141 ASP A OD1   1 
ATOM   1110 O OD2   . ASP A 1 141 ? 9.017   -10.577 -18.346 1.00 38.35 ? 141 ASP A OD2   1 
ATOM   1111 N N     . PHE A 1 142 ? 7.428   -5.912  -17.502 1.00 30.86 ? 142 PHE A N     1 
ATOM   1112 C CA    . PHE A 1 142 ? 7.783   -4.480  -17.585 1.00 29.65 ? 142 PHE A CA    1 
ATOM   1113 C C     . PHE A 1 142 ? 9.191   -4.247  -17.021 1.00 29.51 ? 142 PHE A C     1 
ATOM   1114 O O     . PHE A 1 142 ? 9.475   -4.711  -15.917 1.00 28.84 ? 142 PHE A O     1 
ATOM   1115 C CB    . PHE A 1 142 ? 6.724   -3.607  -16.954 1.00 28.94 ? 142 PHE A CB    1 
ATOM   1116 C CG    . PHE A 1 142 ? 5.449   -3.432  -17.724 1.00 28.64 ? 142 PHE A CG    1 
ATOM   1117 C CD1   . PHE A 1 142 ? 5.365   -2.536  -18.770 1.00 28.35 ? 142 PHE A CD1   1 
ATOM   1118 C CD2   . PHE A 1 142 ? 4.313   -4.177  -17.370 1.00 28.73 ? 142 PHE A CD2   1 
ATOM   1119 C CE1   . PHE A 1 142 ? 4.188   -2.362  -19.483 1.00 29.00 ? 142 PHE A CE1   1 
ATOM   1120 C CE2   . PHE A 1 142 ? 3.113   -4.021  -18.077 1.00 29.12 ? 142 PHE A CE2   1 
ATOM   1121 C CZ    . PHE A 1 142 ? 3.043   -3.107  -19.139 1.00 28.71 ? 142 PHE A CZ    1 
ATOM   1122 N N     . GLU A 1 143 ? 10.026  -3.556  -17.798 1.00 29.97 ? 143 GLU A N     1 
ATOM   1123 C CA    . GLU A 1 143 ? 11.395  -3.259  -17.321 1.00 29.56 ? 143 GLU A CA    1 
ATOM   1124 C C     . GLU A 1 143 ? 11.161  -2.528  -15.981 1.00 29.13 ? 143 GLU A C     1 
ATOM   1125 O O     . GLU A 1 143 ? 10.269  -1.663  -15.910 1.00 28.82 ? 143 GLU A O     1 
ATOM   1126 C CB    . GLU A 1 143 ? 12.164  -2.362  -18.257 1.00 31.33 ? 143 GLU A CB    1 
ATOM   1127 C CG    . GLU A 1 143 ? 13.630  -2.054  -18.017 1.00 32.44 ? 143 GLU A CG    1 
ATOM   1128 C CD    . GLU A 1 143 ? 14.217  -1.072  -18.998 1.00 34.45 ? 143 GLU A CD    1 
ATOM   1129 O OE1   . GLU A 1 143 ? 13.455  -0.128  -19.258 1.00 34.93 ? 143 GLU A OE1   1 
ATOM   1130 O OE2   . GLU A 1 143 ? 15.317  -1.167  -19.510 1.00 35.85 ? 143 GLU A OE2   1 
ATOM   1131 N N     . SER A 1 144 ? 11.913  -2.924  -14.975 1.00 27.24 ? 144 SER A N     1 
ATOM   1132 C CA    . SER A 1 144 ? 11.770  -2.416  -13.623 1.00 26.93 ? 144 SER A CA    1 
ATOM   1133 C C     . SER A 1 144 ? 13.124  -2.306  -12.926 1.00 26.16 ? 144 SER A C     1 
ATOM   1134 O O     . SER A 1 144 ? 14.072  -2.987  -13.357 1.00 28.13 ? 144 SER A O     1 
ATOM   1135 C CB    . SER A 1 144 ? 10.887  -3.379  -12.815 1.00 25.79 ? 144 SER A CB    1 
ATOM   1136 O OG    . SER A 1 144 ? 9.590   -3.475  -13.316 1.00 25.82 ? 144 SER A OG    1 
ATOM   1137 N N     . ASP A 1 145 ? 13.180  -1.525  -11.870 1.00 24.39 ? 145 ASP A N     1 
ATOM   1138 C CA    . ASP A 1 145 ? 14.447  -1.364  -11.082 1.00 24.08 ? 145 ASP A CA    1 
ATOM   1139 C C     . ASP A 1 145 ? 14.163  -1.627  -9.615  1.00 23.80 ? 145 ASP A C     1 
ATOM   1140 O O     . ASP A 1 145 ? 15.106  -1.721  -8.783  1.00 23.96 ? 145 ASP A O     1 
ATOM   1141 C CB    . ASP A 1 145 ? 15.110  -0.031  -11.391 1.00 24.81 ? 145 ASP A CB    1 
ATOM   1142 C CG    . ASP A 1 145 ? 14.386  1.195   -10.919 1.00 24.71 ? 145 ASP A CG    1 
ATOM   1143 O OD1   . ASP A 1 145 ? 13.430  1.227   -10.113 1.00 25.46 ? 145 ASP A OD1   1 
ATOM   1144 O OD2   . ASP A 1 145 ? 14.848  2.260   -11.368 1.00 25.38 ? 145 ASP A OD2   1 
ATOM   1145 N N     . THR A 1 146 ? 12.859  -1.797  -9.362  1.00 22.98 ? 146 THR A N     1 
ATOM   1146 C CA    . THR A 1 146 ? 12.457  -2.112  -7.952  1.00 22.75 ? 146 THR A CA    1 
ATOM   1147 C C     . THR A 1 146 ? 11.358  -3.188  -8.039  1.00 21.93 ? 146 THR A C     1 
ATOM   1148 O O     . THR A 1 146 ? 10.488  -3.177  -8.933  1.00 18.33 ? 146 THR A O     1 
ATOM   1149 C CB    . THR A 1 146 ? 12.391  -0.813  -7.129  1.00 24.86 ? 146 THR A CB    1 
ATOM   1150 O OG1   . THR A 1 146 ? 11.422  -0.980  -6.061  1.00 27.30 ? 146 THR A OG1   1 
ATOM   1151 C CG2   . THR A 1 146 ? 12.176  0.510   -7.858  1.00 24.80 ? 146 THR A CG2   1 
ATOM   1152 N N     . PHE A 1 147 ? 11.486  -4.174  -7.174  1.00 22.44 ? 147 PHE A N     1 
ATOM   1153 C CA    . PHE A 1 147 ? 10.641  -5.365  -7.074  1.00 23.67 ? 147 PHE A CA    1 
ATOM   1154 C C     . PHE A 1 147 ? 9.959   -5.592  -5.753  1.00 23.86 ? 147 PHE A C     1 
ATOM   1155 O O     . PHE A 1 147 ? 10.449  -5.165  -4.706  1.00 24.31 ? 147 PHE A O     1 
ATOM   1156 C CB    . PHE A 1 147 ? 11.555  -6.618  -7.365  1.00 23.13 ? 147 PHE A CB    1 
ATOM   1157 C CG    . PHE A 1 147 ? 12.246  -6.402  -8.688  1.00 23.72 ? 147 PHE A CG    1 
ATOM   1158 C CD1   . PHE A 1 147 ? 11.604  -6.798  -9.867  1.00 24.23 ? 147 PHE A CD1   1 
ATOM   1159 C CD2   . PHE A 1 147 ? 13.462  -5.742  -8.749  1.00 22.87 ? 147 PHE A CD2   1 
ATOM   1160 C CE1   . PHE A 1 147 ? 12.163  -6.539  -11.121 1.00 23.76 ? 147 PHE A CE1   1 
ATOM   1161 C CE2   . PHE A 1 147 ? 14.038  -5.482  -9.990  1.00 23.34 ? 147 PHE A CE2   1 
ATOM   1162 C CZ    . PHE A 1 147 ? 13.400  -5.849  -11.177 1.00 23.65 ? 147 PHE A CZ    1 
ATOM   1163 N N     . PHE A 1 148 ? 8.852   -6.293  -5.800  1.00 24.11 ? 148 PHE A N     1 
ATOM   1164 C CA    . PHE A 1 148 ? 8.027   -6.723  -4.676  1.00 25.15 ? 148 PHE A CA    1 
ATOM   1165 C C     . PHE A 1 148 ? 8.691   -8.014  -4.167  1.00 26.37 ? 148 PHE A C     1 
ATOM   1166 O O     . PHE A 1 148 ? 9.146   -8.807  -5.010  1.00 27.04 ? 148 PHE A O     1 
ATOM   1167 C CB    . PHE A 1 148 ? 6.552   -6.992  -5.027  1.00 24.08 ? 148 PHE A CB    1 
ATOM   1168 C CG    . PHE A 1 148 ? 5.645   -7.126  -3.847  1.00 22.85 ? 148 PHE A CG    1 
ATOM   1169 C CD1   . PHE A 1 148 ? 5.376   -6.031  -3.037  1.00 23.14 ? 148 PHE A CD1   1 
ATOM   1170 C CD2   . PHE A 1 148 ? 5.104   -8.371  -3.490  1.00 23.61 ? 148 PHE A CD2   1 
ATOM   1171 C CE1   . PHE A 1 148 ? 4.576   -6.112  -1.910  1.00 22.18 ? 148 PHE A CE1   1 
ATOM   1172 C CE2   . PHE A 1 148 ? 4.317   -8.499  -2.349  1.00 22.53 ? 148 PHE A CE2   1 
ATOM   1173 C CZ    . PHE A 1 148 ? 4.031   -7.362  -1.582  1.00 22.05 ? 148 PHE A CZ    1 
ATOM   1174 N N     . PRO A 1 149 ? 8.737   -8.209  -2.870  1.00 27.52 ? 149 PRO A N     1 
ATOM   1175 C CA    . PRO A 1 149 ? 9.352   -9.395  -2.276  1.00 28.64 ? 149 PRO A CA    1 
ATOM   1176 C C     . PRO A 1 149 ? 8.471   -10.583 -2.592  1.00 29.76 ? 149 PRO A C     1 
ATOM   1177 O O     . PRO A 1 149 ? 7.262   -10.408 -2.846  1.00 29.20 ? 149 PRO A O     1 
ATOM   1178 C CB    . PRO A 1 149 ? 9.536   -9.062  -0.797  1.00 28.43 ? 149 PRO A CB    1 
ATOM   1179 C CG    . PRO A 1 149 ? 9.150   -7.619  -0.622  1.00 27.38 ? 149 PRO A CG    1 
ATOM   1180 C CD    . PRO A 1 149 ? 8.245   -7.326  -1.791  1.00 27.91 ? 149 PRO A CD    1 
ATOM   1181 N N     . GLU A 1 150 ? 9.118   -11.736 -2.607  1.00 31.60 ? 150 GLU A N     1 
ATOM   1182 C CA    . GLU A 1 150 ? 8.433   -13.004 -2.925  1.00 33.03 ? 150 GLU A CA    1 
ATOM   1183 C C     . GLU A 1 150 ? 7.410   -13.269 -1.837  1.00 32.75 ? 150 GLU A C     1 
ATOM   1184 O O     . GLU A 1 150 ? 7.619   -12.948 -0.646  1.00 32.66 ? 150 GLU A O     1 
ATOM   1185 C CB    . GLU A 1 150 ? 9.427   -14.162 -3.014  1.00 35.27 ? 150 GLU A CB    1 
ATOM   1186 C CG    . GLU A 1 150 ? 9.270   -15.235 -1.994  1.00 38.44 ? 150 GLU A CG    1 
ATOM   1187 C CD    . GLU A 1 150 ? 10.139  -16.376 -1.632  1.00 40.74 ? 150 GLU A CD    1 
ATOM   1188 O OE1   . GLU A 1 150 ? 11.348  -16.057 -1.390  1.00 41.95 ? 150 GLU A OE1   1 
ATOM   1189 O OE2   . GLU A 1 150 ? 9.700   -17.534 -1.555  1.00 41.35 ? 150 GLU A OE2   1 
ATOM   1190 N N     . ILE A 1 151 ? 6.280   -13.837 -2.253  1.00 32.40 ? 151 ILE A N     1 
ATOM   1191 C CA    . ILE A 1 151 ? 5.201   -14.164 -1.289  1.00 30.23 ? 151 ILE A CA    1 
ATOM   1192 C C     . ILE A 1 151 ? 5.287   -15.626 -0.868  1.00 29.90 ? 151 ILE A C     1 
ATOM   1193 O O     . ILE A 1 151 ? 5.192   -16.501 -1.747  1.00 30.40 ? 151 ILE A O     1 
ATOM   1194 C CB    . ILE A 1 151 ? 3.771   -13.906 -1.900  1.00 30.15 ? 151 ILE A CB    1 
ATOM   1195 C CG1   . ILE A 1 151 ? 3.625   -12.462 -2.374  1.00 29.97 ? 151 ILE A CG1   1 
ATOM   1196 C CG2   . ILE A 1 151 ? 2.647   -14.320 -0.900  1.00 29.04 ? 151 ILE A CG2   1 
ATOM   1197 C CD1   . ILE A 1 151 ? 2.346   -12.067 -3.118  1.00 29.82 ? 151 ILE A CD1   1 
ATOM   1198 N N     . ASP A 1 152 ? 5.402   -15.853 0.419   1.00 29.71 ? 152 ASP A N     1 
ATOM   1199 C CA    . ASP A 1 152 ? 5.482   -17.203 0.988   1.00 29.73 ? 152 ASP A CA    1 
ATOM   1200 C C     . ASP A 1 152 ? 4.079   -17.838 1.069   1.00 28.61 ? 152 ASP A C     1 
ATOM   1201 O O     . ASP A 1 152 ? 3.349   -17.569 2.020   1.00 27.55 ? 152 ASP A O     1 
ATOM   1202 C CB    . ASP A 1 152 ? 6.182   -17.099 2.348   1.00 30.62 ? 152 ASP A CB    1 
ATOM   1203 C CG    . ASP A 1 152 ? 6.457   -18.389 3.062   1.00 31.76 ? 152 ASP A CG    1 
ATOM   1204 O OD1   . ASP A 1 152 ? 6.036   -19.482 2.659   1.00 32.02 ? 152 ASP A OD1   1 
ATOM   1205 O OD2   . ASP A 1 152 ? 7.131   -18.373 4.134   1.00 33.73 ? 152 ASP A OD2   1 
ATOM   1206 N N     . LEU A 1 153 ? 3.786   -18.696 0.099   1.00 29.05 ? 153 LEU A N     1 
ATOM   1207 C CA    . LEU A 1 153 ? 2.493   -19.399 0.032   1.00 28.18 ? 153 LEU A CA    1 
ATOM   1208 C C     . LEU A 1 153 ? 2.233   -20.375 1.159   1.00 28.87 ? 153 LEU A C     1 
ATOM   1209 O O     . LEU A 1 153 ? 1.100   -20.853 1.348   1.00 30.31 ? 153 LEU A O     1 
ATOM   1210 C CB    . LEU A 1 153 ? 2.334   -19.953 -1.376  1.00 27.39 ? 153 LEU A CB    1 
ATOM   1211 C CG    . LEU A 1 153 ? 2.258   -18.923 -2.519  1.00 25.44 ? 153 LEU A CG    1 
ATOM   1212 C CD1   . LEU A 1 153 ? 1.879   -19.686 -3.765  1.00 24.53 ? 153 LEU A CD1   1 
ATOM   1213 C CD2   . LEU A 1 153 ? 1.255   -17.851 -2.109  1.00 23.98 ? 153 LEU A CD2   1 
ATOM   1214 N N     . GLU A 1 154 ? 3.251   -20.642 1.957   1.00 29.23 ? 154 GLU A N     1 
ATOM   1215 C CA    . GLU A 1 154 ? 3.046   -21.530 3.100   1.00 30.69 ? 154 GLU A CA    1 
ATOM   1216 C C     . GLU A 1 154 ? 2.512   -20.634 4.225   1.00 31.15 ? 154 GLU A C     1 
ATOM   1217 O O     . GLU A 1 154 ? 1.949   -21.191 5.169   1.00 31.40 ? 154 GLU A O     1 
ATOM   1218 C CB    . GLU A 1 154 ? 4.244   -22.280 3.633   1.00 32.04 ? 154 GLU A CB    1 
ATOM   1219 C CG    . GLU A 1 154 ? 5.108   -23.074 2.694   1.00 33.27 ? 154 GLU A CG    1 
ATOM   1220 C CD    . GLU A 1 154 ? 5.033   -24.563 2.603   1.00 34.43 ? 154 GLU A CD    1 
ATOM   1221 O OE1   . GLU A 1 154 ? 4.019   -25.035 3.210   1.00 34.15 ? 154 GLU A OE1   1 
ATOM   1222 O OE2   . GLU A 1 154 ? 5.936   -25.197 2.055   1.00 34.11 ? 154 GLU A OE2   1 
ATOM   1223 N N     . LYS A 1 155 ? 2.716   -19.320 4.126   1.00 30.28 ? 155 LYS A N     1 
ATOM   1224 C CA    . LYS A 1 155 ? 2.248   -18.381 5.121   1.00 30.95 ? 155 LYS A CA    1 
ATOM   1225 C C     . LYS A 1 155 ? 1.008   -17.621 4.634   1.00 30.21 ? 155 LYS A C     1 
ATOM   1226 O O     . LYS A 1 155 ? 0.059   -17.464 5.429   1.00 31.66 ? 155 LYS A O     1 
ATOM   1227 C CB    . LYS A 1 155 ? 3.249   -17.288 5.470   1.00 32.50 ? 155 LYS A CB    1 
ATOM   1228 C CG    . LYS A 1 155 ? 4.068   -17.395 6.737   1.00 34.50 ? 155 LYS A CG    1 
ATOM   1229 C CD    . LYS A 1 155 ? 5.009   -16.171 6.841   1.00 35.60 ? 155 LYS A CD    1 
ATOM   1230 C CE    . LYS A 1 155 ? 6.386   -16.523 6.282   1.00 36.67 ? 155 LYS A CE    1 
ATOM   1231 N NZ    . LYS A 1 155 ? 7.031   -17.550 7.156   1.00 35.77 ? 155 LYS A NZ    1 
ATOM   1232 N N     . TYR A 1 156 ? 1.012   -17.139 3.417   1.00 28.31 ? 156 TYR A N     1 
ATOM   1233 C CA    . TYR A 1 156 ? -0.105  -16.381 2.860   1.00 27.83 ? 156 TYR A CA    1 
ATOM   1234 C C     . TYR A 1 156 ? -1.056  -17.276 2.094   1.00 26.49 ? 156 TYR A C     1 
ATOM   1235 O O     . TYR A 1 156 ? -0.563  -18.104 1.319   1.00 27.49 ? 156 TYR A O     1 
ATOM   1236 C CB    . TYR A 1 156 ? 0.408   -15.241 1.950   1.00 28.57 ? 156 TYR A CB    1 
ATOM   1237 C CG    . TYR A 1 156 ? 1.045   -14.140 2.800   1.00 29.84 ? 156 TYR A CG    1 
ATOM   1238 C CD1   . TYR A 1 156 ? 0.305   -13.095 3.298   1.00 29.77 ? 156 TYR A CD1   1 
ATOM   1239 C CD2   . TYR A 1 156 ? 2.420   -14.199 3.073   1.00 29.89 ? 156 TYR A CD2   1 
ATOM   1240 C CE1   . TYR A 1 156 ? 0.895   -12.109 4.081   1.00 30.51 ? 156 TYR A CE1   1 
ATOM   1241 C CE2   . TYR A 1 156 ? 3.018   -13.215 3.846   1.00 30.69 ? 156 TYR A CE2   1 
ATOM   1242 C CZ    . TYR A 1 156 ? 2.247   -12.174 4.347   1.00 30.54 ? 156 TYR A CZ    1 
ATOM   1243 O OH    . TYR A 1 156 ? 2.781   -11.176 5.100   1.00 30.90 ? 156 TYR A OH    1 
ATOM   1244 N N     . LYS A 1 157 ? -2.338  -17.121 2.302   1.00 26.35 ? 157 LYS A N     1 
ATOM   1245 C CA    . LYS A 1 157 ? -3.356  -17.905 1.583   1.00 27.13 ? 157 LYS A CA    1 
ATOM   1246 C C     . LYS A 1 157 ? -4.021  -16.967 0.568   1.00 24.27 ? 157 LYS A C     1 
ATOM   1247 O O     . LYS A 1 157 ? -4.387  -15.917 1.105   1.00 22.09 ? 157 LYS A O     1 
ATOM   1248 C CB    . LYS A 1 157 ? -4.572  -18.379 2.412   1.00 28.99 ? 157 LYS A CB    1 
ATOM   1249 C CG    . LYS A 1 157 ? -4.201  -19.513 3.339   1.00 32.96 ? 157 LYS A CG    1 
ATOM   1250 C CD    . LYS A 1 157 ? -4.134  -20.826 2.578   1.00 35.89 ? 157 LYS A CD    1 
ATOM   1251 C CE    . LYS A 1 157 ? -3.760  -21.975 3.552   1.00 37.71 ? 157 LYS A CE    1 
ATOM   1252 N NZ    . LYS A 1 157 ? -3.162  -23.049 2.679   1.00 39.15 ? 157 LYS A NZ    1 
ATOM   1253 N N     . LEU A 1 158 ? -4.215  -17.407 -0.655  1.00 22.91 ? 158 LEU A N     1 
ATOM   1254 C CA    . LEU A 1 158 ? -4.913  -16.541 -1.624  1.00 21.74 ? 158 LEU A CA    1 
ATOM   1255 C C     . LEU A 1 158 ? -6.406  -16.700 -1.284  1.00 21.29 ? 158 LEU A C     1 
ATOM   1256 O O     . LEU A 1 158 ? -6.868  -17.836 -1.111  1.00 21.26 ? 158 LEU A O     1 
ATOM   1257 C CB    . LEU A 1 158 ? -4.442  -16.947 -3.025  1.00 21.32 ? 158 LEU A CB    1 
ATOM   1258 C CG    . LEU A 1 158 ? -5.191  -16.348 -4.204  1.00 21.91 ? 158 LEU A CG    1 
ATOM   1259 C CD1   . LEU A 1 158 ? -5.048  -14.847 -4.195  1.00 20.02 ? 158 LEU A CD1   1 
ATOM   1260 C CD2   . LEU A 1 158 ? -4.656  -16.884 -5.540  1.00 21.47 ? 158 LEU A CD2   1 
ATOM   1261 N N     . LEU A 1 159 ? -7.198  -15.671 -1.131  1.00 21.33 ? 159 LEU A N     1 
ATOM   1262 C CA    . LEU A 1 159 ? -8.634  -15.844 -0.801  1.00 21.70 ? 159 LEU A CA    1 
ATOM   1263 C C     . LEU A 1 159 ? -9.330  -16.137 -2.130  1.00 22.41 ? 159 LEU A C     1 
ATOM   1264 O O     . LEU A 1 159 ? -8.924  -15.663 -3.206  1.00 22.21 ? 159 LEU A O     1 
ATOM   1265 C CB    . LEU A 1 159 ? -9.082  -14.629 -0.022  1.00 22.05 ? 159 LEU A CB    1 
ATOM   1266 C CG    . LEU A 1 159 ? -8.406  -14.311 1.295   1.00 22.84 ? 159 LEU A CG    1 
ATOM   1267 C CD1   . LEU A 1 159 ? -9.048  -13.042 1.868   1.00 23.03 ? 159 LEU A CD1   1 
ATOM   1268 C CD2   . LEU A 1 159 ? -8.505  -15.487 2.251   1.00 22.72 ? 159 LEU A CD2   1 
ATOM   1269 N N     . PRO A 1 160 ? -10.380 -16.934 -2.046  1.00 24.34 ? 160 PRO A N     1 
ATOM   1270 C CA    . PRO A 1 160 ? -11.153 -17.337 -3.234  1.00 25.23 ? 160 PRO A CA    1 
ATOM   1271 C C     . PRO A 1 160 ? -11.994 -16.193 -3.793  1.00 25.75 ? 160 PRO A C     1 
ATOM   1272 O O     . PRO A 1 160 ? -12.331 -16.189 -4.988  1.00 27.39 ? 160 PRO A O     1 
ATOM   1273 C CB    . PRO A 1 160 ? -12.088 -18.462 -2.727  1.00 25.30 ? 160 PRO A CB    1 
ATOM   1274 C CG    . PRO A 1 160 ? -11.536 -18.844 -1.401  1.00 25.59 ? 160 PRO A CG    1 
ATOM   1275 C CD    . PRO A 1 160 ? -10.911 -17.570 -0.816  1.00 25.04 ? 160 PRO A CD    1 
ATOM   1276 N N     . GLU A 1 161 ? -12.308 -15.245 -2.938  1.00 25.67 ? 161 GLU A N     1 
ATOM   1277 C CA    . GLU A 1 161 ? -13.130 -14.094 -3.243  1.00 26.92 ? 161 GLU A CA    1 
ATOM   1278 C C     . GLU A 1 161 ? -13.059 -13.132 -2.075  1.00 25.41 ? 161 GLU A C     1 
ATOM   1279 O O     . GLU A 1 161 ? -12.673 -13.510 -0.959  1.00 26.18 ? 161 GLU A O     1 
ATOM   1280 C CB    . GLU A 1 161 ? -14.595 -14.631 -3.325  1.00 31.49 ? 161 GLU A CB    1 
ATOM   1281 C CG    . GLU A 1 161 ? -14.955 -15.594 -2.186  1.00 35.83 ? 161 GLU A CG    1 
ATOM   1282 C CD    . GLU A 1 161 ? -16.397 -16.049 -2.048  1.00 39.08 ? 161 GLU A CD    1 
ATOM   1283 O OE1   . GLU A 1 161 ? -17.264 -15.556 -2.790  1.00 40.49 ? 161 GLU A OE1   1 
ATOM   1284 O OE2   . GLU A 1 161 ? -16.560 -16.927 -1.147  1.00 39.21 ? 161 GLU A OE2   1 
ATOM   1285 N N     . TYR A 1 162 ? -13.407 -11.878 -2.292  1.00 24.13 ? 162 TYR A N     1 
ATOM   1286 C CA    . TYR A 1 162 ? -13.399 -10.830 -1.284  1.00 23.84 ? 162 TYR A CA    1 
ATOM   1287 C C     . TYR A 1 162 ? -14.404 -9.753  -1.681  1.00 24.14 ? 162 TYR A C     1 
ATOM   1288 O O     . TYR A 1 162 ? -14.369 -9.279  -2.807  1.00 23.37 ? 162 TYR A O     1 
ATOM   1289 C CB    . TYR A 1 162 ? -11.985 -10.172 -1.148  1.00 22.87 ? 162 TYR A CB    1 
ATOM   1290 C CG    . TYR A 1 162 ? -11.835 -9.519  0.221   1.00 23.04 ? 162 TYR A CG    1 
ATOM   1291 C CD1   . TYR A 1 162 ? -11.571 -10.338 1.352   1.00 22.91 ? 162 TYR A CD1   1 
ATOM   1292 C CD2   . TYR A 1 162 ? -11.956 -8.147  0.400   1.00 22.01 ? 162 TYR A CD2   1 
ATOM   1293 C CE1   . TYR A 1 162 ? -11.434 -9.758  2.593   1.00 23.39 ? 162 TYR A CE1   1 
ATOM   1294 C CE2   . TYR A 1 162 ? -11.822 -7.543  1.641   1.00 22.51 ? 162 TYR A CE2   1 
ATOM   1295 C CZ    . TYR A 1 162 ? -11.553 -8.355  2.737   1.00 24.21 ? 162 TYR A CZ    1 
ATOM   1296 O OH    . TYR A 1 162 ? -11.414 -7.787  3.974   1.00 27.14 ? 162 TYR A OH    1 
ATOM   1297 N N     . PRO A 1 163 ? -15.264 -9.393  -0.761  1.00 25.74 ? 163 PRO A N     1 
ATOM   1298 C CA    . PRO A 1 163 ? -16.298 -8.380  -0.997  1.00 26.21 ? 163 PRO A CA    1 
ATOM   1299 C C     . PRO A 1 163 ? -15.674 -7.063  -1.434  1.00 26.29 ? 163 PRO A C     1 
ATOM   1300 O O     . PRO A 1 163 ? -14.728 -6.578  -0.788  1.00 27.60 ? 163 PRO A O     1 
ATOM   1301 C CB    . PRO A 1 163 ? -17.098 -8.338  0.304   1.00 25.96 ? 163 PRO A CB    1 
ATOM   1302 C CG    . PRO A 1 163 ? -16.168 -8.866  1.345   1.00 25.74 ? 163 PRO A CG    1 
ATOM   1303 C CD    . PRO A 1 163 ? -15.346 -9.940  0.622   1.00 26.65 ? 163 PRO A CD    1 
ATOM   1304 N N     . GLY A 1 164 ? -16.162 -6.537  -2.534  1.00 26.91 ? 164 GLY A N     1 
ATOM   1305 C CA    . GLY A 1 164 ? -15.725 -5.287  -3.131  1.00 28.46 ? 164 GLY A CA    1 
ATOM   1306 C C     . GLY A 1 164 ? -14.495 -5.343  -4.032  1.00 28.66 ? 164 GLY A C     1 
ATOM   1307 O O     . GLY A 1 164 ? -13.991 -4.269  -4.437  1.00 31.09 ? 164 GLY A O     1 
ATOM   1308 N N     . VAL A 1 165 ? -14.015 -6.529  -4.295  1.00 27.89 ? 165 VAL A N     1 
ATOM   1309 C CA    . VAL A 1 165 ? -12.857 -6.823  -5.123  1.00 27.95 ? 165 VAL A CA    1 
ATOM   1310 C C     . VAL A 1 165 ? -13.260 -7.741  -6.267  1.00 28.78 ? 165 VAL A C     1 
ATOM   1311 O O     . VAL A 1 165 ? -13.599 -8.925  -6.008  1.00 29.47 ? 165 VAL A O     1 
ATOM   1312 C CB    . VAL A 1 165 ? -11.737 -7.483  -4.284  1.00 27.51 ? 165 VAL A CB    1 
ATOM   1313 C CG1   . VAL A 1 165 ? -10.538 -7.857  -5.108  1.00 26.34 ? 165 VAL A CG1   1 
ATOM   1314 C CG2   . VAL A 1 165 ? -11.293 -6.666  -3.054  1.00 27.39 ? 165 VAL A CG2   1 
ATOM   1315 N N     . LEU A 1 166 ? -13.223 -7.224  -7.462  1.00 28.65 ? 166 LEU A N     1 
ATOM   1316 C CA    . LEU A 1 166 ? -13.560 -7.991  -8.675  1.00 28.74 ? 166 LEU A CA    1 
ATOM   1317 C C     . LEU A 1 166 ? -12.702 -9.217  -8.820  1.00 28.23 ? 166 LEU A C     1 
ATOM   1318 O O     . LEU A 1 166 ? -11.468 -9.109  -8.615  1.00 28.30 ? 166 LEU A O     1 
ATOM   1319 C CB    . LEU A 1 166 ? -13.251 -6.973  -9.799  1.00 29.42 ? 166 LEU A CB    1 
ATOM   1320 C CG    . LEU A 1 166 ? -14.453 -6.233  -10.335 1.00 29.95 ? 166 LEU A CG    1 
ATOM   1321 C CD1   . LEU A 1 166 ? -15.460 -6.006  -9.223  1.00 30.51 ? 166 LEU A CD1   1 
ATOM   1322 C CD2   . LEU A 1 166 ? -14.076 -4.909  -10.981 1.00 29.73 ? 166 LEU A CD2   1 
ATOM   1323 N N     . SER A 1 167 ? -13.254 -10.338 -9.178  1.00 28.80 ? 167 SER A N     1 
ATOM   1324 C CA    . SER A 1 167 ? -12.559 -11.617 -9.354  1.00 28.99 ? 167 SER A CA    1 
ATOM   1325 C C     . SER A 1 167 ? -12.139 -11.958 -10.763 1.00 28.63 ? 167 SER A C     1 
ATOM   1326 O O     . SER A 1 167 ? -11.397 -12.933 -10.948 1.00 27.53 ? 167 SER A O     1 
ATOM   1327 C CB    . SER A 1 167 ? -13.393 -12.781 -8.814  1.00 29.69 ? 167 SER A CB    1 
ATOM   1328 O OG    . SER A 1 167 ? -13.316 -12.811 -7.394  1.00 31.11 ? 167 SER A OG    1 
ATOM   1329 N N     . ASP A 1 168 ? -12.597 -11.212 -11.744 1.00 30.57 ? 168 ASP A N     1 
ATOM   1330 C CA    . ASP A 1 168 ? -12.220 -11.506 -13.156 1.00 31.89 ? 168 ASP A CA    1 
ATOM   1331 C C     . ASP A 1 168 ? -11.176 -10.503 -13.688 1.00 31.69 ? 168 ASP A C     1 
ATOM   1332 O O     . ASP A 1 168 ? -11.039 -9.380  -13.134 1.00 31.94 ? 168 ASP A O     1 
ATOM   1333 C CB    . ASP A 1 168 ? -13.493 -11.416 -14.035 1.00 33.77 ? 168 ASP A CB    1 
ATOM   1334 C CG    . ASP A 1 168 ? -14.004 -10.003 -13.812 1.00 35.66 ? 168 ASP A CG    1 
ATOM   1335 O OD1   . ASP A 1 168 ? -14.008 -9.594  -12.626 1.00 37.38 ? 168 ASP A OD1   1 
ATOM   1336 O OD2   . ASP A 1 168 ? -14.392 -9.265  -14.705 1.00 37.64 ? 168 ASP A OD2   1 
ATOM   1337 N N     . VAL A 1 169 ? -10.573 -10.928 -14.779 1.00 31.05 ? 169 VAL A N     1 
ATOM   1338 C CA    . VAL A 1 169 ? -9.536  -10.180 -15.513 1.00 30.07 ? 169 VAL A CA    1 
ATOM   1339 C C     . VAL A 1 169 ? -10.027 -8.878  -16.133 1.00 30.92 ? 169 VAL A C     1 
ATOM   1340 O O     . VAL A 1 169 ? -10.989 -8.847  -16.911 1.00 31.57 ? 169 VAL A O     1 
ATOM   1341 C CB    . VAL A 1 169 ? -8.905  -11.054 -16.604 1.00 29.21 ? 169 VAL A CB    1 
ATOM   1342 C CG1   . VAL A 1 169 ? -7.728  -10.365 -17.324 1.00 29.57 ? 169 VAL A CG1   1 
ATOM   1343 C CG2   . VAL A 1 169 ? -8.467  -12.415 -16.145 1.00 28.22 ? 169 VAL A CG2   1 
ATOM   1344 N N     . GLN A 1 170 ? -9.333  -7.802  -15.803 1.00 30.60 ? 170 GLN A N     1 
ATOM   1345 C CA    . GLN A 1 170 ? -9.638  -6.465  -16.300 1.00 31.16 ? 170 GLN A CA    1 
ATOM   1346 C C     . GLN A 1 170 ? -8.579  -6.224  -17.380 1.00 31.01 ? 170 GLN A C     1 
ATOM   1347 O O     . GLN A 1 170 ? -7.550  -6.881  -17.429 1.00 29.14 ? 170 GLN A O     1 
ATOM   1348 C CB    . GLN A 1 170 ? -9.501  -5.384  -15.205 1.00 32.47 ? 170 GLN A CB    1 
ATOM   1349 C CG    . GLN A 1 170 ? -10.052 -5.867  -13.861 1.00 34.37 ? 170 GLN A CG    1 
ATOM   1350 C CD    . GLN A 1 170 ? -11.538 -6.050  -14.110 1.00 36.16 ? 170 GLN A CD    1 
ATOM   1351 O OE1   . GLN A 1 170 ? -12.137 -5.069  -14.541 1.00 38.26 ? 170 GLN A OE1   1 
ATOM   1352 N NE2   . GLN A 1 170 ? -11.997 -7.268  -13.900 1.00 36.07 ? 170 GLN A NE2   1 
ATOM   1353 N N     . GLU A 1 171 ? -8.870  -5.236  -18.197 1.00 33.14 ? 171 GLU A N     1 
ATOM   1354 C CA    . GLU A 1 171 ? -8.043  -4.783  -19.300 1.00 34.04 ? 171 GLU A CA    1 
ATOM   1355 C C     . GLU A 1 171 ? -8.175  -3.277  -19.512 1.00 33.82 ? 171 GLU A C     1 
ATOM   1356 O O     . GLU A 1 171 ? -9.250  -2.672  -19.528 1.00 34.50 ? 171 GLU A O     1 
ATOM   1357 C CB    . GLU A 1 171 ? -8.468  -5.471  -20.599 1.00 36.07 ? 171 GLU A CB    1 
ATOM   1358 C CG    . GLU A 1 171 ? -7.584  -5.115  -21.795 1.00 38.12 ? 171 GLU A CG    1 
ATOM   1359 C CD    . GLU A 1 171 ? -7.963  -5.898  -23.042 1.00 39.35 ? 171 GLU A CD    1 
ATOM   1360 O OE1   . GLU A 1 171 ? -8.794  -6.783  -22.980 1.00 40.06 ? 171 GLU A OE1   1 
ATOM   1361 O OE2   . GLU A 1 171 ? -7.357  -5.460  -24.036 1.00 39.92 ? 171 GLU A OE2   1 
ATOM   1362 N N     . GLU A 1 172 ? -7.026  -2.655  -19.629 1.00 33.70 ? 172 GLU A N     1 
ATOM   1363 C CA    . GLU A 1 172 ? -6.934  -1.196  -19.827 1.00 34.57 ? 172 GLU A CA    1 
ATOM   1364 C C     . GLU A 1 172 ? -5.710  -0.915  -20.685 1.00 34.50 ? 172 GLU A C     1 
ATOM   1365 O O     . GLU A 1 172 ? -4.626  -1.507  -20.452 1.00 34.44 ? 172 GLU A O     1 
ATOM   1366 C CB    . GLU A 1 172 ? -6.820  -0.520  -18.480 1.00 35.28 ? 172 GLU A CB    1 
ATOM   1367 C CG    . GLU A 1 172 ? -7.779  0.555   -18.083 1.00 35.75 ? 172 GLU A CG    1 
ATOM   1368 C CD    . GLU A 1 172 ? -7.688  1.095   -16.697 1.00 36.04 ? 172 GLU A CD    1 
ATOM   1369 O OE1   . GLU A 1 172 ? -7.341  0.490   -15.715 1.00 36.33 ? 172 GLU A OE1   1 
ATOM   1370 O OE2   . GLU A 1 172 ? -8.019  2.302   -16.650 1.00 36.88 ? 172 GLU A OE2   1 
ATOM   1371 N N     . LYS A 1 173 ? -5.901  -0.071  -21.687 1.00 34.97 ? 173 LYS A N     1 
ATOM   1372 C CA    . LYS A 1 173 ? -4.780  0.245   -22.585 1.00 35.47 ? 173 LYS A CA    1 
ATOM   1373 C C     . LYS A 1 173 ? -4.130  -1.023  -23.085 1.00 35.13 ? 173 LYS A C     1 
ATOM   1374 O O     . LYS A 1 173 ? -2.888  -0.956  -23.078 1.00 35.43 ? 173 LYS A O     1 
ATOM   1375 C CB    . LYS A 1 173 ? -3.603  0.926   -21.826 1.00 36.57 ? 173 LYS A CB    1 
ATOM   1376 C CG    . LYS A 1 173 ? -3.989  2.332   -21.365 1.00 37.62 ? 173 LYS A CG    1 
ATOM   1377 C CD    . LYS A 1 173 ? -2.826  3.029   -20.651 1.00 38.03 ? 173 LYS A CD    1 
ATOM   1378 C CE    . LYS A 1 173 ? -3.328  4.409   -20.243 1.00 39.15 ? 173 LYS A CE    1 
ATOM   1379 N NZ    . LYS A 1 173 ? -2.244  5.151   -19.538 1.00 41.02 ? 173 LYS A NZ    1 
ATOM   1380 N N     . GLY A 1 174 ? -4.873  -2.055  -23.416 1.00 34.68 ? 174 GLY A N     1 
ATOM   1381 C CA    . GLY A 1 174 ? -4.319  -3.310  -23.897 1.00 33.63 ? 174 GLY A CA    1 
ATOM   1382 C C     . GLY A 1 174 ? -3.511  -4.183  -22.960 1.00 33.57 ? 174 GLY A C     1 
ATOM   1383 O O     . GLY A 1 174 ? -2.788  -5.090  -23.430 1.00 33.35 ? 174 GLY A O     1 
ATOM   1384 N N     . ILE A 1 175 ? -3.643  -3.917  -21.662 1.00 32.64 ? 175 ILE A N     1 
ATOM   1385 C CA    . ILE A 1 175 ? -2.958  -4.584  -20.556 1.00 29.98 ? 175 ILE A CA    1 
ATOM   1386 C C     . ILE A 1 175 ? -3.988  -5.283  -19.673 1.00 29.33 ? 175 ILE A C     1 
ATOM   1387 O O     . ILE A 1 175 ? -4.963  -4.661  -19.254 1.00 30.01 ? 175 ILE A O     1 
ATOM   1388 C CB    . ILE A 1 175 ? -2.158  -3.525  -19.716 1.00 29.79 ? 175 ILE A CB    1 
ATOM   1389 C CG1   . ILE A 1 175 ? -1.132  -2.763  -20.575 1.00 29.95 ? 175 ILE A CG1   1 
ATOM   1390 C CG2   . ILE A 1 175 ? -1.494  -4.246  -18.493 1.00 30.30 ? 175 ILE A CG2   1 
ATOM   1391 C CD1   . ILE A 1 175 ? -0.456  -1.472  -20.012 1.00 29.75 ? 175 ILE A CD1   1 
ATOM   1392 N N     . LYS A 1 176 ? -3.766  -6.542  -19.439 1.00 28.93 ? 176 LYS A N     1 
ATOM   1393 C CA    . LYS A 1 176 ? -4.623  -7.383  -18.589 1.00 29.54 ? 176 LYS A CA    1 
ATOM   1394 C C     . LYS A 1 176 ? -4.086  -7.442  -17.155 1.00 28.37 ? 176 LYS A C     1 
ATOM   1395 O O     . LYS A 1 176 ? -2.872  -7.595  -16.962 1.00 27.81 ? 176 LYS A O     1 
ATOM   1396 C CB    . LYS A 1 176 ? -4.620  -8.804  -19.165 1.00 30.84 ? 176 LYS A CB    1 
ATOM   1397 C CG    . LYS A 1 176 ? -5.221  -8.781  -20.600 1.00 32.58 ? 176 LYS A CG    1 
ATOM   1398 C CD    . LYS A 1 176 ? -5.543  -10.247 -20.980 1.00 35.62 ? 176 LYS A CD    1 
ATOM   1399 C CE    . LYS A 1 176 ? -6.635  -10.284 -22.049 1.00 36.83 ? 176 LYS A CE    1 
ATOM   1400 N NZ    . LYS A 1 176 ? -7.771  -9.414  -21.536 1.00 39.26 ? 176 LYS A NZ    1 
ATOM   1401 N N     . TYR A 1 177 ? -4.982  -7.285  -16.197 1.00 27.77 ? 177 TYR A N     1 
ATOM   1402 C CA    . TYR A 1 177 ? -4.579  -7.352  -14.779 1.00 27.76 ? 177 TYR A CA    1 
ATOM   1403 C C     . TYR A 1 177 ? -5.745  -8.018  -14.041 1.00 26.91 ? 177 TYR A C     1 
ATOM   1404 O O     . TYR A 1 177 ? -6.815  -8.062  -14.648 1.00 26.78 ? 177 TYR A O     1 
ATOM   1405 C CB    . TYR A 1 177 ? -4.192  -6.019  -14.164 1.00 28.02 ? 177 TYR A CB    1 
ATOM   1406 C CG    . TYR A 1 177 ? -5.219  -4.906  -14.259 1.00 29.88 ? 177 TYR A CG    1 
ATOM   1407 C CD1   . TYR A 1 177 ? -6.243  -4.799  -13.321 1.00 30.15 ? 177 TYR A CD1   1 
ATOM   1408 C CD2   . TYR A 1 177 ? -5.174  -3.959  -15.285 1.00 30.18 ? 177 TYR A CD2   1 
ATOM   1409 C CE1   . TYR A 1 177 ? -7.177  -3.758  -13.396 1.00 31.47 ? 177 TYR A CE1   1 
ATOM   1410 C CE2   . TYR A 1 177 ? -6.080  -2.921  -15.360 1.00 31.46 ? 177 TYR A CE2   1 
ATOM   1411 C CZ    . TYR A 1 177 ? -7.093  -2.841  -14.421 1.00 31.55 ? 177 TYR A CZ    1 
ATOM   1412 O OH    . TYR A 1 177 ? -8.022  -1.847  -14.474 1.00 34.49 ? 177 TYR A OH    1 
ATOM   1413 N N     . LYS A 1 178 ? -5.464  -8.496  -12.859 1.00 26.38 ? 178 LYS A N     1 
ATOM   1414 C CA    . LYS A 1 178 ? -6.461  -9.134  -11.990 1.00 26.38 ? 178 LYS A CA    1 
ATOM   1415 C C     . LYS A 1 178 ? -6.130  -8.806  -10.537 1.00 25.53 ? 178 LYS A C     1 
ATOM   1416 O O     . LYS A 1 178 ? -4.940  -8.648  -10.234 1.00 24.68 ? 178 LYS A O     1 
ATOM   1417 C CB    . LYS A 1 178 ? -6.542  -10.630 -12.250 1.00 27.35 ? 178 LYS A CB    1 
ATOM   1418 C CG    . LYS A 1 178 ? -5.369  -11.444 -11.765 1.00 29.08 ? 178 LYS A CG    1 
ATOM   1419 C CD    . LYS A 1 178 ? -5.304  -12.865 -12.294 1.00 30.62 ? 178 LYS A CD    1 
ATOM   1420 C CE    . LYS A 1 178 ? -4.060  -13.579 -11.782 1.00 31.51 ? 178 LYS A CE    1 
ATOM   1421 N NZ    . LYS A 1 178 ? -3.951  -14.924 -12.456 1.00 35.17 ? 178 LYS A NZ    1 
ATOM   1422 N N     . PHE A 1 179 ? -7.123  -8.698  -9.690  1.00 25.59 ? 179 PHE A N     1 
ATOM   1423 C CA    . PHE A 1 179 ? -6.999  -8.407  -8.257  1.00 24.45 ? 179 PHE A CA    1 
ATOM   1424 C C     . PHE A 1 179 ? -6.976  -9.651  -7.372  1.00 24.53 ? 179 PHE A C     1 
ATOM   1425 O O     . PHE A 1 179 ? -7.830  -10.552 -7.515  1.00 26.57 ? 179 PHE A O     1 
ATOM   1426 C CB    . PHE A 1 179 ? -8.077  -7.469  -7.757  1.00 23.56 ? 179 PHE A CB    1 
ATOM   1427 C CG    . PHE A 1 179 ? -8.266  -6.242  -8.573  1.00 23.38 ? 179 PHE A CG    1 
ATOM   1428 C CD1   . PHE A 1 179 ? -7.331  -5.220  -8.525  1.00 23.19 ? 179 PHE A CD1   1 
ATOM   1429 C CD2   . PHE A 1 179 ? -9.403  -6.122  -9.391  1.00 23.55 ? 179 PHE A CD2   1 
ATOM   1430 C CE1   . PHE A 1 179 ? -7.482  -4.055  -9.269  1.00 24.52 ? 179 PHE A CE1   1 
ATOM   1431 C CE2   . PHE A 1 179 ? -9.594  -4.960  -10.116 1.00 24.21 ? 179 PHE A CE2   1 
ATOM   1432 C CZ    . PHE A 1 179 ? -8.647  -3.921  -10.082 1.00 23.82 ? 179 PHE A CZ    1 
ATOM   1433 N N     . GLU A 1 180 ? -6.009  -9.686  -6.458  1.00 22.93 ? 180 GLU A N     1 
ATOM   1434 C CA    . GLU A 1 180 ? -5.841  -10.779 -5.502  1.00 23.81 ? 180 GLU A CA    1 
ATOM   1435 C C     . GLU A 1 180 ? -5.728  -10.266 -4.048  1.00 23.75 ? 180 GLU A C     1 
ATOM   1436 O O     . GLU A 1 180 ? -5.248  -9.142  -3.743  1.00 23.30 ? 180 GLU A O     1 
ATOM   1437 C CB    . GLU A 1 180 ? -4.733  -11.804 -5.810  1.00 23.34 ? 180 GLU A CB    1 
ATOM   1438 C CG    . GLU A 1 180 ? -4.628  -12.293 -7.268  1.00 24.28 ? 180 GLU A CG    1 
ATOM   1439 C CD    . GLU A 1 180 ? -3.411  -13.101 -7.543  1.00 26.51 ? 180 GLU A CD    1 
ATOM   1440 O OE1   . GLU A 1 180 ? -2.451  -12.911 -6.739  1.00 25.49 ? 180 GLU A OE1   1 
ATOM   1441 O OE2   . GLU A 1 180 ? -3.377  -13.932 -8.457  1.00 27.31 ? 180 GLU A OE2   1 
ATOM   1442 N N     . VAL A 1 181 ? -6.250  -11.117 -3.158  1.00 21.50 ? 181 VAL A N     1 
ATOM   1443 C CA    . VAL A 1 181 ? -6.245  -10.876 -1.708  1.00 19.81 ? 181 VAL A CA    1 
ATOM   1444 C C     . VAL A 1 181 ? -5.675  -12.123 -1.039  1.00 19.40 ? 181 VAL A C     1 
ATOM   1445 O O     . VAL A 1 181 ? -6.141  -13.260 -1.228  1.00 20.12 ? 181 VAL A O     1 
ATOM   1446 C CB    . VAL A 1 181 ? -7.575  -10.385 -1.128  1.00 19.32 ? 181 VAL A CB    1 
ATOM   1447 C CG1   . VAL A 1 181 ? -7.384  -9.902  0.289   1.00 17.82 ? 181 VAL A CG1   1 
ATOM   1448 C CG2   . VAL A 1 181 ? -8.273  -9.305  -1.980  1.00 19.80 ? 181 VAL A CG2   1 
ATOM   1449 N N     . TYR A 1 182 ? -4.622  -11.895 -0.292  1.00 18.37 ? 182 TYR A N     1 
ATOM   1450 C CA    . TYR A 1 182 ? -3.874  -12.862 0.471   1.00 18.60 ? 182 TYR A CA    1 
ATOM   1451 C C     . TYR A 1 182 ? -4.009  -12.457 1.934   1.00 20.57 ? 182 TYR A C     1 
ATOM   1452 O O     . TYR A 1 182 ? -3.941  -11.254 2.249   1.00 19.29 ? 182 TYR A O     1 
ATOM   1453 C CB    . TYR A 1 182 ? -2.368  -12.808 0.127   1.00 18.73 ? 182 TYR A CB    1 
ATOM   1454 C CG    . TYR A 1 182 ? -2.025  -13.219 -1.264  1.00 16.41 ? 182 TYR A CG    1 
ATOM   1455 C CD1   . TYR A 1 182 ? -2.171  -12.349 -2.342  1.00 18.01 ? 182 TYR A CD1   1 
ATOM   1456 C CD2   . TYR A 1 182 ? -1.686  -14.543 -1.502  1.00 17.08 ? 182 TYR A CD2   1 
ATOM   1457 C CE1   . TYR A 1 182 ? -1.854  -12.788 -3.640  1.00 18.04 ? 182 TYR A CE1   1 
ATOM   1458 C CE2   . TYR A 1 182 ? -1.394  -15.024 -2.785  1.00 16.97 ? 182 TYR A CE2   1 
ATOM   1459 C CZ    . TYR A 1 182 ? -1.467  -14.124 -3.844  1.00 18.08 ? 182 TYR A CZ    1 
ATOM   1460 O OH    . TYR A 1 182 ? -1.185  -14.576 -5.095  1.00 19.71 ? 182 TYR A OH    1 
ATOM   1461 N N     . GLU A 1 183 ? -4.118  -13.501 2.721   1.00 22.60 ? 183 GLU A N     1 
ATOM   1462 C CA    . GLU A 1 183 ? -4.216  -13.355 4.169   1.00 24.08 ? 183 GLU A CA    1 
ATOM   1463 C C     . GLU A 1 183 ? -3.251  -14.229 4.951   1.00 24.71 ? 183 GLU A C     1 
ATOM   1464 O O     . GLU A 1 183 ? -3.019  -15.411 4.673   1.00 22.82 ? 183 GLU A O     1 
ATOM   1465 C CB    . GLU A 1 183 ? -5.681  -13.701 4.582   1.00 25.32 ? 183 GLU A CB    1 
ATOM   1466 C CG    . GLU A 1 183 ? -6.024  -13.369 6.031   1.00 26.62 ? 183 GLU A CG    1 
ATOM   1467 C CD    . GLU A 1 183 ? -7.504  -13.395 6.372   1.00 28.01 ? 183 GLU A CD    1 
ATOM   1468 O OE1   . GLU A 1 183 ? -8.105  -14.304 5.801   1.00 29.15 ? 183 GLU A OE1   1 
ATOM   1469 O OE2   . GLU A 1 183 ? -7.999  -12.584 7.131   1.00 29.06 ? 183 GLU A OE2   1 
ATOM   1470 N N     . LYS A 1 184 ? -2.717  -13.649 6.007   1.00 26.10 ? 184 LYS A N     1 
ATOM   1471 C CA    . LYS A 1 184 ? -1.806  -14.297 6.953   1.00 30.23 ? 184 LYS A CA    1 
ATOM   1472 C C     . LYS A 1 184 ? -2.252  -14.020 8.382   1.00 32.57 ? 184 LYS A C     1 
ATOM   1473 O O     . LYS A 1 184 ? -2.957  -13.038 8.718   1.00 33.09 ? 184 LYS A O     1 
ATOM   1474 C CB    . LYS A 1 184 ? -0.389  -13.800 6.717   1.00 31.14 ? 184 LYS A CB    1 
ATOM   1475 C CG    . LYS A 1 184 ? 0.574   -13.936 7.865   1.00 32.06 ? 184 LYS A CG    1 
ATOM   1476 C CD    . LYS A 1 184 ? 1.959   -13.446 7.551   1.00 34.14 ? 184 LYS A CD    1 
ATOM   1477 C CE    . LYS A 1 184 ? 2.306   -12.177 8.318   1.00 35.29 ? 184 LYS A CE    1 
ATOM   1478 N NZ    . LYS A 1 184 ? 2.457   -12.588 9.736   1.00 38.24 ? 184 LYS A NZ    1 
ATOM   1479 N N     . ASN A 1 185 ? -1.867  -14.894 9.286   1.00 36.05 ? 185 ASN A N     1 
ATOM   1480 C CA    . ASN A 1 185 ? -2.119  -14.868 10.730  1.00 39.43 ? 185 ASN A CA    1 
ATOM   1481 C C     . ASN A 1 185 ? -1.077  -15.763 11.428  1.00 41.73 ? 185 ASN A C     1 
ATOM   1482 O O     . ASN A 1 185 ? -1.357  -16.961 11.551  1.00 43.36 ? 185 ASN A O     1 
ATOM   1483 C CB    . ASN A 1 185 ? -3.516  -15.278 11.143  1.00 40.30 ? 185 ASN A CB    1 
ATOM   1484 C CG    . ASN A 1 185 ? -3.981  -14.610 12.420  1.00 41.95 ? 185 ASN A CG    1 
ATOM   1485 O OD1   . ASN A 1 185 ? -5.171  -14.791 12.779  1.00 43.52 ? 185 ASN A OD1   1 
ATOM   1486 N ND2   . ASN A 1 185 ? -3.147  -13.845 13.132  1.00 41.92 ? 185 ASN A ND2   1 
ATOM   1487 N N     . ASP A 1 186 ? 0.077   -15.181 11.843  1.00 43.30 ? 186 ASP A N     1 
ATOM   1488 C CA    . ASP A 1 186 ? 1.150   -15.927 12.518  1.00 45.08 ? 186 ASP A CA    1 
ATOM   1489 C C     . ASP A 1 186 ? 1.792   -15.107 13.636  1.00 46.30 ? 186 ASP A C     1 
ATOM   1490 O O     . ASP A 1 186 ? 2.886   -15.568 14.082  1.00 47.66 ? 186 ASP A O     1 
ATOM   1491 C CB    . ASP A 1 186 ? 2.160   -16.366 11.439  1.00 44.82 ? 186 ASP A CB    1 
ATOM   1492 C CG    . ASP A 1 186 ? 3.190   -15.292 11.158  1.00 44.82 ? 186 ASP A CG    1 
ATOM   1493 O OD1   . ASP A 1 186 ? 3.104   -14.189 11.729  1.00 44.23 ? 186 ASP A OD1   1 
ATOM   1494 O OD2   . ASP A 1 186 ? 4.126   -15.558 10.372  1.00 45.06 ? 186 ASP A OD2   1 
ATOM   1495 O OXT   . ASP A 1 186 ? 1.290   -14.047 14.038  1.00 47.27 ? 186 ASP A OXT   1 
HETATM 1496 P PA    . NDP B 2 .   ? 10.662  3.679   -0.485  1.00 29.90 ? 187 NDP A PA    1 
HETATM 1497 O O1A   . NDP B 2 .   ? 9.481   4.196   -1.034  1.00 28.19 ? 187 NDP A O1A   1 
HETATM 1498 O O2A   . NDP B 2 .   ? 10.184  2.474   0.294   1.00 29.99 ? 187 NDP A O2A   1 
HETATM 1499 O O5B   . NDP B 2 .   ? 11.681  4.607   -0.048  1.00 32.31 ? 187 NDP A O5B   1 
HETATM 1500 C C5B   . NDP B 2 .   ? 13.077  4.266   0.465   1.00 34.24 ? 187 NDP A C5B   1 
HETATM 1501 C C4B   . NDP B 2 .   ? 13.420  5.173   1.692   1.00 35.56 ? 187 NDP A C4B   1 
HETATM 1502 O O4B   . NDP B 2 .   ? 12.350  5.175   2.444   1.00 35.94 ? 187 NDP A O4B   1 
HETATM 1503 C C3B   . NDP B 2 .   ? 14.536  4.606   2.602   1.00 36.07 ? 187 NDP A C3B   1 
HETATM 1504 O O3B   . NDP B 2 .   ? 15.762  5.052   1.788   1.00 36.80 ? 187 NDP A O3B   1 
HETATM 1505 C C2B   . NDP B 2 .   ? 14.264  5.547   3.801   1.00 36.02 ? 187 NDP A C2B   1 
HETATM 1506 O O2B   . NDP B 2 .   ? 14.577  6.848   3.793   1.00 35.30 ? 187 NDP A O2B   1 
HETATM 1507 C C1B   . NDP B 2 .   ? 12.701  5.205   3.914   1.00 36.56 ? 187 NDP A C1B   1 
HETATM 1508 N N9A   . NDP B 2 .   ? 12.349  3.937   4.369   1.00 38.52 ? 187 NDP A N9A   1 
HETATM 1509 C C8A   . NDP B 2 .   ? 11.946  2.956   3.494   1.00 38.78 ? 187 NDP A C8A   1 
HETATM 1510 N N7A   . NDP B 2 .   ? 11.673  1.818   4.197   1.00 39.53 ? 187 NDP A N7A   1 
HETATM 1511 C C5A   . NDP B 2 .   ? 11.915  2.224   5.541   1.00 39.48 ? 187 NDP A C5A   1 
HETATM 1512 C C6A   . NDP B 2 .   ? 11.820  1.524   6.898   1.00 40.39 ? 187 NDP A C6A   1 
HETATM 1513 N N6A   . NDP B 2 .   ? 11.376  0.209   6.831   1.00 41.22 ? 187 NDP A N6A   1 
HETATM 1514 N N1A   . NDP B 2 .   ? 12.151  2.223   8.011   1.00 40.43 ? 187 NDP A N1A   1 
HETATM 1515 C C2A   . NDP B 2 .   ? 12.544  3.482   7.840   1.00 39.88 ? 187 NDP A C2A   1 
HETATM 1516 N N3A   . NDP B 2 .   ? 12.673  4.188   6.727   1.00 39.55 ? 187 NDP A N3A   1 
HETATM 1517 C C4A   . NDP B 2 .   ? 12.338  3.475   5.602   1.00 39.41 ? 187 NDP A C4A   1 
HETATM 1518 O O3    . NDP B 2 .   ? 11.414  3.154   -1.866  1.00 32.28 ? 187 NDP A O3    1 
HETATM 1519 P PN    . NDP B 2 .   ? 11.243  2.130   -3.137  1.00 34.32 ? 187 NDP A PN    1 
HETATM 1520 O O1N   . NDP B 2 .   ? 12.578  2.287   -3.727  1.00 34.57 ? 187 NDP A O1N   1 
HETATM 1521 O O2N   . NDP B 2 .   ? 11.116  0.740   -2.763  1.00 32.89 ? 187 NDP A O2N   1 
HETATM 1522 O O5D   . NDP B 2 .   ? 10.315  2.658   -4.248  1.00 34.10 ? 187 NDP A O5D   1 
HETATM 1523 C C5D   . NDP B 2 .   ? 9.480   3.695   -4.844  1.00 34.39 ? 187 NDP A C5D   1 
HETATM 1524 C C4D   . NDP B 2 .   ? 9.427   3.081   -6.290  1.00 34.69 ? 187 NDP A C4D   1 
HETATM 1525 O O4D   . NDP B 2 .   ? 8.314   2.064   -6.396  1.00 34.60 ? 187 NDP A O4D   1 
HETATM 1526 C C3D   . NDP B 2 .   ? 8.988   4.230   -7.319  1.00 34.39 ? 187 NDP A C3D   1 
HETATM 1527 O O3D   . NDP B 2 .   ? 9.401   3.430   -8.434  1.00 34.29 ? 187 NDP A O3D   1 
HETATM 1528 C C2D   . NDP B 2 .   ? 7.474   4.233   -7.053  1.00 34.51 ? 187 NDP A C2D   1 
HETATM 1529 O O2D   . NDP B 2 .   ? 6.882   4.778   -8.196  1.00 35.40 ? 187 NDP A O2D   1 
HETATM 1530 C C1D   . NDP B 2 .   ? 7.160   2.757   -7.104  1.00 34.64 ? 187 NDP A C1D   1 
HETATM 1531 N N1N   . NDP B 2 .   ? 5.966   2.237   -6.290  1.00 33.70 ? 187 NDP A N1N   1 
HETATM 1532 C C2N   . NDP B 2 .   ? 5.043   1.300   -6.929  1.00 32.89 ? 187 NDP A C2N   1 
HETATM 1533 C C3N   . NDP B 2 .   ? 3.995   0.852   -6.074  1.00 31.19 ? 187 NDP A C3N   1 
HETATM 1534 C C7N   . NDP B 2 .   ? 3.043   -0.161  -6.746  1.00 29.15 ? 187 NDP A C7N   1 
HETATM 1535 O O7N   . NDP B 2 .   ? 2.188   -0.687  -6.361  1.00 26.81 ? 187 NDP A O7N   1 
HETATM 1536 N N7N   . NDP B 2 .   ? 3.318   -0.565  -8.214  1.00 25.54 ? 187 NDP A N7N   1 
HETATM 1537 C C4N   . NDP B 2 .   ? 3.793   1.232   -4.620  1.00 31.54 ? 187 NDP A C4N   1 
HETATM 1538 C C5N   . NDP B 2 .   ? 4.865   2.181   -4.158  1.00 32.83 ? 187 NDP A C5N   1 
HETATM 1539 C C6N   . NDP B 2 .   ? 5.874   2.650   -4.942  1.00 33.03 ? 187 NDP A C6N   1 
HETATM 1540 P P2B   . NDP B 2 .   ? 16.031  7.278   4.494   1.00 34.66 ? 187 NDP A P2B   1 
HETATM 1541 O O1X   . NDP B 2 .   ? 17.086  7.022   3.568   1.00 35.08 ? 187 NDP A O1X   1 
HETATM 1542 O O2X   . NDP B 2 .   ? 15.461  8.517   4.110   1.00 33.20 ? 187 NDP A O2X   1 
HETATM 1543 O O3X   . NDP B 2 .   ? 16.067  6.921   5.785   1.00 34.26 ? 187 NDP A O3X   1 
HETATM 1544 C C4A   . PRD C 3 .   ? -0.285  1.928   -5.656  1.00 25.44 ? 400 PRD A C4A   1 
HETATM 1545 C C8A   . PRD C 3 .   ? -1.057  1.823   -6.836  1.00 25.64 ? 400 PRD A C8A   1 
HETATM 1546 N "N1'" . PRD C 3 .   ? -1.832  0.597   -7.021  1.00 23.56 ? 400 PRD A "N1'" 1 
HETATM 1547 N "N8'" . PRD C 3 .   ? -1.100  2.818   -7.802  1.00 27.41 ? 400 PRD A "N8'" 1 
HETATM 1548 C C7B   . PRD C 3 .   ? -0.342  3.937   -7.570  1.00 29.57 ? 400 PRD A C7B   1 
HETATM 1549 C C6B   . PRD C 3 .   ? 0.452   4.088   -6.379  1.00 31.49 ? 400 PRD A C6B   1 
HETATM 1550 N "N6'" . PRD C 3 .   ? 1.315   5.179   -5.930  1.00 36.11 ? 400 PRD A "N6'" 1 
HETATM 1551 C C61   . PRD C 3 .   ? 1.383   5.370   -4.472  1.00 33.87 ? 400 PRD A C61   1 
HETATM 1552 C C5B   . PRD C 3 .   ? 0.438   3.061   -5.429  1.00 27.96 ? 400 PRD A C5B   1 
HETATM 1553 C C4B   . PRD C 3 .   ? -0.314  0.878   -4.760  1.00 23.44 ? 400 PRD A C4B   1 
HETATM 1554 N "N4'" . PRD C 3 .   ? 0.341   0.827   -3.573  1.00 22.44 ? 400 PRD A "N4'" 1 
HETATM 1555 N "N3'" . PRD C 3 .   ? -1.109  -0.184  -5.051  1.00 22.70 ? 400 PRD A "N3'" 1 
HETATM 1556 C C2B   . PRD C 3 .   ? -1.877  -0.381  -6.151  1.00 22.53 ? 400 PRD A C2B   1 
HETATM 1557 N "N2'" . PRD C 3 .   ? -2.621  -1.502  -6.413  1.00 22.83 ? 400 PRD A "N2'" 1 
HETATM 1558 C "C7'" . PRD C 3 .   ? 1.646   6.260   -6.646  1.00 37.57 ? 400 PRD A "C7'" 1 
HETATM 1559 C "C1'" . PRD C 3 .   ? 0.621   7.155   -7.387  1.00 39.17 ? 400 PRD A "C1'" 1 
HETATM 1560 C "C2'" . PRD C 3 .   ? 0.935   7.441   -8.678  1.00 40.58 ? 400 PRD A "C2'" 1 
HETATM 1561 C "C3'" . PRD C 3 .   ? 0.129   8.241   -9.514  1.00 40.72 ? 400 PRD A "C3'" 1 
HETATM 1562 C "C4'" . PRD C 3 .   ? -1.044  8.769   -8.943  1.00 40.86 ? 400 PRD A "C4'" 1 
HETATM 1563 C "C5'" . PRD C 3 .   ? -1.354  8.466   -7.595  1.00 40.44 ? 400 PRD A "C5'" 1 
HETATM 1564 C "C6'" . PRD C 3 .   ? -0.574  7.703   -6.799  1.00 39.89 ? 400 PRD A "C6'" 1 
HETATM 1565 O "O2'" . PRD C 3 .   ? 2.123   6.886   -9.250  1.00 41.21 ? 400 PRD A "O2'" 1 
HETATM 1566 C C21   . PRD C 3 .   ? 2.848   8.055   -9.838  1.00 41.74 ? 400 PRD A C21   1 
HETATM 1567 O "O5'" . PRD C 3 .   ? -2.553  9.144   -7.274  1.00 41.72 ? 400 PRD A "O5'" 1 
HETATM 1568 C C51   . PRD C 3 .   ? -2.654  9.273   -5.822  1.00 41.18 ? 400 PRD A C51   1 
HETATM 1569 O O     . HOH D 4 .   ? -11.944 -4.730  -7.636  1.00 31.05 ? 188 HOH A O     1 
HETATM 1570 O O     . HOH D 4 .   ? -6.216  -6.293  -4.831  1.00 25.96 ? 189 HOH A O     1 
HETATM 1571 O O     . HOH D 4 .   ? -10.054 -11.353 -6.214  1.00 27.94 ? 190 HOH A O     1 
HETATM 1572 O O     . HOH D 4 .   ? -9.535  -10.113 -10.687 1.00 28.72 ? 191 HOH A O     1 
HETATM 1573 O O     . HOH D 4 .   ? -9.754  7.305   5.158   1.00 28.01 ? 192 HOH A O     1 
HETATM 1574 O O     . HOH D 4 .   ? 6.296   -13.416 2.119   1.00 32.12 ? 193 HOH A O     1 
HETATM 1575 O O     . HOH D 4 .   ? 12.270  3.283   -8.697  1.00 27.95 ? 194 HOH A O     1 
HETATM 1576 O O     . HOH D 4 .   ? -1.375  -1.769  14.461  1.00 57.17 ? 195 HOH A O     1 
HETATM 1577 O O     . HOH D 4 .   ? 5.722   13.820  12.654  1.00 28.26 ? 196 HOH A O     1 
HETATM 1578 O O     . HOH D 4 .   ? -12.716 -11.215 -5.420  1.00 28.57 ? 197 HOH A O     1 
HETATM 1579 O O     . HOH D 4 .   ? 8.860   -0.266  -18.136 1.00 28.48 ? 198 HOH A O     1 
HETATM 1580 O O     . HOH D 4 .   ? 11.708  17.336  5.479   1.00 33.93 ? 199 HOH A O     1 
HETATM 1581 O O     . HOH D 4 .   ? 8.464   17.327  14.085  1.00 33.81 ? 200 HOH A O     1 
HETATM 1582 O O     . HOH D 4 .   ? -4.013  -4.215  -5.276  1.00 18.56 ? 201 HOH A O     1 
HETATM 1583 O O     . HOH D 4 .   ? -8.405  -13.086 -3.890  1.00 23.71 ? 202 HOH A O     1 
HETATM 1584 O O     . HOH D 4 .   ? -5.356  -15.672 -9.350  1.00 28.54 ? 203 HOH A O     1 
HETATM 1585 O O     . HOH D 4 .   ? 13.768  10.862  10.942  1.00 35.83 ? 204 HOH A O     1 
HETATM 1586 O O     . HOH D 4 .   ? 7.365   -18.288 -3.402  1.00 38.79 ? 205 HOH A O     1 
HETATM 1587 O O     . HOH D 4 .   ? 6.178   -14.320 -4.902  1.00 36.73 ? 206 HOH A O     1 
HETATM 1588 O O     . HOH D 4 .   ? -5.114  -25.194 2.748   1.00 44.78 ? 207 HOH A O     1 
HETATM 1589 O O     . HOH D 4 .   ? -8.121  -16.823 5.358   1.00 36.11 ? 208 HOH A O     1 
HETATM 1590 O O     . HOH D 4 .   ? -11.927 -14.191 3.894   1.00 29.99 ? 209 HOH A O     1 
HETATM 1591 O O     . HOH D 4 .   ? -13.230 -14.517 1.484   1.00 32.64 ? 210 HOH A O     1 
HETATM 1592 O O     . HOH D 4 .   ? -10.233 -12.504 5.253   1.00 30.95 ? 211 HOH A O     1 
HETATM 1593 O O     . HOH D 4 .   ? -1.170  -20.905 0.090   1.00 33.46 ? 212 HOH A O     1 
HETATM 1594 O O     . HOH D 4 .   ? -1.468  -19.149 -4.312  1.00 35.31 ? 213 HOH A O     1 
HETATM 1595 O O     . HOH D 4 .   ? -8.068  -19.575 -3.139  1.00 24.39 ? 214 HOH A O     1 
HETATM 1596 O O     . HOH D 4 .   ? -10.337 7.637   -8.378  1.00 52.62 ? 215 HOH A O     1 
HETATM 1597 O O     . HOH D 4 .   ? -6.483  3.666   -18.250 1.00 41.46 ? 216 HOH A O     1 
HETATM 1598 O O     . HOH D 4 .   ? 14.155  17.051  7.138   1.00 36.03 ? 217 HOH A O     1 
HETATM 1599 O O     . HOH D 4 .   ? 16.931  2.790   -13.196 1.00 25.35 ? 218 HOH A O     1 
HETATM 1600 O O     . HOH D 4 .   ? -11.381 -8.517  6.356   1.00 31.10 ? 219 HOH A O     1 
HETATM 1601 O O     . HOH D 4 .   ? -8.953  -5.259  6.033   1.00 30.67 ? 220 HOH A O     1 
HETATM 1602 O O     . HOH D 4 .   ? 3.140   -10.965 -10.674 1.00 27.43 ? 221 HOH A O     1 
HETATM 1603 O O     . HOH D 4 .   ? -11.598 -13.039 -16.420 1.00 32.29 ? 222 HOH A O     1 
HETATM 1604 O O     . HOH D 4 .   ? -1.439  -7.604  -21.269 1.00 36.59 ? 223 HOH A O     1 
HETATM 1605 O O     . HOH D 4 .   ? 5.876   -4.697  -21.570 1.00 39.49 ? 224 HOH A O     1 
HETATM 1606 O O     . HOH D 4 .   ? 8.773   -3.303  -20.707 1.00 34.79 ? 225 HOH A O     1 
HETATM 1607 O O     . HOH D 4 .   ? 8.420   18.569  -4.267  1.00 43.16 ? 226 HOH A O     1 
HETATM 1608 O O     . HOH D 4 .   ? 6.901   17.014  -0.252  1.00 26.17 ? 227 HOH A O     1 
HETATM 1609 O O     . HOH D 4 .   ? 1.189   19.244  -2.320  1.00 39.72 ? 228 HOH A O     1 
HETATM 1610 O O     . HOH D 4 .   ? 3.938   17.748  -1.506  1.00 32.13 ? 229 HOH A O     1 
HETATM 1611 O O     . HOH D 4 .   ? -5.525  12.670  -3.218  1.00 33.54 ? 230 HOH A O     1 
HETATM 1612 O O     . HOH D 4 .   ? -5.151  16.991  2.450   1.00 37.73 ? 231 HOH A O     1 
HETATM 1613 O O     . HOH D 4 .   ? -5.849  7.567   -9.575  1.00 52.16 ? 232 HOH A O     1 
HETATM 1614 O O     . HOH D 4 .   ? -12.562 -3.876  2.402   1.00 37.82 ? 233 HOH A O     1 
HETATM 1615 O O     . HOH D 4 .   ? -13.594 -1.075  2.584   1.00 36.80 ? 234 HOH A O     1 
HETATM 1616 O O     . HOH D 4 .   ? -8.323  -22.861 2.827   1.00 53.98 ? 235 HOH A O     1 
HETATM 1617 O O     . HOH D 4 .   ? -7.428  -19.128 3.245   1.00 58.40 ? 236 HOH A O     1 
HETATM 1618 O O     . HOH D 4 .   ? -7.586  -25.165 2.368   1.00 51.31 ? 237 HOH A O     1 
HETATM 1619 O O     . HOH D 4 .   ? -8.227  -21.421 5.791   1.00 43.74 ? 238 HOH A O     1 
HETATM 1620 O O     . HOH D 4 .   ? -1.330  -20.421 7.162   1.00 62.88 ? 239 HOH A O     1 
HETATM 1621 O O     . HOH D 4 .   ? -3.403  -18.484 7.169   1.00 62.10 ? 240 HOH A O     1 
HETATM 1622 O O     . HOH D 4 .   ? -5.096  -7.334  9.486   1.00 38.54 ? 241 HOH A O     1 
HETATM 1623 O O     . HOH D 4 .   ? -12.181 -5.501  4.592   1.00 36.96 ? 242 HOH A O     1 
HETATM 1624 O O     . HOH D 4 .   ? 8.983   10.492  -8.994  1.00 39.57 ? 243 HOH A O     1 
HETATM 1625 O O     . HOH D 4 .   ? -4.579  -7.539  -23.688 1.00 38.31 ? 244 HOH A O     1 
HETATM 1626 O O     . HOH D 4 .   ? -9.692  -9.861  -24.885 1.00 56.12 ? 245 HOH A O     1 
HETATM 1627 O O     . HOH D 4 .   ? -3.393  5.634   -9.729  1.00 46.60 ? 246 HOH A O     1 
HETATM 1628 O O     . HOH D 4 .   ? 11.338  -13.037 -15.651 1.00 56.19 ? 247 HOH A O     1 
HETATM 1629 O O     . HOH D 4 .   ? 12.441  0.770   15.695  1.00 39.98 ? 248 HOH A O     1 
HETATM 1630 O O     . HOH D 4 .   ? 6.597   5.942   17.559  1.00 45.39 ? 249 HOH A O     1 
HETATM 1631 O O     . HOH D 4 .   ? 5.420   10.769  20.383  1.00 43.17 ? 250 HOH A O     1 
HETATM 1632 O O     . HOH D 4 .   ? 8.344   -4.220  11.916  1.00 47.85 ? 251 HOH A O     1 
HETATM 1633 O O     . HOH D 4 .   ? 9.907   7.748   14.794  1.00 37.09 ? 252 HOH A O     1 
HETATM 1634 O O     . HOH D 4 .   ? -4.333  4.821   24.319  1.00 46.60 ? 253 HOH A O     1 
HETATM 1635 O O     . HOH D 4 .   ? -4.541  14.512  4.021   1.00 36.31 ? 254 HOH A O     1 
HETATM 1636 O O     . HOH D 4 .   ? -6.646  13.864  5.835   1.00 41.34 ? 255 HOH A O     1 
HETATM 1637 O O     . HOH D 4 .   ? -11.789 5.789   -5.950  1.00 33.57 ? 256 HOH A O     1 
HETATM 1638 O O     . HOH D 4 .   ? -11.783 -1.319  -11.639 1.00 45.21 ? 257 HOH A O     1 
HETATM 1639 O O     . HOH D 4 .   ? 6.826   -4.297  -24.252 1.00 41.65 ? 258 HOH A O     1 
HETATM 1640 O O     . HOH D 4 .   ? 13.137  -9.609  -12.835 1.00 62.66 ? 259 HOH A O     1 
HETATM 1641 O O     . HOH D 4 .   ? 5.761   -20.051 -1.726  1.00 36.05 ? 260 HOH A O     1 
HETATM 1642 O O     . HOH D 4 .   ? 7.504   -20.628 0.230   1.00 39.01 ? 261 HOH A O     1 
HETATM 1643 O O     . HOH D 4 .   ? 9.133   -11.764 1.946   1.00 52.62 ? 262 HOH A O     1 
HETATM 1644 O O     . HOH D 4 .   ? 11.345  -10.534 2.368   1.00 51.86 ? 263 HOH A O     1 
HETATM 1645 O O     . HOH D 4 .   ? 4.485   -16.432 -4.434  1.00 36.56 ? 264 HOH A O     1 
HETATM 1646 O O     . HOH D 4 .   ? -3.001  -19.897 -1.508  1.00 31.63 ? 265 HOH A O     1 
HETATM 1647 O O     . HOH D 4 .   ? -0.418  -22.981 2.514   1.00 38.83 ? 266 HOH A O     1 
HETATM 1648 O O     . HOH D 4 .   ? -9.936  -10.782 8.534   1.00 30.24 ? 267 HOH A O     1 
HETATM 1649 O O     . HOH D 4 .   ? 10.405  8.810   -6.399  1.00 34.79 ? 268 HOH A O     1 
HETATM 1650 O O     . HOH D 4 .   ? -21.681 2.963   9.151   1.00 51.58 ? 269 HOH A O     1 
HETATM 1651 O O     . HOH D 4 .   ? -18.897 0.700   -3.694  1.00 50.83 ? 270 HOH A O     1 
HETATM 1652 O O     . HOH D 4 .   ? -11.215 -0.113  2.433   1.00 32.28 ? 271 HOH A O     1 
HETATM 1653 O O     . HOH D 4 .   ? -13.154 -1.794  -7.999  1.00 43.50 ? 272 HOH A O     1 
HETATM 1654 O O     . HOH D 4 .   ? 14.258  -0.458  -3.366  1.00 39.08 ? 273 HOH A O     1 
HETATM 1655 O O     . HOH D 4 .   ? 14.003  -3.689  -4.756  1.00 44.40 ? 274 HOH A O     1 
HETATM 1656 O O     . HOH D 4 .   ? 16.944  2.727   -4.842  1.00 41.88 ? 275 HOH A O     1 
HETATM 1657 O O     . HOH D 4 .   ? 15.008  6.095   -2.688  1.00 69.12 ? 276 HOH A O     1 
HETATM 1658 O O     . HOH D 4 .   ? 13.048  -9.345  -2.434  1.00 60.58 ? 277 HOH A O     1 
HETATM 1659 O O     . HOH D 4 .   ? -7.160  10.033  -6.622  1.00 39.10 ? 278 HOH A O     1 
HETATM 1660 O O     . HOH D 4 .   ? -11.049 12.259  0.819   1.00 65.88 ? 279 HOH A O     1 
HETATM 1661 O O     . HOH D 4 .   ? -9.891  10.148  -2.019  1.00 46.86 ? 280 HOH A O     1 
HETATM 1662 O O     . HOH D 4 .   ? -10.117 17.107  0.070   1.00 40.76 ? 281 HOH A O     1 
HETATM 1663 O O     . HOH D 4 .   ? 13.411  5.263   16.362  1.00 48.92 ? 282 HOH A O     1 
HETATM 1664 O O     . HOH D 4 .   ? 0.947   4.148   23.796  1.00 53.27 ? 283 HOH A O     1 
HETATM 1665 O O     . HOH D 4 .   ? 9.962   4.487   19.946  1.00 44.52 ? 284 HOH A O     1 
HETATM 1666 O O     . HOH D 4 .   ? -0.388  -16.933 -5.876  1.00 30.86 ? 285 HOH A O     1 
HETATM 1667 O O     . HOH D 4 .   ? -2.716  11.089  -10.645 1.00 40.93 ? 286 HOH A O     1 
HETATM 1668 O O     . HOH D 4 .   ? -3.394  10.475  -15.946 1.00 64.41 ? 287 HOH A O     1 
HETATM 1669 O O     . HOH D 4 .   ? 13.796  -11.451 6.010   1.00 46.03 ? 288 HOH A O     1 
HETATM 1670 O O     . HOH D 4 .   ? 12.948  -6.007  6.451   1.00 41.36 ? 289 HOH A O     1 
HETATM 1671 O O     . HOH D 4 .   ? 11.196  -8.256  9.772   1.00 53.83 ? 290 HOH A O     1 
HETATM 1672 O O     . HOH D 4 .   ? 10.716  -1.353  13.478  1.00 45.23 ? 291 HOH A O     1 
HETATM 1673 O O     . HOH D 4 .   ? 13.279  -2.473  5.864   1.00 66.26 ? 292 HOH A O     1 
HETATM 1674 O O     . HOH D 4 .   ? 11.406  -7.005  -27.617 1.00 57.69 ? 293 HOH A O     1 
HETATM 1675 O O     . HOH D 4 .   ? 13.395  -5.336  -18.575 1.00 59.78 ? 294 HOH A O     1 
HETATM 1676 O O     . HOH D 4 .   ? 12.131  -10.761 -9.034  1.00 62.80 ? 295 HOH A O     1 
HETATM 1677 O O     . HOH D 4 .   ? 13.214  -6.431  -15.187 1.00 37.09 ? 296 HOH A O     1 
HETATM 1678 O O     . HOH D 4 .   ? 4.446   -13.669 -6.530  1.00 36.08 ? 297 HOH A O     1 
HETATM 1679 O O     . HOH D 4 .   ? 8.585   -13.817 -11.409 1.00 65.91 ? 298 HOH A O     1 
HETATM 1680 O O     . HOH D 4 .   ? -9.997  -2.264  -13.231 1.00 40.13 ? 299 HOH A O     1 
HETATM 1681 O O     . HOH D 4 .   ? -2.850  4.305   -12.472 1.00 40.68 ? 300 HOH A O     1 
HETATM 1682 O O     . HOH D 4 .   ? -15.015 3.470   -16.433 1.00 54.62 ? 301 HOH A O     1 
HETATM 1683 O O     . HOH D 4 .   ? -12.683 8.027   5.400   1.00 52.58 ? 302 HOH A O     1 
HETATM 1684 O O     . HOH D 4 .   ? 11.462  16.888  2.805   1.00 36.41 ? 303 HOH A O     1 
HETATM 1685 O O     . HOH D 4 .   ? -9.826  8.656   -12.547 1.00 50.11 ? 304 HOH A O     1 
HETATM 1686 O O     . HOH D 4 .   ? 1.707   -10.469 -12.827 1.00 34.93 ? 305 HOH A O     1 
HETATM 1687 O O     . HOH D 4 .   ? -15.956 -4.328  -7.217  1.00 55.64 ? 306 HOH A O     1 
HETATM 1688 O O     . HOH D 4 .   ? 10.113  -16.991 -10.639 1.00 37.35 ? 307 HOH A O     1 
HETATM 1689 O O     . HOH D 4 .   ? -7.102  7.689   -11.838 1.00 53.05 ? 308 HOH A O     1 
HETATM 1690 O O     . HOH D 4 .   ? 5.515   -15.995 -16.121 1.00 42.73 ? 309 HOH A O     1 
HETATM 1691 O O     . HOH D 4 .   ? 7.501   7.926   15.236  1.00 37.65 ? 310 HOH A O     1 
HETATM 1692 O O     . HOH D 4 .   ? 9.538   -5.146  -26.835 1.00 58.96 ? 311 HOH A O     1 
HETATM 1693 O O     . HOH D 4 .   ? -16.393 -1.865  6.069   1.00 54.76 ? 312 HOH A O     1 
# 
